data_2Q9K
# 
_entry.id   2Q9K 
# 
_audit_conform.dict_name       mmcif_pdbx.dic 
_audit_conform.dict_version    5.398 
_audit_conform.dict_location   http://mmcif.pdb.org/dictionaries/ascii/mmcif_pdbx.dic 
# 
loop_
_database_2.database_id 
_database_2.database_code 
_database_2.pdbx_database_accession 
_database_2.pdbx_DOI 
PDB   2Q9K         pdb_00002q9k 10.2210/pdb2q9k/pdb 
RCSB  RCSB043320   ?            ?                   
WWPDB D_1000043320 ?            ?                   
# 
loop_
_pdbx_audit_revision_history.ordinal 
_pdbx_audit_revision_history.data_content_type 
_pdbx_audit_revision_history.major_revision 
_pdbx_audit_revision_history.minor_revision 
_pdbx_audit_revision_history.revision_date 
1 'Structure model' 1 0 2007-06-19 
2 'Structure model' 1 1 2008-05-01 
3 'Structure model' 1 2 2011-07-13 
4 'Structure model' 1 3 2017-10-18 
5 'Structure model' 1 4 2019-07-24 
6 'Structure model' 1 5 2023-01-25 
7 'Structure model' 1 6 2024-10-30 
# 
_pdbx_audit_revision_details.ordinal             1 
_pdbx_audit_revision_details.revision_ordinal    1 
_pdbx_audit_revision_details.data_content_type   'Structure model' 
_pdbx_audit_revision_details.provider            repository 
_pdbx_audit_revision_details.type                'Initial release' 
_pdbx_audit_revision_details.description         ? 
_pdbx_audit_revision_details.details             ? 
# 
loop_
_pdbx_audit_revision_group.ordinal 
_pdbx_audit_revision_group.revision_ordinal 
_pdbx_audit_revision_group.data_content_type 
_pdbx_audit_revision_group.group 
1  2 'Structure model' 'Version format compliance' 
2  3 'Structure model' Advisory                    
3  3 'Structure model' 'Derived calculations'      
4  3 'Structure model' 'Source and taxonomy'       
5  3 'Structure model' 'Version format compliance' 
6  4 'Structure model' 'Refinement description'    
7  5 'Structure model' 'Data collection'           
8  5 'Structure model' 'Derived calculations'      
9  5 'Structure model' 'Refinement description'    
10 6 'Structure model' 'Database references'       
11 6 'Structure model' 'Derived calculations'      
12 7 'Structure model' 'Data collection'           
13 7 'Structure model' 'Structure summary'         
# 
loop_
_pdbx_audit_revision_category.ordinal 
_pdbx_audit_revision_category.revision_ordinal 
_pdbx_audit_revision_category.data_content_type 
_pdbx_audit_revision_category.category 
1  4 'Structure model' software                  
2  5 'Structure model' software                  
3  5 'Structure model' struct_conn               
4  6 'Structure model' database_2                
5  6 'Structure model' struct_ref_seq_dif        
6  6 'Structure model' struct_site               
7  7 'Structure model' chem_comp_atom            
8  7 'Structure model' chem_comp_bond            
9  7 'Structure model' pdbx_entry_details        
10 7 'Structure model' pdbx_modification_feature 
# 
loop_
_pdbx_audit_revision_item.ordinal 
_pdbx_audit_revision_item.revision_ordinal 
_pdbx_audit_revision_item.data_content_type 
_pdbx_audit_revision_item.item 
1  4 'Structure model' '_software.classification'            
2  4 'Structure model' '_software.name'                      
3  5 'Structure model' '_software.classification'            
4  5 'Structure model' '_software.contact_author'            
5  5 'Structure model' '_software.contact_author_email'      
6  5 'Structure model' '_software.language'                  
7  5 'Structure model' '_software.location'                  
8  5 'Structure model' '_software.name'                      
9  5 'Structure model' '_software.type'                      
10 5 'Structure model' '_software.version'                   
11 5 'Structure model' '_struct_conn.pdbx_leaving_atom_flag' 
12 6 'Structure model' '_database_2.pdbx_DOI'                
13 6 'Structure model' '_database_2.pdbx_database_accession' 
14 6 'Structure model' '_struct_ref_seq_dif.details'         
15 6 'Structure model' '_struct_site.pdbx_auth_asym_id'      
16 6 'Structure model' '_struct_site.pdbx_auth_comp_id'      
17 6 'Structure model' '_struct_site.pdbx_auth_seq_id'       
# 
_pdbx_database_status.SG_entry                        Y 
_pdbx_database_status.entry_id                        2Q9K 
_pdbx_database_status.deposit_site                    RCSB 
_pdbx_database_status.process_site                    RCSB 
_pdbx_database_status.recvd_initial_deposition_date   2007-06-12 
_pdbx_database_status.status_code                     REL 
_pdbx_database_status.status_code_sf                  REL 
_pdbx_database_status.status_code_mr                  ? 
_pdbx_database_status.status_code_cs                  ? 
_pdbx_database_status.pdb_format_compatible           Y 
_pdbx_database_status.methods_development_category    ? 
_pdbx_database_status.status_code_nmr_data            ? 
# 
_pdbx_database_related.db_name        TargetDB 
_pdbx_database_related.db_id          375036 
_pdbx_database_related.details        . 
_pdbx_database_related.content_type   unspecified 
# 
_audit_author.name           'Joint Center for Structural Genomics (JCSG)' 
_audit_author.pdbx_ordinal   1 
# 
_citation.id                        primary 
_citation.title                     
'Crystal structure of conserved uncharacterized protein (ZP_00539648.1) from Exiguobacterium sp. 255-15 at 1.59 A resolution' 
_citation.journal_abbrev            'To be published' 
_citation.journal_volume            ? 
_citation.page_first                ? 
_citation.page_last                 ? 
_citation.year                      ? 
_citation.journal_id_ASTM           ? 
_citation.country                   ? 
_citation.journal_id_ISSN           ? 
_citation.journal_id_CSD            0353 
_citation.book_publisher            ? 
_citation.pdbx_database_id_PubMed   ? 
_citation.pdbx_database_id_DOI      ? 
# 
_citation_author.citation_id        primary 
_citation_author.name               'Joint Center for Structural Genomics (JCSG)' 
_citation_author.ordinal            1 
_citation_author.identifier_ORCID   ? 
# 
loop_
_entity.id 
_entity.type 
_entity.src_method 
_entity.pdbx_description 
_entity.formula_weight 
_entity.pdbx_number_of_molecules 
_entity.pdbx_ec 
_entity.pdbx_mutation 
_entity.pdbx_fragment 
_entity.details 
1 polymer     man 'Uncharacterized protein' 17282.236 1   ? ? ? ? 
2 non-polymer syn 'UNKNOWN LIGAND'          ?         1   ? ? ? ? 
3 water       nat water                     18.015    107 ? ? ? ? 
# 
_entity_poly.entity_id                      1 
_entity_poly.type                           'polypeptide(L)' 
_entity_poly.nstd_linkage                   no 
_entity_poly.nstd_monomer                   yes 
_entity_poly.pdbx_seq_one_letter_code       
;G(MSE)ANKVEHRLSEQQ(MSE)KALTDLPLVFLITHDQSKSWPITHAISWVYAKDETTIRFAIEADSLLVKTLADHPVF
TLIFFADQSTYSLTCTDVAAWETTARLPLKVALYEGQIKEVRDILFYGAAVSDRPRVYKTYDEAAA(MSE)QLDQQIQDI
LKG
;
_entity_poly.pdbx_seq_one_letter_code_can   
;GMANKVEHRLSEQQMKALTDLPLVFLITHDQSKSWPITHAISWVYAKDETTIRFAIEADSLLVKTLADHPVFTLIFFADQ
STYSLTCTDVAAWETTARLPLKVALYEGQIKEVRDILFYGAAVSDRPRVYKTYDEAAAMQLDQQIQDILKG
;
_entity_poly.pdbx_strand_id                 A 
_entity_poly.pdbx_target_identifier         375036 
# 
loop_
_pdbx_entity_nonpoly.entity_id 
_pdbx_entity_nonpoly.name 
_pdbx_entity_nonpoly.comp_id 
2 'UNKNOWN LIGAND' UNL 
3 water            HOH 
# 
loop_
_entity_poly_seq.entity_id 
_entity_poly_seq.num 
_entity_poly_seq.mon_id 
_entity_poly_seq.hetero 
1 1   GLY n 
1 2   MSE n 
1 3   ALA n 
1 4   ASN n 
1 5   LYS n 
1 6   VAL n 
1 7   GLU n 
1 8   HIS n 
1 9   ARG n 
1 10  LEU n 
1 11  SER n 
1 12  GLU n 
1 13  GLN n 
1 14  GLN n 
1 15  MSE n 
1 16  LYS n 
1 17  ALA n 
1 18  LEU n 
1 19  THR n 
1 20  ASP n 
1 21  LEU n 
1 22  PRO n 
1 23  LEU n 
1 24  VAL n 
1 25  PHE n 
1 26  LEU n 
1 27  ILE n 
1 28  THR n 
1 29  HIS n 
1 30  ASP n 
1 31  GLN n 
1 32  SER n 
1 33  LYS n 
1 34  SER n 
1 35  TRP n 
1 36  PRO n 
1 37  ILE n 
1 38  THR n 
1 39  HIS n 
1 40  ALA n 
1 41  ILE n 
1 42  SER n 
1 43  TRP n 
1 44  VAL n 
1 45  TYR n 
1 46  ALA n 
1 47  LYS n 
1 48  ASP n 
1 49  GLU n 
1 50  THR n 
1 51  THR n 
1 52  ILE n 
1 53  ARG n 
1 54  PHE n 
1 55  ALA n 
1 56  ILE n 
1 57  GLU n 
1 58  ALA n 
1 59  ASP n 
1 60  SER n 
1 61  LEU n 
1 62  LEU n 
1 63  VAL n 
1 64  LYS n 
1 65  THR n 
1 66  LEU n 
1 67  ALA n 
1 68  ASP n 
1 69  HIS n 
1 70  PRO n 
1 71  VAL n 
1 72  PHE n 
1 73  THR n 
1 74  LEU n 
1 75  ILE n 
1 76  PHE n 
1 77  PHE n 
1 78  ALA n 
1 79  ASP n 
1 80  GLN n 
1 81  SER n 
1 82  THR n 
1 83  TYR n 
1 84  SER n 
1 85  LEU n 
1 86  THR n 
1 87  CYS n 
1 88  THR n 
1 89  ASP n 
1 90  VAL n 
1 91  ALA n 
1 92  ALA n 
1 93  TRP n 
1 94  GLU n 
1 95  THR n 
1 96  THR n 
1 97  ALA n 
1 98  ARG n 
1 99  LEU n 
1 100 PRO n 
1 101 LEU n 
1 102 LYS n 
1 103 VAL n 
1 104 ALA n 
1 105 LEU n 
1 106 TYR n 
1 107 GLU n 
1 108 GLY n 
1 109 GLN n 
1 110 ILE n 
1 111 LYS n 
1 112 GLU n 
1 113 VAL n 
1 114 ARG n 
1 115 ASP n 
1 116 ILE n 
1 117 LEU n 
1 118 PHE n 
1 119 TYR n 
1 120 GLY n 
1 121 ALA n 
1 122 ALA n 
1 123 VAL n 
1 124 SER n 
1 125 ASP n 
1 126 ARG n 
1 127 PRO n 
1 128 ARG n 
1 129 VAL n 
1 130 TYR n 
1 131 LYS n 
1 132 THR n 
1 133 TYR n 
1 134 ASP n 
1 135 GLU n 
1 136 ALA n 
1 137 ALA n 
1 138 ALA n 
1 139 MSE n 
1 140 GLN n 
1 141 LEU n 
1 142 ASP n 
1 143 GLN n 
1 144 GLN n 
1 145 ILE n 
1 146 GLN n 
1 147 ASP n 
1 148 ILE n 
1 149 LEU n 
1 150 LYS n 
1 151 GLY n 
# 
_entity_src_gen.entity_id                          1 
_entity_src_gen.pdbx_src_id                        1 
_entity_src_gen.pdbx_alt_source_flag               sample 
_entity_src_gen.pdbx_seq_type                      ? 
_entity_src_gen.pdbx_beg_seq_num                   ? 
_entity_src_gen.pdbx_end_seq_num                   ? 
_entity_src_gen.gene_src_common_name               ? 
_entity_src_gen.gene_src_genus                     Exiguobacterium 
_entity_src_gen.pdbx_gene_src_gene                 'ZP_00539648.1, ExigDRAFT_1246' 
_entity_src_gen.gene_src_species                   'Exiguobacterium sibiricum' 
_entity_src_gen.gene_src_strain                    255-15 
_entity_src_gen.gene_src_tissue                    ? 
_entity_src_gen.gene_src_tissue_fraction           ? 
_entity_src_gen.gene_src_details                   ? 
_entity_src_gen.pdbx_gene_src_fragment             ? 
_entity_src_gen.pdbx_gene_src_scientific_name      'Exiguobacterium sibiricum' 
_entity_src_gen.pdbx_gene_src_ncbi_taxonomy_id     262543 
_entity_src_gen.pdbx_gene_src_variant              ? 
_entity_src_gen.pdbx_gene_src_cell_line            ? 
_entity_src_gen.pdbx_gene_src_atcc                 ? 
_entity_src_gen.pdbx_gene_src_organ                ? 
_entity_src_gen.pdbx_gene_src_organelle            ? 
_entity_src_gen.pdbx_gene_src_cell                 ? 
_entity_src_gen.pdbx_gene_src_cellular_location    ? 
_entity_src_gen.host_org_common_name               ? 
_entity_src_gen.pdbx_host_org_scientific_name      'Escherichia coli' 
_entity_src_gen.pdbx_host_org_ncbi_taxonomy_id     562 
_entity_src_gen.host_org_genus                     Escherichia 
_entity_src_gen.pdbx_host_org_gene                 ? 
_entity_src_gen.pdbx_host_org_organ                ? 
_entity_src_gen.host_org_species                   ? 
_entity_src_gen.pdbx_host_org_tissue               ? 
_entity_src_gen.pdbx_host_org_tissue_fraction      ? 
_entity_src_gen.pdbx_host_org_strain               HK100 
_entity_src_gen.pdbx_host_org_variant              ? 
_entity_src_gen.pdbx_host_org_cell_line            ? 
_entity_src_gen.pdbx_host_org_atcc                 ? 
_entity_src_gen.pdbx_host_org_culture_collection   ? 
_entity_src_gen.pdbx_host_org_cell                 ? 
_entity_src_gen.pdbx_host_org_organelle            ? 
_entity_src_gen.pdbx_host_org_cellular_location    ? 
_entity_src_gen.pdbx_host_org_vector_type          Plasmid 
_entity_src_gen.pdbx_host_org_vector               ? 
_entity_src_gen.host_org_details                   ? 
_entity_src_gen.expression_system_id               ? 
_entity_src_gen.plasmid_name                       speedET 
_entity_src_gen.plasmid_details                    ? 
_entity_src_gen.pdbx_description                   ? 
# 
loop_
_chem_comp.id 
_chem_comp.type 
_chem_comp.mon_nstd_flag 
_chem_comp.name 
_chem_comp.pdbx_synonyms 
_chem_comp.formula 
_chem_comp.formula_weight 
ALA 'L-peptide linking' y ALANINE          ? 'C3 H7 N O2'     89.093  
ARG 'L-peptide linking' y ARGININE         ? 'C6 H15 N4 O2 1' 175.209 
ASN 'L-peptide linking' y ASPARAGINE       ? 'C4 H8 N2 O3'    132.118 
ASP 'L-peptide linking' y 'ASPARTIC ACID'  ? 'C4 H7 N O4'     133.103 
CYS 'L-peptide linking' y CYSTEINE         ? 'C3 H7 N O2 S'   121.158 
GLN 'L-peptide linking' y GLUTAMINE        ? 'C5 H10 N2 O3'   146.144 
GLU 'L-peptide linking' y 'GLUTAMIC ACID'  ? 'C5 H9 N O4'     147.129 
GLY 'peptide linking'   y GLYCINE          ? 'C2 H5 N O2'     75.067  
HIS 'L-peptide linking' y HISTIDINE        ? 'C6 H10 N3 O2 1' 156.162 
HOH non-polymer         . WATER            ? 'H2 O'           18.015  
ILE 'L-peptide linking' y ISOLEUCINE       ? 'C6 H13 N O2'    131.173 
LEU 'L-peptide linking' y LEUCINE          ? 'C6 H13 N O2'    131.173 
LYS 'L-peptide linking' y LYSINE           ? 'C6 H15 N2 O2 1' 147.195 
MET 'L-peptide linking' y METHIONINE       ? 'C5 H11 N O2 S'  149.211 
MSE 'L-peptide linking' n SELENOMETHIONINE ? 'C5 H11 N O2 Se' 196.106 
PHE 'L-peptide linking' y PHENYLALANINE    ? 'C9 H11 N O2'    165.189 
PRO 'L-peptide linking' y PROLINE          ? 'C5 H9 N O2'     115.130 
SER 'L-peptide linking' y SERINE           ? 'C3 H7 N O3'     105.093 
THR 'L-peptide linking' y THREONINE        ? 'C4 H9 N O3'     119.119 
TRP 'L-peptide linking' y TRYPTOPHAN       ? 'C11 H12 N2 O2'  204.225 
TYR 'L-peptide linking' y TYROSINE         ? 'C9 H11 N O3'    181.189 
UNL non-polymer         . 'UNKNOWN LIGAND' ? ?                ?       
VAL 'L-peptide linking' y VALINE           ? 'C5 H11 N O2'    117.146 
# 
loop_
_pdbx_poly_seq_scheme.asym_id 
_pdbx_poly_seq_scheme.entity_id 
_pdbx_poly_seq_scheme.seq_id 
_pdbx_poly_seq_scheme.mon_id 
_pdbx_poly_seq_scheme.ndb_seq_num 
_pdbx_poly_seq_scheme.pdb_seq_num 
_pdbx_poly_seq_scheme.auth_seq_num 
_pdbx_poly_seq_scheme.pdb_mon_id 
_pdbx_poly_seq_scheme.auth_mon_id 
_pdbx_poly_seq_scheme.pdb_strand_id 
_pdbx_poly_seq_scheme.pdb_ins_code 
_pdbx_poly_seq_scheme.hetero 
A 1 1   GLY 1   0   ?   ?   ?   A . n 
A 1 2   MSE 2   1   ?   ?   ?   A . n 
A 1 3   ALA 3   2   ?   ?   ?   A . n 
A 1 4   ASN 4   3   ?   ?   ?   A . n 
A 1 5   LYS 5   4   4   LYS LYS A . n 
A 1 6   VAL 6   5   5   VAL VAL A . n 
A 1 7   GLU 7   6   6   GLU GLU A . n 
A 1 8   HIS 8   7   7   HIS HIS A . n 
A 1 9   ARG 9   8   8   ARG ARG A . n 
A 1 10  LEU 10  9   9   LEU LEU A . n 
A 1 11  SER 11  10  10  SER SER A . n 
A 1 12  GLU 12  11  11  GLU GLU A . n 
A 1 13  GLN 13  12  12  GLN GLN A . n 
A 1 14  GLN 14  13  13  GLN GLN A . n 
A 1 15  MSE 15  14  14  MSE MSE A . n 
A 1 16  LYS 16  15  15  LYS LYS A . n 
A 1 17  ALA 17  16  16  ALA ALA A . n 
A 1 18  LEU 18  17  17  LEU LEU A . n 
A 1 19  THR 19  18  18  THR THR A . n 
A 1 20  ASP 20  19  19  ASP ASP A . n 
A 1 21  LEU 21  20  20  LEU LEU A . n 
A 1 22  PRO 22  21  21  PRO PRO A . n 
A 1 23  LEU 23  22  22  LEU LEU A . n 
A 1 24  VAL 24  23  23  VAL VAL A . n 
A 1 25  PHE 25  24  24  PHE PHE A . n 
A 1 26  LEU 26  25  25  LEU LEU A . n 
A 1 27  ILE 27  26  26  ILE ILE A . n 
A 1 28  THR 28  27  27  THR THR A . n 
A 1 29  HIS 29  28  28  HIS HIS A . n 
A 1 30  ASP 30  29  29  ASP ASP A . n 
A 1 31  GLN 31  30  30  GLN GLN A . n 
A 1 32  SER 32  31  31  SER SER A . n 
A 1 33  LYS 33  32  32  LYS LYS A . n 
A 1 34  SER 34  33  33  SER SER A . n 
A 1 35  TRP 35  34  34  TRP TRP A . n 
A 1 36  PRO 36  35  35  PRO PRO A . n 
A 1 37  ILE 37  36  36  ILE ILE A . n 
A 1 38  THR 38  37  37  THR THR A . n 
A 1 39  HIS 39  38  38  HIS HIS A . n 
A 1 40  ALA 40  39  39  ALA ALA A . n 
A 1 41  ILE 41  40  40  ILE ILE A . n 
A 1 42  SER 42  41  41  SER SER A . n 
A 1 43  TRP 43  42  42  TRP TRP A . n 
A 1 44  VAL 44  43  43  VAL VAL A . n 
A 1 45  TYR 45  44  44  TYR TYR A . n 
A 1 46  ALA 46  45  45  ALA ALA A . n 
A 1 47  LYS 47  46  46  LYS LYS A . n 
A 1 48  ASP 48  47  47  ASP ASP A . n 
A 1 49  GLU 49  48  48  GLU GLU A . n 
A 1 50  THR 50  49  49  THR THR A . n 
A 1 51  THR 51  50  50  THR THR A . n 
A 1 52  ILE 52  51  51  ILE ILE A . n 
A 1 53  ARG 53  52  52  ARG ARG A . n 
A 1 54  PHE 54  53  53  PHE PHE A . n 
A 1 55  ALA 55  54  54  ALA ALA A . n 
A 1 56  ILE 56  55  55  ILE ILE A . n 
A 1 57  GLU 57  56  56  GLU GLU A . n 
A 1 58  ALA 58  57  57  ALA ALA A . n 
A 1 59  ASP 59  58  58  ASP ASP A . n 
A 1 60  SER 60  59  59  SER SER A . n 
A 1 61  LEU 61  60  60  LEU LEU A . n 
A 1 62  LEU 62  61  61  LEU LEU A . n 
A 1 63  VAL 63  62  62  VAL VAL A . n 
A 1 64  LYS 64  63  63  LYS LYS A . n 
A 1 65  THR 65  64  64  THR THR A . n 
A 1 66  LEU 66  65  65  LEU LEU A . n 
A 1 67  ALA 67  66  66  ALA ALA A . n 
A 1 68  ASP 68  67  67  ASP ASP A . n 
A 1 69  HIS 69  68  68  HIS HIS A . n 
A 1 70  PRO 70  69  69  PRO PRO A . n 
A 1 71  VAL 71  70  70  VAL VAL A . n 
A 1 72  PHE 72  71  71  PHE PHE A . n 
A 1 73  THR 73  72  72  THR THR A . n 
A 1 74  LEU 74  73  73  LEU LEU A . n 
A 1 75  ILE 75  74  74  ILE ILE A . n 
A 1 76  PHE 76  75  75  PHE PHE A . n 
A 1 77  PHE 77  76  76  PHE PHE A . n 
A 1 78  ALA 78  77  77  ALA ALA A . n 
A 1 79  ASP 79  78  78  ASP ASP A . n 
A 1 80  GLN 80  79  79  GLN GLN A . n 
A 1 81  SER 81  80  80  SER SER A . n 
A 1 82  THR 82  81  81  THR THR A . n 
A 1 83  TYR 83  82  82  TYR TYR A . n 
A 1 84  SER 84  83  83  SER SER A . n 
A 1 85  LEU 85  84  84  LEU LEU A . n 
A 1 86  THR 86  85  85  THR THR A . n 
A 1 87  CYS 87  86  86  CYS CYS A . n 
A 1 88  THR 88  87  87  THR THR A . n 
A 1 89  ASP 89  88  88  ASP ASP A . n 
A 1 90  VAL 90  89  89  VAL VAL A . n 
A 1 91  ALA 91  90  90  ALA ALA A . n 
A 1 92  ALA 92  91  91  ALA ALA A . n 
A 1 93  TRP 93  92  92  TRP TRP A . n 
A 1 94  GLU 94  93  93  GLU GLU A . n 
A 1 95  THR 95  94  94  THR THR A . n 
A 1 96  THR 96  95  95  THR THR A . n 
A 1 97  ALA 97  96  96  ALA ALA A . n 
A 1 98  ARG 98  97  97  ARG ARG A . n 
A 1 99  LEU 99  98  98  LEU LEU A . n 
A 1 100 PRO 100 99  99  PRO PRO A . n 
A 1 101 LEU 101 100 100 LEU LEU A . n 
A 1 102 LYS 102 101 101 LYS LYS A . n 
A 1 103 VAL 103 102 102 VAL VAL A . n 
A 1 104 ALA 104 103 103 ALA ALA A . n 
A 1 105 LEU 105 104 104 LEU LEU A . n 
A 1 106 TYR 106 105 105 TYR TYR A . n 
A 1 107 GLU 107 106 106 GLU GLU A . n 
A 1 108 GLY 108 107 107 GLY GLY A . n 
A 1 109 GLN 109 108 108 GLN GLN A . n 
A 1 110 ILE 110 109 109 ILE ILE A . n 
A 1 111 LYS 111 110 110 LYS LYS A . n 
A 1 112 GLU 112 111 111 GLU GLU A . n 
A 1 113 VAL 113 112 112 VAL VAL A . n 
A 1 114 ARG 114 113 113 ARG ARG A . n 
A 1 115 ASP 115 114 114 ASP ASP A . n 
A 1 116 ILE 116 115 115 ILE ILE A . n 
A 1 117 LEU 117 116 116 LEU LEU A . n 
A 1 118 PHE 118 117 117 PHE PHE A . n 
A 1 119 TYR 119 118 118 TYR TYR A . n 
A 1 120 GLY 120 119 119 GLY GLY A . n 
A 1 121 ALA 121 120 120 ALA ALA A . n 
A 1 122 ALA 122 121 121 ALA ALA A . n 
A 1 123 VAL 123 122 122 VAL VAL A . n 
A 1 124 SER 124 123 123 SER SER A . n 
A 1 125 ASP 125 124 124 ASP ASP A . n 
A 1 126 ARG 126 125 125 ARG ARG A . n 
A 1 127 PRO 127 126 126 PRO PRO A . n 
A 1 128 ARG 128 127 127 ARG ARG A . n 
A 1 129 VAL 129 128 128 VAL VAL A . n 
A 1 130 TYR 130 129 129 TYR TYR A . n 
A 1 131 LYS 131 130 130 LYS LYS A . n 
A 1 132 THR 132 131 131 THR THR A . n 
A 1 133 TYR 133 132 132 TYR TYR A . n 
A 1 134 ASP 134 133 133 ASP ASP A . n 
A 1 135 GLU 135 134 134 GLU GLU A . n 
A 1 136 ALA 136 135 135 ALA ALA A . n 
A 1 137 ALA 137 136 136 ALA ALA A . n 
A 1 138 ALA 138 137 137 ALA ALA A . n 
A 1 139 MSE 139 138 138 MSE MSE A . n 
A 1 140 GLN 140 139 139 GLN GLN A . n 
A 1 141 LEU 141 140 140 LEU LEU A . n 
A 1 142 ASP 142 141 141 ASP ASP A . n 
A 1 143 GLN 143 142 142 GLN GLN A . n 
A 1 144 GLN 144 143 143 GLN GLN A . n 
A 1 145 ILE 145 144 144 ILE ILE A . n 
A 1 146 GLN 146 145 145 GLN GLN A . n 
A 1 147 ASP 147 146 146 ASP ASP A . n 
A 1 148 ILE 148 147 147 ILE ILE A . n 
A 1 149 LEU 149 148 148 LEU LEU A . n 
A 1 150 LYS 150 149 149 LYS LYS A . n 
A 1 151 GLY 151 150 150 GLY GLY A . n 
# 
loop_
_pdbx_nonpoly_scheme.asym_id 
_pdbx_nonpoly_scheme.entity_id 
_pdbx_nonpoly_scheme.mon_id 
_pdbx_nonpoly_scheme.ndb_seq_num 
_pdbx_nonpoly_scheme.pdb_seq_num 
_pdbx_nonpoly_scheme.auth_seq_num 
_pdbx_nonpoly_scheme.pdb_mon_id 
_pdbx_nonpoly_scheme.auth_mon_id 
_pdbx_nonpoly_scheme.pdb_strand_id 
_pdbx_nonpoly_scheme.pdb_ins_code 
B 2 UNL 1   151 1   UNL UNL A . 
C 3 HOH 1   152 2   HOH HOH A . 
C 3 HOH 2   153 3   HOH HOH A . 
C 3 HOH 3   154 4   HOH HOH A . 
C 3 HOH 4   155 5   HOH HOH A . 
C 3 HOH 5   156 6   HOH HOH A . 
C 3 HOH 6   157 7   HOH HOH A . 
C 3 HOH 7   158 8   HOH HOH A . 
C 3 HOH 8   159 9   HOH HOH A . 
C 3 HOH 9   160 10  HOH HOH A . 
C 3 HOH 10  161 11  HOH HOH A . 
C 3 HOH 11  162 12  HOH HOH A . 
C 3 HOH 12  163 13  HOH HOH A . 
C 3 HOH 13  164 14  HOH HOH A . 
C 3 HOH 14  165 15  HOH HOH A . 
C 3 HOH 15  166 16  HOH HOH A . 
C 3 HOH 16  167 17  HOH HOH A . 
C 3 HOH 17  168 18  HOH HOH A . 
C 3 HOH 18  169 19  HOH HOH A . 
C 3 HOH 19  170 20  HOH HOH A . 
C 3 HOH 20  171 21  HOH HOH A . 
C 3 HOH 21  172 22  HOH HOH A . 
C 3 HOH 22  173 23  HOH HOH A . 
C 3 HOH 23  174 24  HOH HOH A . 
C 3 HOH 24  175 25  HOH HOH A . 
C 3 HOH 25  176 26  HOH HOH A . 
C 3 HOH 26  177 27  HOH HOH A . 
C 3 HOH 27  178 28  HOH HOH A . 
C 3 HOH 28  179 29  HOH HOH A . 
C 3 HOH 29  180 30  HOH HOH A . 
C 3 HOH 30  181 31  HOH HOH A . 
C 3 HOH 31  182 32  HOH HOH A . 
C 3 HOH 32  183 33  HOH HOH A . 
C 3 HOH 33  184 34  HOH HOH A . 
C 3 HOH 34  185 35  HOH HOH A . 
C 3 HOH 35  186 36  HOH HOH A . 
C 3 HOH 36  187 37  HOH HOH A . 
C 3 HOH 37  188 38  HOH HOH A . 
C 3 HOH 38  189 39  HOH HOH A . 
C 3 HOH 39  190 40  HOH HOH A . 
C 3 HOH 40  191 41  HOH HOH A . 
C 3 HOH 41  192 42  HOH HOH A . 
C 3 HOH 42  193 43  HOH HOH A . 
C 3 HOH 43  194 44  HOH HOH A . 
C 3 HOH 44  195 45  HOH HOH A . 
C 3 HOH 45  196 46  HOH HOH A . 
C 3 HOH 46  197 47  HOH HOH A . 
C 3 HOH 47  198 48  HOH HOH A . 
C 3 HOH 48  199 49  HOH HOH A . 
C 3 HOH 49  200 50  HOH HOH A . 
C 3 HOH 50  201 51  HOH HOH A . 
C 3 HOH 51  202 52  HOH HOH A . 
C 3 HOH 52  203 53  HOH HOH A . 
C 3 HOH 53  204 54  HOH HOH A . 
C 3 HOH 54  205 55  HOH HOH A . 
C 3 HOH 55  206 56  HOH HOH A . 
C 3 HOH 56  207 57  HOH HOH A . 
C 3 HOH 57  208 58  HOH HOH A . 
C 3 HOH 58  209 59  HOH HOH A . 
C 3 HOH 59  210 60  HOH HOH A . 
C 3 HOH 60  211 61  HOH HOH A . 
C 3 HOH 61  212 62  HOH HOH A . 
C 3 HOH 62  213 63  HOH HOH A . 
C 3 HOH 63  214 64  HOH HOH A . 
C 3 HOH 64  215 65  HOH HOH A . 
C 3 HOH 65  216 66  HOH HOH A . 
C 3 HOH 66  217 67  HOH HOH A . 
C 3 HOH 67  218 68  HOH HOH A . 
C 3 HOH 68  219 69  HOH HOH A . 
C 3 HOH 69  220 70  HOH HOH A . 
C 3 HOH 70  221 71  HOH HOH A . 
C 3 HOH 71  222 72  HOH HOH A . 
C 3 HOH 72  223 73  HOH HOH A . 
C 3 HOH 73  224 74  HOH HOH A . 
C 3 HOH 74  225 75  HOH HOH A . 
C 3 HOH 75  226 76  HOH HOH A . 
C 3 HOH 76  227 77  HOH HOH A . 
C 3 HOH 77  228 78  HOH HOH A . 
C 3 HOH 78  229 79  HOH HOH A . 
C 3 HOH 79  230 80  HOH HOH A . 
C 3 HOH 80  231 81  HOH HOH A . 
C 3 HOH 81  232 82  HOH HOH A . 
C 3 HOH 82  233 83  HOH HOH A . 
C 3 HOH 83  234 84  HOH HOH A . 
C 3 HOH 84  235 85  HOH HOH A . 
C 3 HOH 85  236 86  HOH HOH A . 
C 3 HOH 86  237 87  HOH HOH A . 
C 3 HOH 87  238 88  HOH HOH A . 
C 3 HOH 88  239 89  HOH HOH A . 
C 3 HOH 89  240 90  HOH HOH A . 
C 3 HOH 90  241 91  HOH HOH A . 
C 3 HOH 91  242 92  HOH HOH A . 
C 3 HOH 92  243 93  HOH HOH A . 
C 3 HOH 93  244 94  HOH HOH A . 
C 3 HOH 94  245 95  HOH HOH A . 
C 3 HOH 95  246 96  HOH HOH A . 
C 3 HOH 96  247 97  HOH HOH A . 
C 3 HOH 97  248 98  HOH HOH A . 
C 3 HOH 98  249 99  HOH HOH A . 
C 3 HOH 99  250 100 HOH HOH A . 
C 3 HOH 100 251 101 HOH HOH A . 
C 3 HOH 101 252 102 HOH HOH A . 
C 3 HOH 102 253 103 HOH HOH A . 
C 3 HOH 103 254 104 HOH HOH A . 
C 3 HOH 104 255 105 HOH HOH A . 
C 3 HOH 105 256 106 HOH HOH A . 
C 3 HOH 106 257 107 HOH HOH A . 
C 3 HOH 107 258 108 HOH HOH A . 
# 
loop_
_pdbx_unobs_or_zero_occ_atoms.id 
_pdbx_unobs_or_zero_occ_atoms.PDB_model_num 
_pdbx_unobs_or_zero_occ_atoms.polymer_flag 
_pdbx_unobs_or_zero_occ_atoms.occupancy_flag 
_pdbx_unobs_or_zero_occ_atoms.auth_asym_id 
_pdbx_unobs_or_zero_occ_atoms.auth_comp_id 
_pdbx_unobs_or_zero_occ_atoms.auth_seq_id 
_pdbx_unobs_or_zero_occ_atoms.PDB_ins_code 
_pdbx_unobs_or_zero_occ_atoms.auth_atom_id 
_pdbx_unobs_or_zero_occ_atoms.label_alt_id 
_pdbx_unobs_or_zero_occ_atoms.label_asym_id 
_pdbx_unobs_or_zero_occ_atoms.label_comp_id 
_pdbx_unobs_or_zero_occ_atoms.label_seq_id 
_pdbx_unobs_or_zero_occ_atoms.label_atom_id 
1  1 Y 1 A ARG 8   ? NE  ? A ARG 9   NE  
2  1 Y 1 A ARG 8   ? CZ  ? A ARG 9   CZ  
3  1 Y 1 A ARG 8   ? NH1 ? A ARG 9   NH1 
4  1 Y 1 A ARG 8   ? NH2 ? A ARG 9   NH2 
5  1 Y 1 A LYS 15  ? CE  ? A LYS 16  CE  
6  1 Y 1 A LYS 15  ? NZ  ? A LYS 16  NZ  
7  1 Y 1 A HIS 28  ? ND1 ? A HIS 29  ND1 
8  1 Y 1 A HIS 28  ? CD2 ? A HIS 29  CD2 
9  1 Y 1 A HIS 28  ? CE1 ? A HIS 29  CE1 
10 1 Y 1 A HIS 28  ? NE2 ? A HIS 29  NE2 
11 1 Y 1 A GLN 30  ? CG  ? A GLN 31  CG  
12 1 Y 1 A GLN 30  ? CD  ? A GLN 31  CD  
13 1 Y 1 A GLN 30  ? OE1 ? A GLN 31  OE1 
14 1 Y 1 A GLN 30  ? NE2 ? A GLN 31  NE2 
15 1 Y 1 A LYS 32  ? CG  ? A LYS 33  CG  
16 1 Y 1 A LYS 32  ? CD  ? A LYS 33  CD  
17 1 Y 1 A LYS 32  ? CE  ? A LYS 33  CE  
18 1 Y 1 A LYS 32  ? NZ  ? A LYS 33  NZ  
19 1 Y 1 A ARG 127 ? CZ  ? A ARG 128 CZ  
20 1 Y 1 A ARG 127 ? NH1 ? A ARG 128 NH1 
21 1 Y 1 A ARG 127 ? NH2 ? A ARG 128 NH2 
22 1 Y 1 A LYS 149 ? CE  ? A LYS 150 CE  
23 1 Y 1 A LYS 149 ? NZ  ? A LYS 150 NZ  
# 
loop_
_software.name 
_software.version 
_software.date 
_software.type 
_software.contact_author 
_software.contact_author_email 
_software.classification 
_software.location 
_software.language 
_software.citation_id 
_software.pdbx_ordinal 
REFMAC      5.2.0019 ?                 program 'Murshudov, G.N.'            ccp4@dl.ac.uk                        refinement        
http://www.ccp4.ac.uk/main.html              Fortran_77 ? 1  
PHENIX      .        ?                 package 'P.D. Adams'                 PDAdams@lbl.gov                      refinement        
http://www.phenix-online.org/                C++        ? 2  
SHELX       .        ?                 package 'George Sheldrick'           gsheldr@shelx.uni-ac.gwdg.de         phasing           
http://shelx.uni-ac.gwdg.de/SHELX/           Fortran_77 ? 3  
MolProbity  3beta29  ?                 package 'D.C. & J.S. Richardson lab' molprobity@kinemage.biochem.duke.edu 'model building'  
http://kinemage.biochem.duke.edu/molprobity/ ?          ? 4  
SCALA       .        ?                 other   'Phil Evans'                 pre@mrc-lmb.cam.ac.uk                'data scaling'    
http://www.ccp4.ac.uk/dist/html/INDEX.html   Fortran_77 ? 5  
PDB_EXTRACT 3.00     'March. 27, 2007' package PDB                          sw-help@rcsb.rutgers.edu             'data extraction' 
http://pdb.rutgers.edu/software/             C++        ? 6  
MAR345      CCD      ?                 ?       ?                            ?                                    'data collection' 
?                                            ?          ? 7  
MOSFLM      .        ?                 ?       ?                            ?                                    'data reduction'  
?                                            ?          ? 8  
SHELXD      .        ?                 ?       ?                            ?                                    phasing           
?                                            ?          ? 9  
autoSHARP   .        ?                 ?       ?                            ?                                    phasing           
?                                            ?          ? 10 
# 
_cell.entry_id           2Q9K 
_cell.length_a           56.314 
_cell.length_b           56.314 
_cell.length_c           95.205 
_cell.angle_alpha        90.000 
_cell.angle_beta         90.000 
_cell.angle_gamma        120.000 
_cell.pdbx_unique_axis   ? 
_cell.Z_PDB              6 
_cell.length_a_esd       ? 
_cell.length_b_esd       ? 
_cell.length_c_esd       ? 
_cell.angle_alpha_esd    ? 
_cell.angle_beta_esd     ? 
_cell.angle_gamma_esd    ? 
# 
_symmetry.entry_id                         2Q9K 
_symmetry.Int_Tables_number                152 
_symmetry.space_group_name_H-M             'P 31 2 1' 
_symmetry.pdbx_full_space_group_name_H-M   ? 
_symmetry.cell_setting                     ? 
_symmetry.space_group_name_Hall            ? 
# 
_exptl.crystals_number   1 
_exptl.method            'X-RAY DIFFRACTION' 
_exptl.entry_id          2Q9K 
# 
_exptl_crystal.id                    1 
_exptl_crystal.density_Matthews      2.52 
_exptl_crystal.density_meas          ? 
_exptl_crystal.density_percent_sol   51.21 
_exptl_crystal.description           ? 
_exptl_crystal.F_000                 ? 
_exptl_crystal.preparation           ? 
# 
_exptl_crystal_grow.crystal_id      1 
_exptl_crystal_grow.method          'VAPOR DIFFUSION, SITTING DROP' 
_exptl_crystal_grow.pH              ? 
_exptl_crystal_grow.temp            277 
_exptl_crystal_grow.pdbx_details    
'NANODROP, 0.17M Sodium acetate, 25.5% PEG 4000, 15.0% Glycerol, VAPOR DIFFUSION, SITTING DROP, temperature 277K' 
_exptl_crystal_grow.temp_details    ? 
_exptl_crystal_grow.pdbx_pH_range   . 
# 
_diffrn.id                     1 
_diffrn.ambient_temp           100 
_diffrn.ambient_temp_details   ? 
_diffrn.crystal_id             1 
# 
_diffrn_detector.diffrn_id              1 
_diffrn_detector.detector               CCD 
_diffrn_detector.type                   'MARMOSAIC 325 mm CCD' 
_diffrn_detector.details                'Flat collimating mirror, toroid focusing mirror' 
_diffrn_detector.pdbx_collection_date   2007-06-03 
# 
_diffrn_radiation.diffrn_id                        1 
_diffrn_radiation.pdbx_monochromatic_or_laue_m_l   M 
_diffrn_radiation.monochromator                    'Double crystal' 
_diffrn_radiation.pdbx_diffrn_protocol             MAD 
_diffrn_radiation.wavelength_id                    1 
_diffrn_radiation.pdbx_scattering_type             x-ray 
# 
loop_
_diffrn_radiation_wavelength.id 
_diffrn_radiation_wavelength.wavelength 
_diffrn_radiation_wavelength.wt 
1 0.91162 1.0 
2 0.97908 1.0 
# 
_diffrn_source.diffrn_id                   1 
_diffrn_source.source                      SYNCHROTRON 
_diffrn_source.pdbx_synchrotron_beamline   BL9-2 
_diffrn_source.type                        'SSRL BEAMLINE BL9-2' 
_diffrn_source.pdbx_wavelength_list        '0.91162, 0.97908' 
_diffrn_source.pdbx_wavelength             ? 
_diffrn_source.pdbx_synchrotron_site       SSRL 
# 
_reflns.entry_id                     2Q9K 
_reflns.d_resolution_high            1.59 
_reflns.d_resolution_low             26.997 
_reflns.number_obs                   24172 
_reflns.pdbx_Rmerge_I_obs            0.067 
_reflns.pdbx_netI_over_sigmaI        5.900 
_reflns.pdbx_Rsym_value              0.067 
_reflns.pdbx_redundancy              7.100 
_reflns.percent_possible_obs         100.000 
_reflns.observed_criterion_sigma_F   ? 
_reflns.observed_criterion_sigma_I   ? 
_reflns.number_all                   ? 
_reflns.B_iso_Wilson_estimate        24.182 
_reflns.R_free_details               ? 
_reflns.limit_h_max                  ? 
_reflns.limit_h_min                  ? 
_reflns.limit_k_max                  ? 
_reflns.limit_k_min                  ? 
_reflns.limit_l_max                  ? 
_reflns.limit_l_min                  ? 
_reflns.observed_criterion_F_max     ? 
_reflns.observed_criterion_F_min     ? 
_reflns.pdbx_chi_squared             ? 
_reflns.pdbx_scaling_rejects         ? 
_reflns.pdbx_ordinal                 1 
_reflns.pdbx_diffrn_id               1 
# 
loop_
_reflns_shell.d_res_high 
_reflns_shell.d_res_low 
_reflns_shell.number_measured_obs 
_reflns_shell.number_measured_all 
_reflns_shell.number_unique_obs 
_reflns_shell.Rmerge_I_obs 
_reflns_shell.meanI_over_sigI_obs 
_reflns_shell.pdbx_Rsym_value 
_reflns_shell.pdbx_chi_squared 
_reflns_shell.pdbx_redundancy 
_reflns_shell.percent_possible_obs 
_reflns_shell.number_unique_all 
_reflns_shell.percent_possible_all 
_reflns_shell.pdbx_ordinal 
_reflns_shell.pdbx_diffrn_id 
1.59 1.63   ? 11754 ? 0.832 0.9  0.832 ? 6.70 ? 1753 100.00 1  1 
1.63 1.68   ? 12547 ? 0.661 1.2  0.661 ? 7.30 ? 1729 99.90  2  1 
1.68 1.72   ? 12001 ? 0.512 1.5  0.512 ? 7.20 ? 1664 100.00 3  1 
1.72 1.78   ? 11747 ? 0.400 1.9  0.400 ? 7.30 ? 1619 100.00 4  1 
1.78 1.84   ? 11209 ? 0.296 2.6  0.296 ? 7.20 ? 1549 100.00 5  1 
1.84 1.90   ? 11037 ? 0.214 3.5  0.214 ? 7.20 ? 1525 100.00 6  1 
1.90 1.97   ? 10736 ? 0.171 4.3  0.171 ? 7.30 ? 1479 100.00 7  1 
1.97 2.05   ? 10244 ? 0.133 5.4  0.133 ? 7.20 ? 1414 100.00 8  1 
2.05 2.14   ? 9854  ? 0.113 6.2  0.113 ? 7.20 ? 1361 100.00 9  1 
2.14 2.25   ? 9469  ? 0.098 7.1  0.098 ? 7.20 ? 1312 100.00 10 1 
2.25 2.37   ? 9034  ? 0.084 8.0  0.084 ? 7.20 ? 1251 100.00 11 1 
2.37 2.51   ? 8603  ? 0.077 8.4  0.077 ? 7.20 ? 1188 100.00 12 1 
2.51 2.69   ? 8037  ? 0.075 8.5  0.075 ? 7.20 ? 1120 100.00 13 1 
2.69 2.90   ? 7450  ? 0.069 9.3  0.069 ? 7.10 ? 1045 100.00 14 1 
2.90 3.18   ? 6834  ? 0.060 10.2 0.060 ? 7.10 ? 960  100.00 15 1 
3.18 3.56   ? 6187  ? 0.052 11.8 0.052 ? 7.00 ? 882  100.00 16 1 
3.56 4.11   ? 5501  ? 0.053 11.4 0.053 ? 7.00 ? 789  100.00 17 1 
4.11 5.03   ? 4582  ? 0.047 13.3 0.047 ? 6.80 ? 673  100.00 18 1 
5.03 7.11   ? 3582  ? 0.043 13.7 0.043 ? 6.60 ? 543  100.00 19 1 
7.11 26.997 ? 1869  ? 0.039 15.0 0.039 ? 5.90 ? 316  97.80  20 1 
# 
_refine.entry_id                                 2Q9K 
_refine.ls_d_res_high                            1.590 
_refine.ls_d_res_low                             26.997 
_refine.pdbx_ls_sigma_F                          0.00 
_refine.ls_percent_reflns_obs                    99.960 
_refine.ls_number_reflns_obs                     24135 
_refine.pdbx_ls_cross_valid_method               THROUGHOUT 
_refine.pdbx_R_Free_selection_details            RANDOM 
_refine.details                                  
;1. HYDROGENS HAVE BEEN ADDED IN THE RIDING POSITIONS. 
2. A MET-INHIBITION PROTOCOL WAS USED FOR SELENOMETHIONINE 
INCORPORATION DURING PROTEIN EXPRESSION. THE OCCUPANCY 
OF THE SE ATOMS IN THE MSE RESIDUES WAS REDUCED TO 0.75 
FOR THE REDUCED SCATTERING POWER DUE TO PARTIAL S-MET INCORPORATION. 
3. ATOM RECORD CONTAINS RESIDUAL B FACTORS ONLY. 
4. UNKNOWN LIGAND (UNL) WAS MODELED BASED ON RELATED STRUCTURES.
;
_refine.ls_R_factor_obs                          0.206 
_refine.ls_R_factor_R_work                       0.203 
_refine.ls_R_factor_R_free                       0.252 
_refine.ls_percent_reflns_R_free                 5.100 
_refine.ls_number_reflns_R_free                  1232 
_refine.B_iso_mean                               19.654 
_refine.aniso_B[1][1]                            0.270 
_refine.aniso_B[2][2]                            0.270 
_refine.aniso_B[3][3]                            -0.400 
_refine.aniso_B[1][2]                            0.130 
_refine.aniso_B[1][3]                            0.000 
_refine.aniso_B[2][3]                            0.000 
_refine.correlation_coeff_Fo_to_Fc               0.960 
_refine.correlation_coeff_Fo_to_Fc_free          0.932 
_refine.pdbx_overall_ESU_R                       0.091 
_refine.pdbx_overall_ESU_R_Free                  0.099 
_refine.overall_SU_ML                            0.065 
_refine.overall_SU_B                             3.750 
_refine.solvent_model_details                    MASK 
_refine.pdbx_solvent_vdw_probe_radii             1.200 
_refine.pdbx_solvent_ion_probe_radii             0.800 
_refine.pdbx_solvent_shrinkage_radii             0.800 
_refine.pdbx_method_to_determine_struct          MAD 
_refine.pdbx_stereochemistry_target_values       'MAXIMUM LIKELIHOOD WITH PHASES' 
_refine.pdbx_ls_sigma_I                          ? 
_refine.ls_number_reflns_all                     ? 
_refine.ls_R_factor_all                          ? 
_refine.ls_redundancy_reflns_obs                 ? 
_refine.pdbx_data_cutoff_high_absF               ? 
_refine.pdbx_data_cutoff_low_absF                ? 
_refine.ls_number_parameters                     ? 
_refine.ls_number_restraints                     ? 
_refine.ls_R_factor_R_free_error                 ? 
_refine.ls_R_factor_R_free_error_details         ? 
_refine.pdbx_starting_model                      ? 
_refine.pdbx_stereochem_target_val_spec_case     ? 
_refine.solvent_model_param_bsol                 ? 
_refine.solvent_model_param_ksol                 ? 
_refine.occupancy_max                            ? 
_refine.occupancy_min                            ? 
_refine.pdbx_isotropic_thermal_model             ? 
_refine.B_iso_min                                ? 
_refine.B_iso_max                                ? 
_refine.overall_SU_R_Cruickshank_DPI             ? 
_refine.overall_SU_R_free                        ? 
_refine.pdbx_data_cutoff_high_rms_absF           ? 
_refine.ls_wR_factor_R_free                      ? 
_refine.ls_wR_factor_R_work                      ? 
_refine.overall_FOM_free_R_set                   ? 
_refine.overall_FOM_work_R_set                   ? 
_refine.pdbx_refine_id                           'X-RAY DIFFRACTION' 
_refine.pdbx_TLS_residual_ADP_flag               'LIKELY RESIDUAL' 
_refine.pdbx_diffrn_id                           1 
_refine.pdbx_overall_phase_error                 ? 
_refine.pdbx_overall_SU_R_free_Cruickshank_DPI   ? 
_refine.pdbx_overall_SU_R_Blow_DPI               ? 
_refine.pdbx_overall_SU_R_free_Blow_DPI          ? 
# 
_refine_hist.pdbx_refine_id                   'X-RAY DIFFRACTION' 
_refine_hist.cycle_id                         LAST 
_refine_hist.pdbx_number_atoms_protein        1160 
_refine_hist.pdbx_number_atoms_nucleic_acid   0 
_refine_hist.pdbx_number_atoms_ligand         11 
_refine_hist.number_atoms_solvent             107 
_refine_hist.number_atoms_total               1278 
_refine_hist.d_res_high                       1.590 
_refine_hist.d_res_low                        26.997 
# 
loop_
_refine_ls_restr.type 
_refine_ls_restr.number 
_refine_ls_restr.dev_ideal 
_refine_ls_restr.dev_ideal_target 
_refine_ls_restr.weight 
_refine_ls_restr.pdbx_refine_id 
_refine_ls_restr.pdbx_restraint_function 
r_bond_refined_d         1268 0.018  0.022  ? 'X-RAY DIFFRACTION' ? 
r_bond_other_d           827  0.003  0.020  ? 'X-RAY DIFFRACTION' ? 
r_angle_refined_deg      1750 1.654  1.960  ? 'X-RAY DIFFRACTION' ? 
r_angle_other_deg        2052 0.961  3.000  ? 'X-RAY DIFFRACTION' ? 
r_dihedral_angle_1_deg   171  6.149  5.000  ? 'X-RAY DIFFRACTION' ? 
r_dihedral_angle_2_deg   57   31.651 25.088 ? 'X-RAY DIFFRACTION' ? 
r_dihedral_angle_3_deg   223  15.594 15.000 ? 'X-RAY DIFFRACTION' ? 
r_dihedral_angle_4_deg   5    20.551 15.000 ? 'X-RAY DIFFRACTION' ? 
r_chiral_restr           210  0.111  0.200  ? 'X-RAY DIFFRACTION' ? 
r_gen_planes_refined     1421 0.007  0.020  ? 'X-RAY DIFFRACTION' ? 
r_gen_planes_other       249  0.001  0.020  ? 'X-RAY DIFFRACTION' ? 
r_nbd_refined            233  0.245  0.200  ? 'X-RAY DIFFRACTION' ? 
r_nbd_other              827  0.204  0.200  ? 'X-RAY DIFFRACTION' ? 
r_nbtor_refined          620  0.185  0.200  ? 'X-RAY DIFFRACTION' ? 
r_nbtor_other            703  0.091  0.200  ? 'X-RAY DIFFRACTION' ? 
r_xyhbond_nbd_refined    87   0.172  0.200  ? 'X-RAY DIFFRACTION' ? 
r_symmetry_vdw_refined   15   0.258  0.200  ? 'X-RAY DIFFRACTION' ? 
r_symmetry_vdw_other     54   0.272  0.200  ? 'X-RAY DIFFRACTION' ? 
r_symmetry_hbond_refined 8    0.112  0.200  ? 'X-RAY DIFFRACTION' ? 
r_mcbond_it              838  1.294  1.500  ? 'X-RAY DIFFRACTION' ? 
r_mcbond_other           304  0.315  1.500  ? 'X-RAY DIFFRACTION' ? 
r_mcangle_it             1276 1.836  2.000  ? 'X-RAY DIFFRACTION' ? 
r_scbond_it              543  2.546  3.000  ? 'X-RAY DIFFRACTION' ? 
r_scangle_it             461  3.598  4.500  ? 'X-RAY DIFFRACTION' ? 
# 
_refine_ls_shell.d_res_high                       1.590 
_refine_ls_shell.d_res_low                        1.631 
_refine_ls_shell.pdbx_total_number_of_bins_used   20 
_refine_ls_shell.percent_reflns_obs               99.940 
_refine_ls_shell.number_reflns_R_work             1669 
_refine_ls_shell.R_factor_all                     ? 
_refine_ls_shell.R_factor_R_work                  0.296 
_refine_ls_shell.R_factor_R_free                  0.311 
_refine_ls_shell.percent_reflns_R_free            ? 
_refine_ls_shell.number_reflns_R_free             76 
_refine_ls_shell.R_factor_R_free_error            ? 
_refine_ls_shell.number_reflns_all                ? 
_refine_ls_shell.number_reflns_obs                1745 
_refine_ls_shell.redundancy_reflns_obs            ? 
_refine_ls_shell.pdbx_refine_id                   'X-RAY DIFFRACTION' 
# 
_struct.entry_id                  2Q9K 
_struct.title                     
'Crystal structure of a putative oxidoreductase (exig_1997) from exiguobacterium sibiricum 255-15 at 1.59 A resolution' 
_struct.pdbx_model_details        ? 
_struct.pdbx_CASP_flag            ? 
_struct.pdbx_model_type_details   ? 
# 
_struct_keywords.text            
;Split barrel-like fold, structural genomics, Joint Center for Structural Genomics, JCSG, Protein Structure Initiative, PSI-2, oxidoreductase
;
_struct_keywords.pdbx_keywords   OXIDOREDUCTASE 
_struct_keywords.entry_id        2Q9K 
# 
loop_
_struct_asym.id 
_struct_asym.pdbx_blank_PDB_chainid_flag 
_struct_asym.pdbx_modified 
_struct_asym.entity_id 
_struct_asym.details 
A N N 1 ? 
B N N 2 ? 
C N N 3 ? 
# 
_struct_ref.id                         1 
_struct_ref.db_name                    UNP 
_struct_ref.db_code                    Q41CU9_9BACI 
_struct_ref.pdbx_db_accession          Q41CU9 
_struct_ref.entity_id                  1 
_struct_ref.pdbx_seq_one_letter_code   
;MANKVEHRLSEQQMKALTDLPLVFLITHDQSKSWPITHAISWVYAKDETTIRFAIEADSLLVKTLADHPVFTLIFFADQS
TYSLTCTDVAAWETTARLPLKVALYEGQIKEVRDILFYGAAVSDRPRVYKTYDEAAAMQLDQQIQDILKG
;
_struct_ref.pdbx_align_begin           1 
_struct_ref.pdbx_db_isoform            ? 
# 
_struct_ref_seq.align_id                      1 
_struct_ref_seq.ref_id                        1 
_struct_ref_seq.pdbx_PDB_id_code              2Q9K 
_struct_ref_seq.pdbx_strand_id                A 
_struct_ref_seq.seq_align_beg                 2 
_struct_ref_seq.pdbx_seq_align_beg_ins_code   ? 
_struct_ref_seq.seq_align_end                 151 
_struct_ref_seq.pdbx_seq_align_end_ins_code   ? 
_struct_ref_seq.pdbx_db_accession             Q41CU9 
_struct_ref_seq.db_align_beg                  1 
_struct_ref_seq.pdbx_db_align_beg_ins_code    ? 
_struct_ref_seq.db_align_end                  150 
_struct_ref_seq.pdbx_db_align_end_ins_code    ? 
_struct_ref_seq.pdbx_auth_seq_align_beg       1 
_struct_ref_seq.pdbx_auth_seq_align_end       150 
# 
loop_
_struct_ref_seq_dif.align_id 
_struct_ref_seq_dif.pdbx_pdb_id_code 
_struct_ref_seq_dif.mon_id 
_struct_ref_seq_dif.pdbx_pdb_strand_id 
_struct_ref_seq_dif.seq_num 
_struct_ref_seq_dif.pdbx_pdb_ins_code 
_struct_ref_seq_dif.pdbx_seq_db_name 
_struct_ref_seq_dif.pdbx_seq_db_accession_code 
_struct_ref_seq_dif.db_mon_id 
_struct_ref_seq_dif.pdbx_seq_db_seq_num 
_struct_ref_seq_dif.details 
_struct_ref_seq_dif.pdbx_auth_seq_num 
_struct_ref_seq_dif.pdbx_ordinal 
1 2Q9K GLY A 1   ? UNP Q41CU9 ?   ?   'expression tag'   0   1 
1 2Q9K MSE A 2   ? UNP Q41CU9 MET 1   'modified residue' 1   2 
1 2Q9K MSE A 15  ? UNP Q41CU9 MET 14  'modified residue' 14  3 
1 2Q9K MSE A 139 ? UNP Q41CU9 MET 138 'modified residue' 138 4 
# 
_pdbx_struct_assembly.id                   1 
_pdbx_struct_assembly.details              author_and_software_defined_assembly 
_pdbx_struct_assembly.method_details       PISA,PQS 
_pdbx_struct_assembly.oligomeric_details   dimeric 
_pdbx_struct_assembly.oligomeric_count     2 
# 
loop_
_pdbx_struct_assembly_prop.biol_id 
_pdbx_struct_assembly_prop.type 
_pdbx_struct_assembly_prop.value 
_pdbx_struct_assembly_prop.details 
1 'ABSA (A^2)' 4760  ? 
1 MORE         -31   ? 
1 'SSA (A^2)'  14140 ? 
# 
_pdbx_struct_assembly_gen.assembly_id       1 
_pdbx_struct_assembly_gen.oper_expression   1,2 
_pdbx_struct_assembly_gen.asym_id_list      A,B,C 
# 
loop_
_pdbx_struct_oper_list.id 
_pdbx_struct_oper_list.type 
_pdbx_struct_oper_list.name 
_pdbx_struct_oper_list.symmetry_operation 
_pdbx_struct_oper_list.matrix[1][1] 
_pdbx_struct_oper_list.matrix[1][2] 
_pdbx_struct_oper_list.matrix[1][3] 
_pdbx_struct_oper_list.vector[1] 
_pdbx_struct_oper_list.matrix[2][1] 
_pdbx_struct_oper_list.matrix[2][2] 
_pdbx_struct_oper_list.matrix[2][3] 
_pdbx_struct_oper_list.vector[2] 
_pdbx_struct_oper_list.matrix[3][1] 
_pdbx_struct_oper_list.matrix[3][2] 
_pdbx_struct_oper_list.matrix[3][3] 
_pdbx_struct_oper_list.vector[3] 
1 'identity operation'         1_555 x,y,z  1.0000000000  0.0000000000 0.0000000000 0.0000000000   0.0000000000 1.0000000000 0.0000000000 0.0000000000  0.0000000000 0.0000000000 1.0000000000  0.0000000000  
2 'crystal symmetry operation' 4_555 y,x,-z -0.7013802107 0.5991007560 0.3861917713 -12.6705119812 0.5991007560 0.2019354668 0.7747905210 -5.2565352103 0.3861917713 0.7747905210 -0.5005552561 17.9518579942 
# 
_struct_biol.id   1 
# 
loop_
_struct_conf.conf_type_id 
_struct_conf.id 
_struct_conf.pdbx_PDB_helix_id 
_struct_conf.beg_label_comp_id 
_struct_conf.beg_label_asym_id 
_struct_conf.beg_label_seq_id 
_struct_conf.pdbx_beg_PDB_ins_code 
_struct_conf.end_label_comp_id 
_struct_conf.end_label_asym_id 
_struct_conf.end_label_seq_id 
_struct_conf.pdbx_end_PDB_ins_code 
_struct_conf.beg_auth_comp_id 
_struct_conf.beg_auth_asym_id 
_struct_conf.beg_auth_seq_id 
_struct_conf.end_auth_comp_id 
_struct_conf.end_auth_asym_id 
_struct_conf.end_auth_seq_id 
_struct_conf.pdbx_PDB_helix_class 
_struct_conf.details 
_struct_conf.pdbx_PDB_helix_length 
HELX_P HELX_P1 1 SER A 11  ? LEU A 18  ? SER A 10  LEU A 17  1 ? 8  
HELX_P HELX_P2 2 LEU A 61  ? HIS A 69  ? LEU A 60  HIS A 68  1 ? 9  
HELX_P HELX_P3 3 ASP A 134 ? GLY A 151 ? ASP A 133 GLY A 150 1 ? 18 
# 
_struct_conf_type.id          HELX_P 
_struct_conf_type.criteria    ? 
_struct_conf_type.reference   ? 
# 
loop_
_struct_conn.id 
_struct_conn.conn_type_id 
_struct_conn.pdbx_leaving_atom_flag 
_struct_conn.pdbx_PDB_id 
_struct_conn.ptnr1_label_asym_id 
_struct_conn.ptnr1_label_comp_id 
_struct_conn.ptnr1_label_seq_id 
_struct_conn.ptnr1_label_atom_id 
_struct_conn.pdbx_ptnr1_label_alt_id 
_struct_conn.pdbx_ptnr1_PDB_ins_code 
_struct_conn.pdbx_ptnr1_standard_comp_id 
_struct_conn.ptnr1_symmetry 
_struct_conn.ptnr2_label_asym_id 
_struct_conn.ptnr2_label_comp_id 
_struct_conn.ptnr2_label_seq_id 
_struct_conn.ptnr2_label_atom_id 
_struct_conn.pdbx_ptnr2_label_alt_id 
_struct_conn.pdbx_ptnr2_PDB_ins_code 
_struct_conn.ptnr1_auth_asym_id 
_struct_conn.ptnr1_auth_comp_id 
_struct_conn.ptnr1_auth_seq_id 
_struct_conn.ptnr2_auth_asym_id 
_struct_conn.ptnr2_auth_comp_id 
_struct_conn.ptnr2_auth_seq_id 
_struct_conn.ptnr2_symmetry 
_struct_conn.pdbx_ptnr3_label_atom_id 
_struct_conn.pdbx_ptnr3_label_seq_id 
_struct_conn.pdbx_ptnr3_label_comp_id 
_struct_conn.pdbx_ptnr3_label_asym_id 
_struct_conn.pdbx_ptnr3_label_alt_id 
_struct_conn.pdbx_ptnr3_PDB_ins_code 
_struct_conn.details 
_struct_conn.pdbx_dist_value 
_struct_conn.pdbx_value_order 
_struct_conn.pdbx_role 
covale1 covale both ? A GLN 14  C ? ? ? 1_555 A MSE 15  N ? ? A GLN 13  A MSE 14  1_555 ? ? ? ? ? ? ? 1.321 ? ? 
covale2 covale both ? A MSE 15  C ? ? ? 1_555 A LYS 16  N ? ? A MSE 14  A LYS 15  1_555 ? ? ? ? ? ? ? 1.318 ? ? 
covale3 covale both ? A ALA 138 C ? ? ? 1_555 A MSE 139 N ? ? A ALA 137 A MSE 138 1_555 ? ? ? ? ? ? ? 1.318 ? ? 
covale4 covale both ? A MSE 139 C ? ? ? 1_555 A GLN 140 N ? ? A MSE 138 A GLN 139 1_555 ? ? ? ? ? ? ? 1.331 ? ? 
# 
_struct_conn_type.id          covale 
_struct_conn_type.criteria    ? 
_struct_conn_type.reference   ? 
# 
loop_
_pdbx_modification_feature.ordinal 
_pdbx_modification_feature.label_comp_id 
_pdbx_modification_feature.label_asym_id 
_pdbx_modification_feature.label_seq_id 
_pdbx_modification_feature.label_alt_id 
_pdbx_modification_feature.modified_residue_label_comp_id 
_pdbx_modification_feature.modified_residue_label_asym_id 
_pdbx_modification_feature.modified_residue_label_seq_id 
_pdbx_modification_feature.modified_residue_label_alt_id 
_pdbx_modification_feature.auth_comp_id 
_pdbx_modification_feature.auth_asym_id 
_pdbx_modification_feature.auth_seq_id 
_pdbx_modification_feature.PDB_ins_code 
_pdbx_modification_feature.symmetry 
_pdbx_modification_feature.modified_residue_auth_comp_id 
_pdbx_modification_feature.modified_residue_auth_asym_id 
_pdbx_modification_feature.modified_residue_auth_seq_id 
_pdbx_modification_feature.modified_residue_PDB_ins_code 
_pdbx_modification_feature.modified_residue_symmetry 
_pdbx_modification_feature.comp_id_linking_atom 
_pdbx_modification_feature.modified_residue_id_linking_atom 
_pdbx_modification_feature.modified_residue_id 
_pdbx_modification_feature.ref_pcm_id 
_pdbx_modification_feature.ref_comp_id 
_pdbx_modification_feature.type 
_pdbx_modification_feature.category 
1 MSE A 15  ? . . . . MSE A 14  ? 1_555 . . . . . . . MET 1 MSE Selenomethionine 'Named protein modification' 
2 MSE A 139 ? . . . . MSE A 138 ? 1_555 . . . . . . . MET 1 MSE Selenomethionine 'Named protein modification' 
# 
_struct_sheet.id               A 
_struct_sheet.type             ? 
_struct_sheet.number_strands   7 
_struct_sheet.details          ? 
# 
loop_
_struct_sheet_order.sheet_id 
_struct_sheet_order.range_id_1 
_struct_sheet_order.range_id_2 
_struct_sheet_order.offset 
_struct_sheet_order.sense 
A 1 2 ? anti-parallel 
A 2 3 ? anti-parallel 
A 3 4 ? anti-parallel 
A 4 5 ? anti-parallel 
A 5 6 ? anti-parallel 
A 6 7 ? anti-parallel 
# 
loop_
_struct_sheet_range.sheet_id 
_struct_sheet_range.id 
_struct_sheet_range.beg_label_comp_id 
_struct_sheet_range.beg_label_asym_id 
_struct_sheet_range.beg_label_seq_id 
_struct_sheet_range.pdbx_beg_PDB_ins_code 
_struct_sheet_range.end_label_comp_id 
_struct_sheet_range.end_label_asym_id 
_struct_sheet_range.end_label_seq_id 
_struct_sheet_range.pdbx_end_PDB_ins_code 
_struct_sheet_range.beg_auth_comp_id 
_struct_sheet_range.beg_auth_asym_id 
_struct_sheet_range.beg_auth_seq_id 
_struct_sheet_range.end_auth_comp_id 
_struct_sheet_range.end_auth_asym_id 
_struct_sheet_range.end_auth_seq_id 
A 1 ILE A 37  ? ILE A 41  ? ILE A 36  ILE A 40  
A 2 VAL A 24  ? THR A 28  ? VAL A 23  THR A 27  
A 3 PHE A 72  ? ALA A 78  ? PHE A 71  ALA A 77  
A 4 SER A 81  ? TRP A 93  ? SER A 80  TRP A 92  
A 5 VAL A 103 ? ASP A 115 ? VAL A 102 ASP A 114 
A 6 THR A 51  ? GLU A 57  ? THR A 50  GLU A 56  
A 7 VAL A 44  ? ASP A 48  ? VAL A 43  ASP A 47  
# 
loop_
_pdbx_struct_sheet_hbond.sheet_id 
_pdbx_struct_sheet_hbond.range_id_1 
_pdbx_struct_sheet_hbond.range_id_2 
_pdbx_struct_sheet_hbond.range_1_label_atom_id 
_pdbx_struct_sheet_hbond.range_1_label_comp_id 
_pdbx_struct_sheet_hbond.range_1_label_asym_id 
_pdbx_struct_sheet_hbond.range_1_label_seq_id 
_pdbx_struct_sheet_hbond.range_1_PDB_ins_code 
_pdbx_struct_sheet_hbond.range_1_auth_atom_id 
_pdbx_struct_sheet_hbond.range_1_auth_comp_id 
_pdbx_struct_sheet_hbond.range_1_auth_asym_id 
_pdbx_struct_sheet_hbond.range_1_auth_seq_id 
_pdbx_struct_sheet_hbond.range_2_label_atom_id 
_pdbx_struct_sheet_hbond.range_2_label_comp_id 
_pdbx_struct_sheet_hbond.range_2_label_asym_id 
_pdbx_struct_sheet_hbond.range_2_label_seq_id 
_pdbx_struct_sheet_hbond.range_2_PDB_ins_code 
_pdbx_struct_sheet_hbond.range_2_auth_atom_id 
_pdbx_struct_sheet_hbond.range_2_auth_comp_id 
_pdbx_struct_sheet_hbond.range_2_auth_asym_id 
_pdbx_struct_sheet_hbond.range_2_auth_seq_id 
A 1 2 O HIS A 39  ? O HIS A 38  N LEU A 26  ? N LEU A 25  
A 2 3 N ILE A 27  ? N ILE A 26  O THR A 73  ? O THR A 72  
A 3 4 N ALA A 78  ? N ALA A 77  O SER A 81  ? O SER A 80  
A 4 5 N THR A 86  ? N THR A 85  O LYS A 111 ? O LYS A 110 
A 5 6 O ALA A 104 ? O ALA A 103 N ILE A 56  ? N ILE A 55  
A 6 7 O ARG A 53  ? O ARG A 52  N TYR A 45  ? N TYR A 44  
# 
_struct_site.id                   AC1 
_struct_site.pdbx_evidence_code   Software 
_struct_site.pdbx_auth_asym_id    A 
_struct_site.pdbx_auth_comp_id    UNL 
_struct_site.pdbx_auth_seq_id     151 
_struct_site.pdbx_auth_ins_code   ? 
_struct_site.pdbx_num_residues    10 
_struct_site.details              'BINDING SITE FOR RESIDUE UNL A 151' 
# 
loop_
_struct_site_gen.id 
_struct_site_gen.site_id 
_struct_site_gen.pdbx_num_res 
_struct_site_gen.label_comp_id 
_struct_site_gen.label_asym_id 
_struct_site_gen.label_seq_id 
_struct_site_gen.pdbx_auth_ins_code 
_struct_site_gen.auth_comp_id 
_struct_site_gen.auth_asym_id 
_struct_site_gen.auth_seq_id 
_struct_site_gen.label_atom_id 
_struct_site_gen.label_alt_id 
_struct_site_gen.symmetry 
_struct_site_gen.details 
1  AC1 10 ILE A 41  ? ILE A 40  . ? 1_555 ? 
2  AC1 10 SER A 42  ? SER A 41  . ? 1_555 ? 
3  AC1 10 TRP A 43  ? TRP A 42  . ? 1_555 ? 
4  AC1 10 ALA A 55  ? ALA A 54  . ? 1_555 ? 
5  AC1 10 ILE A 56  ? ILE A 55  . ? 1_555 ? 
6  AC1 10 GLU A 57  ? GLU A 56  . ? 1_555 ? 
7  AC1 10 PHE A 118 ? PHE A 117 . ? 4_555 ? 
8  AC1 10 LYS A 131 ? LYS A 130 . ? 1_555 ? 
9  AC1 10 ASP A 142 ? ASP A 141 . ? 1_555 ? 
10 AC1 10 HOH C .   ? HOH A 174 . ? 1_555 ? 
# 
_pdbx_entry_details.entry_id                   2Q9K 
_pdbx_entry_details.compound_details           ? 
_pdbx_entry_details.source_details             ? 
_pdbx_entry_details.nonpolymer_details         ? 
_pdbx_entry_details.sequence_details           ? 
_pdbx_entry_details.has_ligand_of_interest     ? 
_pdbx_entry_details.has_protein_modification   Y 
# 
_pdbx_validate_torsion.id              1 
_pdbx_validate_torsion.PDB_model_num   1 
_pdbx_validate_torsion.auth_comp_id    ASP 
_pdbx_validate_torsion.auth_asym_id    A 
_pdbx_validate_torsion.auth_seq_id     78 
_pdbx_validate_torsion.PDB_ins_code    ? 
_pdbx_validate_torsion.label_alt_id    ? 
_pdbx_validate_torsion.phi             43.06 
_pdbx_validate_torsion.psi             -133.75 
# 
_pdbx_SG_project.project_name          'PSI, Protein Structure Initiative' 
_pdbx_SG_project.full_name_of_center   'Joint Center for Structural Genomics' 
_pdbx_SG_project.id                    1 
_pdbx_SG_project.initial_of_center     JCSG 
# 
loop_
_pdbx_struct_mod_residue.id 
_pdbx_struct_mod_residue.label_asym_id 
_pdbx_struct_mod_residue.label_comp_id 
_pdbx_struct_mod_residue.label_seq_id 
_pdbx_struct_mod_residue.auth_asym_id 
_pdbx_struct_mod_residue.auth_comp_id 
_pdbx_struct_mod_residue.auth_seq_id 
_pdbx_struct_mod_residue.PDB_ins_code 
_pdbx_struct_mod_residue.parent_comp_id 
_pdbx_struct_mod_residue.details 
1 A MSE 15  A MSE 14  ? MET SELENOMETHIONINE 
2 A MSE 139 A MSE 138 ? MET SELENOMETHIONINE 
# 
_pdbx_struct_special_symmetry.id              1 
_pdbx_struct_special_symmetry.PDB_model_num   1 
_pdbx_struct_special_symmetry.auth_asym_id    A 
_pdbx_struct_special_symmetry.auth_comp_id    HOH 
_pdbx_struct_special_symmetry.auth_seq_id     217 
_pdbx_struct_special_symmetry.PDB_ins_code    ? 
_pdbx_struct_special_symmetry.label_asym_id   C 
_pdbx_struct_special_symmetry.label_comp_id   HOH 
_pdbx_struct_special_symmetry.label_seq_id    . 
# 
_pdbx_refine_tls.id               1 
_pdbx_refine_tls.details          ? 
_pdbx_refine_tls.method           refined 
_pdbx_refine_tls.origin_x         -0.0970 
_pdbx_refine_tls.origin_y         -0.1994 
_pdbx_refine_tls.origin_z         0.0631 
_pdbx_refine_tls.T[1][1]          -0.0796 
_pdbx_refine_tls.T[2][2]          -0.0220 
_pdbx_refine_tls.T[3][3]          -0.0721 
_pdbx_refine_tls.T[1][2]          0.0069 
_pdbx_refine_tls.T[1][3]          0.0104 
_pdbx_refine_tls.T[2][3]          -0.0152 
_pdbx_refine_tls.L[1][1]          2.1778 
_pdbx_refine_tls.L[2][2]          0.7073 
_pdbx_refine_tls.L[3][3]          2.1696 
_pdbx_refine_tls.L[1][2]          0.1682 
_pdbx_refine_tls.L[1][3]          -0.5659 
_pdbx_refine_tls.L[2][3]          -0.4377 
_pdbx_refine_tls.S[1][1]          0.0867 
_pdbx_refine_tls.S[2][2]          -0.0396 
_pdbx_refine_tls.S[3][3]          -0.0471 
_pdbx_refine_tls.S[1][2]          0.0508 
_pdbx_refine_tls.S[1][3]          -0.0359 
_pdbx_refine_tls.S[2][3]          0.0411 
_pdbx_refine_tls.S[2][1]          -0.0368 
_pdbx_refine_tls.S[3][1]          0.0057 
_pdbx_refine_tls.S[3][2]          0.2714 
_pdbx_refine_tls.pdbx_refine_id   'X-RAY DIFFRACTION' 
# 
_pdbx_refine_tls_group.id                  1 
_pdbx_refine_tls_group.refine_tls_id       1 
_pdbx_refine_tls_group.beg_label_asym_id   A 
_pdbx_refine_tls_group.beg_label_seq_id    5 
_pdbx_refine_tls_group.end_label_asym_id   A 
_pdbx_refine_tls_group.end_label_seq_id    151 
_pdbx_refine_tls_group.selection           ? 
_pdbx_refine_tls_group.beg_auth_asym_id    A 
_pdbx_refine_tls_group.beg_auth_seq_id     4 
_pdbx_refine_tls_group.end_auth_asym_id    A 
_pdbx_refine_tls_group.end_auth_seq_id     150 
_pdbx_refine_tls_group.pdbx_refine_id      'X-RAY DIFFRACTION' 
_pdbx_refine_tls_group.selection_details   ? 
# 
_phasing.method   MAD 
# 
_pdbx_database_remark.id     999 
_pdbx_database_remark.text   
;
SEQUENCE
THE CONSTRUCT WAS EXPRESSED WITH A PURIFICATION TAG
MGSDKIHHHHHHENLYFQG. THE TAG WAS REMOVED WITH TEV PROTEASE
LEAVING ONLY A GLYCINE (0) FOLLOWED BY THE TARGET SEQUENCE.
;
# 
loop_
_pdbx_unobs_or_zero_occ_residues.id 
_pdbx_unobs_or_zero_occ_residues.PDB_model_num 
_pdbx_unobs_or_zero_occ_residues.polymer_flag 
_pdbx_unobs_or_zero_occ_residues.occupancy_flag 
_pdbx_unobs_or_zero_occ_residues.auth_asym_id 
_pdbx_unobs_or_zero_occ_residues.auth_comp_id 
_pdbx_unobs_or_zero_occ_residues.auth_seq_id 
_pdbx_unobs_or_zero_occ_residues.PDB_ins_code 
_pdbx_unobs_or_zero_occ_residues.label_asym_id 
_pdbx_unobs_or_zero_occ_residues.label_comp_id 
_pdbx_unobs_or_zero_occ_residues.label_seq_id 
1 1 Y 1 A GLY 0 ? A GLY 1 
2 1 Y 1 A MSE 1 ? A MSE 2 
3 1 Y 1 A ALA 2 ? A ALA 3 
4 1 Y 1 A ASN 3 ? A ASN 4 
# 
loop_
_chem_comp_atom.comp_id 
_chem_comp_atom.atom_id 
_chem_comp_atom.type_symbol 
_chem_comp_atom.pdbx_aromatic_flag 
_chem_comp_atom.pdbx_stereo_config 
_chem_comp_atom.pdbx_ordinal 
ALA N    N  N N 1   
ALA CA   C  N S 2   
ALA C    C  N N 3   
ALA O    O  N N 4   
ALA CB   C  N N 5   
ALA OXT  O  N N 6   
ALA H    H  N N 7   
ALA H2   H  N N 8   
ALA HA   H  N N 9   
ALA HB1  H  N N 10  
ALA HB2  H  N N 11  
ALA HB3  H  N N 12  
ALA HXT  H  N N 13  
ARG N    N  N N 14  
ARG CA   C  N S 15  
ARG C    C  N N 16  
ARG O    O  N N 17  
ARG CB   C  N N 18  
ARG CG   C  N N 19  
ARG CD   C  N N 20  
ARG NE   N  N N 21  
ARG CZ   C  N N 22  
ARG NH1  N  N N 23  
ARG NH2  N  N N 24  
ARG OXT  O  N N 25  
ARG H    H  N N 26  
ARG H2   H  N N 27  
ARG HA   H  N N 28  
ARG HB2  H  N N 29  
ARG HB3  H  N N 30  
ARG HG2  H  N N 31  
ARG HG3  H  N N 32  
ARG HD2  H  N N 33  
ARG HD3  H  N N 34  
ARG HE   H  N N 35  
ARG HH11 H  N N 36  
ARG HH12 H  N N 37  
ARG HH21 H  N N 38  
ARG HH22 H  N N 39  
ARG HXT  H  N N 40  
ASN N    N  N N 41  
ASN CA   C  N S 42  
ASN C    C  N N 43  
ASN O    O  N N 44  
ASN CB   C  N N 45  
ASN CG   C  N N 46  
ASN OD1  O  N N 47  
ASN ND2  N  N N 48  
ASN OXT  O  N N 49  
ASN H    H  N N 50  
ASN H2   H  N N 51  
ASN HA   H  N N 52  
ASN HB2  H  N N 53  
ASN HB3  H  N N 54  
ASN HD21 H  N N 55  
ASN HD22 H  N N 56  
ASN HXT  H  N N 57  
ASP N    N  N N 58  
ASP CA   C  N S 59  
ASP C    C  N N 60  
ASP O    O  N N 61  
ASP CB   C  N N 62  
ASP CG   C  N N 63  
ASP OD1  O  N N 64  
ASP OD2  O  N N 65  
ASP OXT  O  N N 66  
ASP H    H  N N 67  
ASP H2   H  N N 68  
ASP HA   H  N N 69  
ASP HB2  H  N N 70  
ASP HB3  H  N N 71  
ASP HD2  H  N N 72  
ASP HXT  H  N N 73  
CYS N    N  N N 74  
CYS CA   C  N R 75  
CYS C    C  N N 76  
CYS O    O  N N 77  
CYS CB   C  N N 78  
CYS SG   S  N N 79  
CYS OXT  O  N N 80  
CYS H    H  N N 81  
CYS H2   H  N N 82  
CYS HA   H  N N 83  
CYS HB2  H  N N 84  
CYS HB3  H  N N 85  
CYS HG   H  N N 86  
CYS HXT  H  N N 87  
GLN N    N  N N 88  
GLN CA   C  N S 89  
GLN C    C  N N 90  
GLN O    O  N N 91  
GLN CB   C  N N 92  
GLN CG   C  N N 93  
GLN CD   C  N N 94  
GLN OE1  O  N N 95  
GLN NE2  N  N N 96  
GLN OXT  O  N N 97  
GLN H    H  N N 98  
GLN H2   H  N N 99  
GLN HA   H  N N 100 
GLN HB2  H  N N 101 
GLN HB3  H  N N 102 
GLN HG2  H  N N 103 
GLN HG3  H  N N 104 
GLN HE21 H  N N 105 
GLN HE22 H  N N 106 
GLN HXT  H  N N 107 
GLU N    N  N N 108 
GLU CA   C  N S 109 
GLU C    C  N N 110 
GLU O    O  N N 111 
GLU CB   C  N N 112 
GLU CG   C  N N 113 
GLU CD   C  N N 114 
GLU OE1  O  N N 115 
GLU OE2  O  N N 116 
GLU OXT  O  N N 117 
GLU H    H  N N 118 
GLU H2   H  N N 119 
GLU HA   H  N N 120 
GLU HB2  H  N N 121 
GLU HB3  H  N N 122 
GLU HG2  H  N N 123 
GLU HG3  H  N N 124 
GLU HE2  H  N N 125 
GLU HXT  H  N N 126 
GLY N    N  N N 127 
GLY CA   C  N N 128 
GLY C    C  N N 129 
GLY O    O  N N 130 
GLY OXT  O  N N 131 
GLY H    H  N N 132 
GLY H2   H  N N 133 
GLY HA2  H  N N 134 
GLY HA3  H  N N 135 
GLY HXT  H  N N 136 
HIS N    N  N N 137 
HIS CA   C  N S 138 
HIS C    C  N N 139 
HIS O    O  N N 140 
HIS CB   C  N N 141 
HIS CG   C  Y N 142 
HIS ND1  N  Y N 143 
HIS CD2  C  Y N 144 
HIS CE1  C  Y N 145 
HIS NE2  N  Y N 146 
HIS OXT  O  N N 147 
HIS H    H  N N 148 
HIS H2   H  N N 149 
HIS HA   H  N N 150 
HIS HB2  H  N N 151 
HIS HB3  H  N N 152 
HIS HD1  H  N N 153 
HIS HD2  H  N N 154 
HIS HE1  H  N N 155 
HIS HE2  H  N N 156 
HIS HXT  H  N N 157 
HOH O    O  N N 158 
HOH H1   H  N N 159 
HOH H2   H  N N 160 
ILE N    N  N N 161 
ILE CA   C  N S 162 
ILE C    C  N N 163 
ILE O    O  N N 164 
ILE CB   C  N S 165 
ILE CG1  C  N N 166 
ILE CG2  C  N N 167 
ILE CD1  C  N N 168 
ILE OXT  O  N N 169 
ILE H    H  N N 170 
ILE H2   H  N N 171 
ILE HA   H  N N 172 
ILE HB   H  N N 173 
ILE HG12 H  N N 174 
ILE HG13 H  N N 175 
ILE HG21 H  N N 176 
ILE HG22 H  N N 177 
ILE HG23 H  N N 178 
ILE HD11 H  N N 179 
ILE HD12 H  N N 180 
ILE HD13 H  N N 181 
ILE HXT  H  N N 182 
LEU N    N  N N 183 
LEU CA   C  N S 184 
LEU C    C  N N 185 
LEU O    O  N N 186 
LEU CB   C  N N 187 
LEU CG   C  N N 188 
LEU CD1  C  N N 189 
LEU CD2  C  N N 190 
LEU OXT  O  N N 191 
LEU H    H  N N 192 
LEU H2   H  N N 193 
LEU HA   H  N N 194 
LEU HB2  H  N N 195 
LEU HB3  H  N N 196 
LEU HG   H  N N 197 
LEU HD11 H  N N 198 
LEU HD12 H  N N 199 
LEU HD13 H  N N 200 
LEU HD21 H  N N 201 
LEU HD22 H  N N 202 
LEU HD23 H  N N 203 
LEU HXT  H  N N 204 
LYS N    N  N N 205 
LYS CA   C  N S 206 
LYS C    C  N N 207 
LYS O    O  N N 208 
LYS CB   C  N N 209 
LYS CG   C  N N 210 
LYS CD   C  N N 211 
LYS CE   C  N N 212 
LYS NZ   N  N N 213 
LYS OXT  O  N N 214 
LYS H    H  N N 215 
LYS H2   H  N N 216 
LYS HA   H  N N 217 
LYS HB2  H  N N 218 
LYS HB3  H  N N 219 
LYS HG2  H  N N 220 
LYS HG3  H  N N 221 
LYS HD2  H  N N 222 
LYS HD3  H  N N 223 
LYS HE2  H  N N 224 
LYS HE3  H  N N 225 
LYS HZ1  H  N N 226 
LYS HZ2  H  N N 227 
LYS HZ3  H  N N 228 
LYS HXT  H  N N 229 
MET N    N  N N 230 
MET CA   C  N S 231 
MET C    C  N N 232 
MET O    O  N N 233 
MET CB   C  N N 234 
MET CG   C  N N 235 
MET SD   S  N N 236 
MET CE   C  N N 237 
MET OXT  O  N N 238 
MET H    H  N N 239 
MET H2   H  N N 240 
MET HA   H  N N 241 
MET HB2  H  N N 242 
MET HB3  H  N N 243 
MET HG2  H  N N 244 
MET HG3  H  N N 245 
MET HE1  H  N N 246 
MET HE2  H  N N 247 
MET HE3  H  N N 248 
MET HXT  H  N N 249 
MSE N    N  N N 250 
MSE CA   C  N S 251 
MSE C    C  N N 252 
MSE O    O  N N 253 
MSE OXT  O  N N 254 
MSE CB   C  N N 255 
MSE CG   C  N N 256 
MSE SE   SE N N 257 
MSE CE   C  N N 258 
MSE H    H  N N 259 
MSE H2   H  N N 260 
MSE HA   H  N N 261 
MSE HXT  H  N N 262 
MSE HB2  H  N N 263 
MSE HB3  H  N N 264 
MSE HG2  H  N N 265 
MSE HG3  H  N N 266 
MSE HE1  H  N N 267 
MSE HE2  H  N N 268 
MSE HE3  H  N N 269 
PHE N    N  N N 270 
PHE CA   C  N S 271 
PHE C    C  N N 272 
PHE O    O  N N 273 
PHE CB   C  N N 274 
PHE CG   C  Y N 275 
PHE CD1  C  Y N 276 
PHE CD2  C  Y N 277 
PHE CE1  C  Y N 278 
PHE CE2  C  Y N 279 
PHE CZ   C  Y N 280 
PHE OXT  O  N N 281 
PHE H    H  N N 282 
PHE H2   H  N N 283 
PHE HA   H  N N 284 
PHE HB2  H  N N 285 
PHE HB3  H  N N 286 
PHE HD1  H  N N 287 
PHE HD2  H  N N 288 
PHE HE1  H  N N 289 
PHE HE2  H  N N 290 
PHE HZ   H  N N 291 
PHE HXT  H  N N 292 
PRO N    N  N N 293 
PRO CA   C  N S 294 
PRO C    C  N N 295 
PRO O    O  N N 296 
PRO CB   C  N N 297 
PRO CG   C  N N 298 
PRO CD   C  N N 299 
PRO OXT  O  N N 300 
PRO H    H  N N 301 
PRO HA   H  N N 302 
PRO HB2  H  N N 303 
PRO HB3  H  N N 304 
PRO HG2  H  N N 305 
PRO HG3  H  N N 306 
PRO HD2  H  N N 307 
PRO HD3  H  N N 308 
PRO HXT  H  N N 309 
SER N    N  N N 310 
SER CA   C  N S 311 
SER C    C  N N 312 
SER O    O  N N 313 
SER CB   C  N N 314 
SER OG   O  N N 315 
SER OXT  O  N N 316 
SER H    H  N N 317 
SER H2   H  N N 318 
SER HA   H  N N 319 
SER HB2  H  N N 320 
SER HB3  H  N N 321 
SER HG   H  N N 322 
SER HXT  H  N N 323 
THR N    N  N N 324 
THR CA   C  N S 325 
THR C    C  N N 326 
THR O    O  N N 327 
THR CB   C  N R 328 
THR OG1  O  N N 329 
THR CG2  C  N N 330 
THR OXT  O  N N 331 
THR H    H  N N 332 
THR H2   H  N N 333 
THR HA   H  N N 334 
THR HB   H  N N 335 
THR HG1  H  N N 336 
THR HG21 H  N N 337 
THR HG22 H  N N 338 
THR HG23 H  N N 339 
THR HXT  H  N N 340 
TRP N    N  N N 341 
TRP CA   C  N S 342 
TRP C    C  N N 343 
TRP O    O  N N 344 
TRP CB   C  N N 345 
TRP CG   C  Y N 346 
TRP CD1  C  Y N 347 
TRP CD2  C  Y N 348 
TRP NE1  N  Y N 349 
TRP CE2  C  Y N 350 
TRP CE3  C  Y N 351 
TRP CZ2  C  Y N 352 
TRP CZ3  C  Y N 353 
TRP CH2  C  Y N 354 
TRP OXT  O  N N 355 
TRP H    H  N N 356 
TRP H2   H  N N 357 
TRP HA   H  N N 358 
TRP HB2  H  N N 359 
TRP HB3  H  N N 360 
TRP HD1  H  N N 361 
TRP HE1  H  N N 362 
TRP HE3  H  N N 363 
TRP HZ2  H  N N 364 
TRP HZ3  H  N N 365 
TRP HH2  H  N N 366 
TRP HXT  H  N N 367 
TYR N    N  N N 368 
TYR CA   C  N S 369 
TYR C    C  N N 370 
TYR O    O  N N 371 
TYR CB   C  N N 372 
TYR CG   C  Y N 373 
TYR CD1  C  Y N 374 
TYR CD2  C  Y N 375 
TYR CE1  C  Y N 376 
TYR CE2  C  Y N 377 
TYR CZ   C  Y N 378 
TYR OH   O  N N 379 
TYR OXT  O  N N 380 
TYR H    H  N N 381 
TYR H2   H  N N 382 
TYR HA   H  N N 383 
TYR HB2  H  N N 384 
TYR HB3  H  N N 385 
TYR HD1  H  N N 386 
TYR HD2  H  N N 387 
TYR HE1  H  N N 388 
TYR HE2  H  N N 389 
TYR HH   H  N N 390 
TYR HXT  H  N N 391 
VAL N    N  N N 392 
VAL CA   C  N S 393 
VAL C    C  N N 394 
VAL O    O  N N 395 
VAL CB   C  N N 396 
VAL CG1  C  N N 397 
VAL CG2  C  N N 398 
VAL OXT  O  N N 399 
VAL H    H  N N 400 
VAL H2   H  N N 401 
VAL HA   H  N N 402 
VAL HB   H  N N 403 
VAL HG11 H  N N 404 
VAL HG12 H  N N 405 
VAL HG13 H  N N 406 
VAL HG21 H  N N 407 
VAL HG22 H  N N 408 
VAL HG23 H  N N 409 
VAL HXT  H  N N 410 
# 
loop_
_chem_comp_bond.comp_id 
_chem_comp_bond.atom_id_1 
_chem_comp_bond.atom_id_2 
_chem_comp_bond.value_order 
_chem_comp_bond.pdbx_aromatic_flag 
_chem_comp_bond.pdbx_stereo_config 
_chem_comp_bond.pdbx_ordinal 
ALA N   CA   sing N N 1   
ALA N   H    sing N N 2   
ALA N   H2   sing N N 3   
ALA CA  C    sing N N 4   
ALA CA  CB   sing N N 5   
ALA CA  HA   sing N N 6   
ALA C   O    doub N N 7   
ALA C   OXT  sing N N 8   
ALA CB  HB1  sing N N 9   
ALA CB  HB2  sing N N 10  
ALA CB  HB3  sing N N 11  
ALA OXT HXT  sing N N 12  
ARG N   CA   sing N N 13  
ARG N   H    sing N N 14  
ARG N   H2   sing N N 15  
ARG CA  C    sing N N 16  
ARG CA  CB   sing N N 17  
ARG CA  HA   sing N N 18  
ARG C   O    doub N N 19  
ARG C   OXT  sing N N 20  
ARG CB  CG   sing N N 21  
ARG CB  HB2  sing N N 22  
ARG CB  HB3  sing N N 23  
ARG CG  CD   sing N N 24  
ARG CG  HG2  sing N N 25  
ARG CG  HG3  sing N N 26  
ARG CD  NE   sing N N 27  
ARG CD  HD2  sing N N 28  
ARG CD  HD3  sing N N 29  
ARG NE  CZ   sing N N 30  
ARG NE  HE   sing N N 31  
ARG CZ  NH1  sing N N 32  
ARG CZ  NH2  doub N N 33  
ARG NH1 HH11 sing N N 34  
ARG NH1 HH12 sing N N 35  
ARG NH2 HH21 sing N N 36  
ARG NH2 HH22 sing N N 37  
ARG OXT HXT  sing N N 38  
ASN N   CA   sing N N 39  
ASN N   H    sing N N 40  
ASN N   H2   sing N N 41  
ASN CA  C    sing N N 42  
ASN CA  CB   sing N N 43  
ASN CA  HA   sing N N 44  
ASN C   O    doub N N 45  
ASN C   OXT  sing N N 46  
ASN CB  CG   sing N N 47  
ASN CB  HB2  sing N N 48  
ASN CB  HB3  sing N N 49  
ASN CG  OD1  doub N N 50  
ASN CG  ND2  sing N N 51  
ASN ND2 HD21 sing N N 52  
ASN ND2 HD22 sing N N 53  
ASN OXT HXT  sing N N 54  
ASP N   CA   sing N N 55  
ASP N   H    sing N N 56  
ASP N   H2   sing N N 57  
ASP CA  C    sing N N 58  
ASP CA  CB   sing N N 59  
ASP CA  HA   sing N N 60  
ASP C   O    doub N N 61  
ASP C   OXT  sing N N 62  
ASP CB  CG   sing N N 63  
ASP CB  HB2  sing N N 64  
ASP CB  HB3  sing N N 65  
ASP CG  OD1  doub N N 66  
ASP CG  OD2  sing N N 67  
ASP OD2 HD2  sing N N 68  
ASP OXT HXT  sing N N 69  
CYS N   CA   sing N N 70  
CYS N   H    sing N N 71  
CYS N   H2   sing N N 72  
CYS CA  C    sing N N 73  
CYS CA  CB   sing N N 74  
CYS CA  HA   sing N N 75  
CYS C   O    doub N N 76  
CYS C   OXT  sing N N 77  
CYS CB  SG   sing N N 78  
CYS CB  HB2  sing N N 79  
CYS CB  HB3  sing N N 80  
CYS SG  HG   sing N N 81  
CYS OXT HXT  sing N N 82  
GLN N   CA   sing N N 83  
GLN N   H    sing N N 84  
GLN N   H2   sing N N 85  
GLN CA  C    sing N N 86  
GLN CA  CB   sing N N 87  
GLN CA  HA   sing N N 88  
GLN C   O    doub N N 89  
GLN C   OXT  sing N N 90  
GLN CB  CG   sing N N 91  
GLN CB  HB2  sing N N 92  
GLN CB  HB3  sing N N 93  
GLN CG  CD   sing N N 94  
GLN CG  HG2  sing N N 95  
GLN CG  HG3  sing N N 96  
GLN CD  OE1  doub N N 97  
GLN CD  NE2  sing N N 98  
GLN NE2 HE21 sing N N 99  
GLN NE2 HE22 sing N N 100 
GLN OXT HXT  sing N N 101 
GLU N   CA   sing N N 102 
GLU N   H    sing N N 103 
GLU N   H2   sing N N 104 
GLU CA  C    sing N N 105 
GLU CA  CB   sing N N 106 
GLU CA  HA   sing N N 107 
GLU C   O    doub N N 108 
GLU C   OXT  sing N N 109 
GLU CB  CG   sing N N 110 
GLU CB  HB2  sing N N 111 
GLU CB  HB3  sing N N 112 
GLU CG  CD   sing N N 113 
GLU CG  HG2  sing N N 114 
GLU CG  HG3  sing N N 115 
GLU CD  OE1  doub N N 116 
GLU CD  OE2  sing N N 117 
GLU OE2 HE2  sing N N 118 
GLU OXT HXT  sing N N 119 
GLY N   CA   sing N N 120 
GLY N   H    sing N N 121 
GLY N   H2   sing N N 122 
GLY CA  C    sing N N 123 
GLY CA  HA2  sing N N 124 
GLY CA  HA3  sing N N 125 
GLY C   O    doub N N 126 
GLY C   OXT  sing N N 127 
GLY OXT HXT  sing N N 128 
HIS N   CA   sing N N 129 
HIS N   H    sing N N 130 
HIS N   H2   sing N N 131 
HIS CA  C    sing N N 132 
HIS CA  CB   sing N N 133 
HIS CA  HA   sing N N 134 
HIS C   O    doub N N 135 
HIS C   OXT  sing N N 136 
HIS CB  CG   sing N N 137 
HIS CB  HB2  sing N N 138 
HIS CB  HB3  sing N N 139 
HIS CG  ND1  sing Y N 140 
HIS CG  CD2  doub Y N 141 
HIS ND1 CE1  doub Y N 142 
HIS ND1 HD1  sing N N 143 
HIS CD2 NE2  sing Y N 144 
HIS CD2 HD2  sing N N 145 
HIS CE1 NE2  sing Y N 146 
HIS CE1 HE1  sing N N 147 
HIS NE2 HE2  sing N N 148 
HIS OXT HXT  sing N N 149 
HOH O   H1   sing N N 150 
HOH O   H2   sing N N 151 
ILE N   CA   sing N N 152 
ILE N   H    sing N N 153 
ILE N   H2   sing N N 154 
ILE CA  C    sing N N 155 
ILE CA  CB   sing N N 156 
ILE CA  HA   sing N N 157 
ILE C   O    doub N N 158 
ILE C   OXT  sing N N 159 
ILE CB  CG1  sing N N 160 
ILE CB  CG2  sing N N 161 
ILE CB  HB   sing N N 162 
ILE CG1 CD1  sing N N 163 
ILE CG1 HG12 sing N N 164 
ILE CG1 HG13 sing N N 165 
ILE CG2 HG21 sing N N 166 
ILE CG2 HG22 sing N N 167 
ILE CG2 HG23 sing N N 168 
ILE CD1 HD11 sing N N 169 
ILE CD1 HD12 sing N N 170 
ILE CD1 HD13 sing N N 171 
ILE OXT HXT  sing N N 172 
LEU N   CA   sing N N 173 
LEU N   H    sing N N 174 
LEU N   H2   sing N N 175 
LEU CA  C    sing N N 176 
LEU CA  CB   sing N N 177 
LEU CA  HA   sing N N 178 
LEU C   O    doub N N 179 
LEU C   OXT  sing N N 180 
LEU CB  CG   sing N N 181 
LEU CB  HB2  sing N N 182 
LEU CB  HB3  sing N N 183 
LEU CG  CD1  sing N N 184 
LEU CG  CD2  sing N N 185 
LEU CG  HG   sing N N 186 
LEU CD1 HD11 sing N N 187 
LEU CD1 HD12 sing N N 188 
LEU CD1 HD13 sing N N 189 
LEU CD2 HD21 sing N N 190 
LEU CD2 HD22 sing N N 191 
LEU CD2 HD23 sing N N 192 
LEU OXT HXT  sing N N 193 
LYS N   CA   sing N N 194 
LYS N   H    sing N N 195 
LYS N   H2   sing N N 196 
LYS CA  C    sing N N 197 
LYS CA  CB   sing N N 198 
LYS CA  HA   sing N N 199 
LYS C   O    doub N N 200 
LYS C   OXT  sing N N 201 
LYS CB  CG   sing N N 202 
LYS CB  HB2  sing N N 203 
LYS CB  HB3  sing N N 204 
LYS CG  CD   sing N N 205 
LYS CG  HG2  sing N N 206 
LYS CG  HG3  sing N N 207 
LYS CD  CE   sing N N 208 
LYS CD  HD2  sing N N 209 
LYS CD  HD3  sing N N 210 
LYS CE  NZ   sing N N 211 
LYS CE  HE2  sing N N 212 
LYS CE  HE3  sing N N 213 
LYS NZ  HZ1  sing N N 214 
LYS NZ  HZ2  sing N N 215 
LYS NZ  HZ3  sing N N 216 
LYS OXT HXT  sing N N 217 
MET N   CA   sing N N 218 
MET N   H    sing N N 219 
MET N   H2   sing N N 220 
MET CA  C    sing N N 221 
MET CA  CB   sing N N 222 
MET CA  HA   sing N N 223 
MET C   O    doub N N 224 
MET C   OXT  sing N N 225 
MET CB  CG   sing N N 226 
MET CB  HB2  sing N N 227 
MET CB  HB3  sing N N 228 
MET CG  SD   sing N N 229 
MET CG  HG2  sing N N 230 
MET CG  HG3  sing N N 231 
MET SD  CE   sing N N 232 
MET CE  HE1  sing N N 233 
MET CE  HE2  sing N N 234 
MET CE  HE3  sing N N 235 
MET OXT HXT  sing N N 236 
MSE N   CA   sing N N 237 
MSE N   H    sing N N 238 
MSE N   H2   sing N N 239 
MSE CA  C    sing N N 240 
MSE CA  CB   sing N N 241 
MSE CA  HA   sing N N 242 
MSE C   O    doub N N 243 
MSE C   OXT  sing N N 244 
MSE OXT HXT  sing N N 245 
MSE CB  CG   sing N N 246 
MSE CB  HB2  sing N N 247 
MSE CB  HB3  sing N N 248 
MSE CG  SE   sing N N 249 
MSE CG  HG2  sing N N 250 
MSE CG  HG3  sing N N 251 
MSE SE  CE   sing N N 252 
MSE CE  HE1  sing N N 253 
MSE CE  HE2  sing N N 254 
MSE CE  HE3  sing N N 255 
PHE N   CA   sing N N 256 
PHE N   H    sing N N 257 
PHE N   H2   sing N N 258 
PHE CA  C    sing N N 259 
PHE CA  CB   sing N N 260 
PHE CA  HA   sing N N 261 
PHE C   O    doub N N 262 
PHE C   OXT  sing N N 263 
PHE CB  CG   sing N N 264 
PHE CB  HB2  sing N N 265 
PHE CB  HB3  sing N N 266 
PHE CG  CD1  doub Y N 267 
PHE CG  CD2  sing Y N 268 
PHE CD1 CE1  sing Y N 269 
PHE CD1 HD1  sing N N 270 
PHE CD2 CE2  doub Y N 271 
PHE CD2 HD2  sing N N 272 
PHE CE1 CZ   doub Y N 273 
PHE CE1 HE1  sing N N 274 
PHE CE2 CZ   sing Y N 275 
PHE CE2 HE2  sing N N 276 
PHE CZ  HZ   sing N N 277 
PHE OXT HXT  sing N N 278 
PRO N   CA   sing N N 279 
PRO N   CD   sing N N 280 
PRO N   H    sing N N 281 
PRO CA  C    sing N N 282 
PRO CA  CB   sing N N 283 
PRO CA  HA   sing N N 284 
PRO C   O    doub N N 285 
PRO C   OXT  sing N N 286 
PRO CB  CG   sing N N 287 
PRO CB  HB2  sing N N 288 
PRO CB  HB3  sing N N 289 
PRO CG  CD   sing N N 290 
PRO CG  HG2  sing N N 291 
PRO CG  HG3  sing N N 292 
PRO CD  HD2  sing N N 293 
PRO CD  HD3  sing N N 294 
PRO OXT HXT  sing N N 295 
SER N   CA   sing N N 296 
SER N   H    sing N N 297 
SER N   H2   sing N N 298 
SER CA  C    sing N N 299 
SER CA  CB   sing N N 300 
SER CA  HA   sing N N 301 
SER C   O    doub N N 302 
SER C   OXT  sing N N 303 
SER CB  OG   sing N N 304 
SER CB  HB2  sing N N 305 
SER CB  HB3  sing N N 306 
SER OG  HG   sing N N 307 
SER OXT HXT  sing N N 308 
THR N   CA   sing N N 309 
THR N   H    sing N N 310 
THR N   H2   sing N N 311 
THR CA  C    sing N N 312 
THR CA  CB   sing N N 313 
THR CA  HA   sing N N 314 
THR C   O    doub N N 315 
THR C   OXT  sing N N 316 
THR CB  OG1  sing N N 317 
THR CB  CG2  sing N N 318 
THR CB  HB   sing N N 319 
THR OG1 HG1  sing N N 320 
THR CG2 HG21 sing N N 321 
THR CG2 HG22 sing N N 322 
THR CG2 HG23 sing N N 323 
THR OXT HXT  sing N N 324 
TRP N   CA   sing N N 325 
TRP N   H    sing N N 326 
TRP N   H2   sing N N 327 
TRP CA  C    sing N N 328 
TRP CA  CB   sing N N 329 
TRP CA  HA   sing N N 330 
TRP C   O    doub N N 331 
TRP C   OXT  sing N N 332 
TRP CB  CG   sing N N 333 
TRP CB  HB2  sing N N 334 
TRP CB  HB3  sing N N 335 
TRP CG  CD1  doub Y N 336 
TRP CG  CD2  sing Y N 337 
TRP CD1 NE1  sing Y N 338 
TRP CD1 HD1  sing N N 339 
TRP CD2 CE2  doub Y N 340 
TRP CD2 CE3  sing Y N 341 
TRP NE1 CE2  sing Y N 342 
TRP NE1 HE1  sing N N 343 
TRP CE2 CZ2  sing Y N 344 
TRP CE3 CZ3  doub Y N 345 
TRP CE3 HE3  sing N N 346 
TRP CZ2 CH2  doub Y N 347 
TRP CZ2 HZ2  sing N N 348 
TRP CZ3 CH2  sing Y N 349 
TRP CZ3 HZ3  sing N N 350 
TRP CH2 HH2  sing N N 351 
TRP OXT HXT  sing N N 352 
TYR N   CA   sing N N 353 
TYR N   H    sing N N 354 
TYR N   H2   sing N N 355 
TYR CA  C    sing N N 356 
TYR CA  CB   sing N N 357 
TYR CA  HA   sing N N 358 
TYR C   O    doub N N 359 
TYR C   OXT  sing N N 360 
TYR CB  CG   sing N N 361 
TYR CB  HB2  sing N N 362 
TYR CB  HB3  sing N N 363 
TYR CG  CD1  doub Y N 364 
TYR CG  CD2  sing Y N 365 
TYR CD1 CE1  sing Y N 366 
TYR CD1 HD1  sing N N 367 
TYR CD2 CE2  doub Y N 368 
TYR CD2 HD2  sing N N 369 
TYR CE1 CZ   doub Y N 370 
TYR CE1 HE1  sing N N 371 
TYR CE2 CZ   sing Y N 372 
TYR CE2 HE2  sing N N 373 
TYR CZ  OH   sing N N 374 
TYR OH  HH   sing N N 375 
TYR OXT HXT  sing N N 376 
VAL N   CA   sing N N 377 
VAL N   H    sing N N 378 
VAL N   H2   sing N N 379 
VAL CA  C    sing N N 380 
VAL CA  CB   sing N N 381 
VAL CA  HA   sing N N 382 
VAL C   O    doub N N 383 
VAL C   OXT  sing N N 384 
VAL CB  CG1  sing N N 385 
VAL CB  CG2  sing N N 386 
VAL CB  HB   sing N N 387 
VAL CG1 HG11 sing N N 388 
VAL CG1 HG12 sing N N 389 
VAL CG1 HG13 sing N N 390 
VAL CG2 HG21 sing N N 391 
VAL CG2 HG22 sing N N 392 
VAL CG2 HG23 sing N N 393 
VAL OXT HXT  sing N N 394 
# 
_atom_sites.entry_id                    2Q9K 
_atom_sites.fract_transf_matrix[1][1]   -0.01197266 
_atom_sites.fract_transf_matrix[1][2]   -0.01664004 
_atom_sites.fract_transf_matrix[1][3]   -0.00046320 
_atom_sites.fract_transf_matrix[2][1]   -0.00175088 
_atom_sites.fract_transf_matrix[2][2]   -0.01089231 
_atom_sites.fract_transf_matrix[2][3]   -0.01728430 
_atom_sites.fract_transf_matrix[3][1]   0.00815119 
_atom_sites.fract_transf_matrix[3][2]   -0.00594618 
_atom_sites.fract_transf_matrix[3][3]   0.00292149 
_atom_sites.fract_transf_vector[1]      0.614844 
_atom_sites.fract_transf_vector[2]      0.845708 
_atom_sites.fract_transf_vector[3]      0.009789 
# 
loop_
_atom_type.symbol 
C  
N  
O  
S  
SE 
# 
loop_
_atom_site.group_PDB 
_atom_site.id 
_atom_site.type_symbol 
_atom_site.label_atom_id 
_atom_site.label_alt_id 
_atom_site.label_comp_id 
_atom_site.label_asym_id 
_atom_site.label_entity_id 
_atom_site.label_seq_id 
_atom_site.pdbx_PDB_ins_code 
_atom_site.Cartn_x 
_atom_site.Cartn_y 
_atom_site.Cartn_z 
_atom_site.occupancy 
_atom_site.B_iso_or_equiv 
_atom_site.pdbx_formal_charge 
_atom_site.auth_seq_id 
_atom_site.auth_comp_id 
_atom_site.auth_asym_id 
_atom_site.auth_atom_id 
_atom_site.pdbx_PDB_model_num 
ATOM   1    N  N   . LYS A 1 5   ? -20.334 8.115   1.250   1.00 39.59 ? 4   LYS A N   1 
ATOM   2    C  CA  . LYS A 1 5   ? -20.378 7.537   -0.146  1.00 38.53 ? 4   LYS A CA  1 
ATOM   3    C  C   . LYS A 1 5   ? -19.038 6.985   -0.614  1.00 36.41 ? 4   LYS A C   1 
ATOM   4    O  O   . LYS A 1 5   ? -17.978 7.448   -0.208  1.00 38.41 ? 4   LYS A O   1 
ATOM   5    C  CB  . LYS A 1 5   ? -20.869 8.551   -1.168  1.00 39.41 ? 4   LYS A CB  1 
ATOM   6    C  CG  . LYS A 1 5   ? -20.134 9.869   -1.141  1.00 41.90 ? 4   LYS A CG  1 
ATOM   7    C  CD  . LYS A 1 5   ? -19.736 10.321  -2.530  1.00 44.51 ? 4   LYS A CD  1 
ATOM   8    C  CE  . LYS A 1 5   ? -20.904 10.716  -3.422  1.00 46.38 ? 4   LYS A CE  1 
ATOM   9    N  NZ  . LYS A 1 5   ? -20.410 10.940  -4.809  1.00 46.58 ? 4   LYS A NZ  1 
ATOM   10   N  N   . VAL A 1 6   ? -19.126 5.985   -1.473  1.00 33.02 ? 5   VAL A N   1 
ATOM   11   C  CA  . VAL A 1 6   ? -17.975 5.282   -1.988  1.00 29.99 ? 5   VAL A CA  1 
ATOM   12   C  C   . VAL A 1 6   ? -17.443 6.060   -3.187  1.00 27.75 ? 5   VAL A C   1 
ATOM   13   O  O   . VAL A 1 6   ? -18.229 6.489   -4.023  1.00 27.83 ? 5   VAL A O   1 
ATOM   14   C  CB  . VAL A 1 6   ? -18.427 3.911   -2.455  1.00 29.66 ? 5   VAL A CB  1 
ATOM   15   C  CG1 . VAL A 1 6   ? -17.297 3.129   -2.960  1.00 31.66 ? 5   VAL A CG1 1 
ATOM   16   C  CG2 . VAL A 1 6   ? -19.133 3.152   -1.279  1.00 31.75 ? 5   VAL A CG2 1 
ATOM   17   N  N   . GLU A 1 7   ? -16.124 6.225   -3.296  1.00 25.63 ? 6   GLU A N   1 
ATOM   18   C  CA  . GLU A 1 7   ? -15.507 6.874   -4.441  1.00 24.29 ? 6   GLU A CA  1 
ATOM   19   C  C   . GLU A 1 7   ? -14.745 5.814   -5.239  1.00 22.67 ? 6   GLU A C   1 
ATOM   20   O  O   . GLU A 1 7   ? -14.592 4.673   -4.790  1.00 22.73 ? 6   GLU A O   1 
ATOM   21   C  CB  . GLU A 1 7   ? -14.557 7.972   -4.002  1.00 24.07 ? 6   GLU A CB  1 
ATOM   22   C  CG  . GLU A 1 7   ? -15.238 9.112   -3.199  1.00 26.68 ? 6   GLU A CG  1 
ATOM   23   C  CD  . GLU A 1 7   ? -16.228 9.936   -3.991  1.00 32.90 ? 6   GLU A CD  1 
ATOM   24   O  OE1 . GLU A 1 7   ? -16.283 9.833   -5.252  1.00 31.43 ? 6   GLU A OE1 1 
ATOM   25   O  OE2 . GLU A 1 7   ? -16.960 10.691  -3.305  1.00 35.39 ? 6   GLU A OE2 1 
ATOM   26   N  N   . HIS A 1 8   ? -14.340 6.163   -6.442  1.00 21.16 ? 7   HIS A N   1 
ATOM   27   C  CA  . HIS A 1 8   ? -13.678 5.205   -7.317  1.00 20.71 ? 7   HIS A CA  1 
ATOM   28   C  C   . HIS A 1 8   ? -12.325 5.705   -7.798  1.00 21.00 ? 7   HIS A C   1 
ATOM   29   O  O   . HIS A 1 8   ? -11.751 5.176   -8.718  1.00 22.43 ? 7   HIS A O   1 
ATOM   30   C  CB  . HIS A 1 8   ? -14.646 4.797   -8.440  1.00 21.51 ? 7   HIS A CB  1 
ATOM   31   C  CG  . HIS A 1 8   ? -15.924 4.240   -7.902  1.00 22.39 ? 7   HIS A CG  1 
ATOM   32   N  ND1 . HIS A 1 8   ? -16.018 2.958   -7.404  1.00 22.29 ? 7   HIS A ND1 1 
ATOM   33   C  CD2 . HIS A 1 8   ? -17.147 4.802   -7.723  1.00 22.35 ? 7   HIS A CD2 1 
ATOM   34   C  CE1 . HIS A 1 8   ? -17.253 2.745   -6.973  1.00 23.78 ? 7   HIS A CE1 1 
ATOM   35   N  NE2 . HIS A 1 8   ? -17.952 3.848   -7.141  1.00 24.09 ? 7   HIS A NE2 1 
ATOM   36   N  N   . ARG A 1 9   ? -11.838 6.774   -7.192  1.00 21.64 ? 8   ARG A N   1 
ATOM   37   C  CA  . ARG A 1 9   ? -10.479 7.219   -7.438  1.00 21.17 ? 8   ARG A CA  1 
ATOM   38   C  C   . ARG A 1 9   ? -10.011 7.938   -6.182  1.00 20.42 ? 8   ARG A C   1 
ATOM   39   O  O   . ARG A 1 9   ? -10.811 8.269   -5.341  1.00 20.30 ? 8   ARG A O   1 
ATOM   40   C  CB  . ARG A 1 9   ? -10.425 8.117   -8.655  1.00 22.88 ? 8   ARG A CB  1 
ATOM   41   C  CG  . ARG A 1 9   ? -11.082 9.414   -8.492  1.00 23.14 ? 8   ARG A CG  1 
ATOM   42   C  CD  . ARG A 1 9   ? -11.245 10.119  -9.903  1.00 24.69 ? 8   ARG A CD  1 
ATOM   43   N  N   . LEU A 1 10  ? -8.732  8.235   -6.080  1.00 17.86 ? 9   LEU A N   1 
ATOM   44   C  CA  . LEU A 1 10  ? -8.163  8.883   -4.906  1.00 17.47 ? 9   LEU A CA  1 
ATOM   45   C  C   . LEU A 1 10  ? -8.252  10.375  -5.064  1.00 18.08 ? 9   LEU A C   1 
ATOM   46   O  O   . LEU A 1 10  ? -8.107  10.917  -6.171  1.00 20.34 ? 9   LEU A O   1 
ATOM   47   C  CB  . LEU A 1 10  ? -6.664  8.543   -4.773  1.00 18.32 ? 9   LEU A CB  1 
ATOM   48   C  CG  . LEU A 1 10  ? -6.313  7.079   -4.486  1.00 17.04 ? 9   LEU A CG  1 
ATOM   49   C  CD1 . LEU A 1 10  ? -4.770  6.811   -4.657  1.00 19.26 ? 9   LEU A CD1 1 
ATOM   50   C  CD2 . LEU A 1 10  ? -6.893  6.544   -3.132  1.00 19.34 ? 9   LEU A CD2 1 
ATOM   51   N  N   . SER A 1 11  ? -8.477  11.026  -3.916  1.00 19.31 ? 10  SER A N   1 
ATOM   52   C  CA  . SER A 1 11  ? -8.409  12.472  -3.874  1.00 19.46 ? 10  SER A CA  1 
ATOM   53   C  C   . SER A 1 11  ? -6.964  12.908  -3.795  1.00 19.65 ? 10  SER A C   1 
ATOM   54   O  O   . SER A 1 11  ? -6.045  12.147  -3.519  1.00 21.13 ? 10  SER A O   1 
ATOM   55   C  CB  . SER A 1 11  ? -9.129  12.983  -2.622  1.00 19.35 ? 10  SER A CB  1 
ATOM   56   O  OG  . SER A 1 11  ? -8.391  12.569  -1.482  1.00 21.62 ? 10  SER A OG  1 
ATOM   57   N  N   . GLU A 1 12  ? -6.754  14.217  -3.946  1.00 21.21 ? 11  GLU A N   1 
ATOM   58   C  CA  . GLU A 1 12  ? -5.436  14.725  -3.799  1.00 21.67 ? 11  GLU A CA  1 
ATOM   59   C  C   . GLU A 1 12  ? -4.840  14.510  -2.431  1.00 21.67 ? 11  GLU A C   1 
ATOM   60   O  O   . GLU A 1 12  ? -3.697  14.172  -2.314  1.00 23.22 ? 11  GLU A O   1 
ATOM   61   C  CB  . GLU A 1 12  ? -5.414  16.220  -4.148  1.00 22.11 ? 11  GLU A CB  1 
ATOM   62   C  CG  . GLU A 1 12  ? -5.773  16.525  -5.609  1.00 23.66 ? 11  GLU A CG  1 
ATOM   63   C  CD  . GLU A 1 12  ? -4.650  16.299  -6.577  1.00 22.43 ? 11  GLU A CD  1 
ATOM   64   O  OE1 . GLU A 1 12  ? -3.509  16.024  -6.198  1.00 24.10 ? 11  GLU A OE1 1 
ATOM   65   O  OE2 . GLU A 1 12  ? -4.910  16.405  -7.798  1.00 28.35 ? 11  GLU A OE2 1 
ATOM   66   N  N   . GLN A 1 13  ? -5.632  14.687  -1.368  1.00 23.67 ? 12  GLN A N   1 
ATOM   67   C  CA  A GLN A 1 13  ? -5.227  14.413  0.019   0.50 23.62 ? 12  GLN A CA  1 
ATOM   68   C  CA  B GLN A 1 13  ? -5.056  14.420  -0.026  0.50 24.59 ? 12  GLN A CA  1 
ATOM   69   C  C   . GLN A 1 13  ? -4.780  12.932  0.200   1.00 23.33 ? 12  GLN A C   1 
ATOM   70   O  O   . GLN A 1 13  ? -3.778  12.574  0.855   1.00 23.87 ? 12  GLN A O   1 
ATOM   71   C  CB  A GLN A 1 13  ? -6.460  14.700  0.907   0.50 22.91 ? 12  GLN A CB  1 
ATOM   72   C  CB  B GLN A 1 13  ? -5.911  14.964  1.129   0.50 25.19 ? 12  GLN A CB  1 
ATOM   73   C  CG  A GLN A 1 13  ? -7.007  16.174  0.835   0.50 21.37 ? 12  GLN A CG  1 
ATOM   74   C  CG  B GLN A 1 13  ? -5.391  16.289  1.742   0.50 27.47 ? 12  GLN A CG  1 
ATOM   75   C  CD  A GLN A 1 13  ? -6.256  17.106  1.741   0.50 19.58 ? 12  GLN A CD  1 
ATOM   76   C  CD  B GLN A 1 13  ? -3.931  16.217  2.203   0.50 29.17 ? 12  GLN A CD  1 
ATOM   77   O  OE1 A GLN A 1 13  ? -6.317  18.348  1.595   0.50 17.80 ? 12  GLN A OE1 1 
ATOM   78   O  OE1 B GLN A 1 13  ? -3.436  15.165  2.609   0.50 32.24 ? 12  GLN A OE1 1 
ATOM   79   N  NE2 A GLN A 1 13  ? -5.564  16.529  2.711   0.50 19.77 ? 12  GLN A NE2 1 
ATOM   80   N  NE2 B GLN A 1 13  ? -3.242  17.327  2.121   0.50 29.37 ? 12  GLN A NE2 1 
ATOM   81   N  N   . GLN A 1 14  ? -5.578  12.037  -0.389  1.00 22.66 ? 13  GLN A N   1 
ATOM   82   C  CA  . GLN A 1 14  ? -5.259  10.619  -0.296  1.00 22.07 ? 13  GLN A CA  1 
ATOM   83   C  C   . GLN A 1 14  ? -3.984  10.231  -1.067  1.00 20.96 ? 13  GLN A C   1 
ATOM   84   O  O   . GLN A 1 14  ? -3.238  9.431   -0.572  1.00 21.90 ? 13  GLN A O   1 
ATOM   85   C  CB  . GLN A 1 14  ? -6.448  9.770   -0.747  1.00 20.23 ? 13  GLN A CB  1 
ATOM   86   C  CG  . GLN A 1 14  ? -7.675  9.880   0.201   1.00 22.27 ? 13  GLN A CG  1 
ATOM   87   C  CD  . GLN A 1 14  ? -8.940  9.399   -0.377  1.00 21.20 ? 13  GLN A CD  1 
ATOM   88   O  OE1 . GLN A 1 14  ? -9.166  9.419   -1.603  1.00 19.50 ? 13  GLN A OE1 1 
ATOM   89   N  NE2 . GLN A 1 14  ? -9.868  8.983   0.530   1.00 23.35 ? 13  GLN A NE2 1 
HETATM 90   N  N   . MSE A 1 15  ? -3.781  10.794  -2.246  1.00 22.63 ? 14  MSE A N   1 
HETATM 91   C  CA  . MSE A 1 15  ? -2.527  10.555  -2.987  1.00 23.79 ? 14  MSE A CA  1 
HETATM 92   C  C   . MSE A 1 15  ? -1.331  11.070  -2.183  1.00 24.37 ? 14  MSE A C   1 
HETATM 93   O  O   . MSE A 1 15  ? -0.366  10.366  -2.028  1.00 26.25 ? 14  MSE A O   1 
HETATM 94   C  CB  . MSE A 1 15  ? -2.608  11.172  -4.382  1.00 24.27 ? 14  MSE A CB  1 
HETATM 95   C  CG  . MSE A 1 15  ? -3.430  10.327  -5.361  1.00 25.55 ? 14  MSE A CG  1 
HETATM 96   SE SE  . MSE A 1 15  ? -3.402  11.060  -7.102  0.75 25.65 ? 14  MSE A SE  1 
HETATM 97   C  CE  . MSE A 1 15  ? -4.437  12.539  -6.687  1.00 28.92 ? 14  MSE A CE  1 
ATOM   98   N  N   . LYS A 1 16  ? -1.481  12.245  -1.604  1.00 26.40 ? 15  LYS A N   1 
ATOM   99   C  CA  . LYS A 1 16  ? -0.466  12.804  -0.704  1.00 28.45 ? 15  LYS A CA  1 
ATOM   100  C  C   . LYS A 1 16  ? -0.153  11.800  0.422   1.00 28.17 ? 15  LYS A C   1 
ATOM   101  O  O   . LYS A 1 16  ? 0.989   11.368  0.650   1.00 28.47 ? 15  LYS A O   1 
ATOM   102  C  CB  . LYS A 1 16  ? -1.001  14.122  -0.170  1.00 28.92 ? 15  LYS A CB  1 
ATOM   103  C  CG  . LYS A 1 16  ? -0.053  14.903  0.650   1.00 31.08 ? 15  LYS A CG  1 
ATOM   104  C  CD  . LYS A 1 16  ? -0.654  16.284  0.942   1.00 31.24 ? 15  LYS A CD  1 
ATOM   105  N  N   . ALA A 1 17  ? -1.217  11.286  1.043   1.00 27.85 ? 16  ALA A N   1 
ATOM   106  C  CA  . ALA A 1 17  ? -1.031  10.346  2.117   1.00 27.35 ? 16  ALA A CA  1 
ATOM   107  C  C   . ALA A 1 17  ? -0.442  9.015   1.728   1.00 27.99 ? 16  ALA A C   1 
ATOM   108  O  O   . ALA A 1 17  ? 0.107   8.314   2.580   1.00 31.94 ? 16  ALA A O   1 
ATOM   109  C  CB  . ALA A 1 17  ? -2.367  10.163  2.873   1.00 26.42 ? 16  ALA A CB  1 
ATOM   110  N  N   . LEU A 1 18  ? -0.555  8.613   0.460   1.00 26.74 ? 17  LEU A N   1 
ATOM   111  C  CA  . LEU A 1 18  ? -0.105  7.303   0.005   1.00 25.30 ? 17  LEU A CA  1 
ATOM   112  C  C   . LEU A 1 18  ? 1.167   7.440   -0.862  1.00 26.79 ? 17  LEU A C   1 
ATOM   113  O  O   . LEU A 1 18  ? 1.522   6.560   -1.647  1.00 28.10 ? 17  LEU A O   1 
ATOM   114  C  CB  . LEU A 1 18  ? -1.178  6.639   -0.835  1.00 24.23 ? 17  LEU A CB  1 
ATOM   115  C  CG  . LEU A 1 18  ? -2.371  6.152   -0.033  1.00 22.24 ? 17  LEU A CG  1 
ATOM   116  C  CD1 . LEU A 1 18  ? -3.461  5.881   -1.097  1.00 22.60 ? 17  LEU A CD1 1 
ATOM   117  C  CD2 . LEU A 1 18  ? -2.011  4.919   0.706   1.00 23.46 ? 17  LEU A CD2 1 
ATOM   118  N  N   . THR A 1 19  ? 1.807   8.580   -0.733  1.00 28.50 ? 18  THR A N   1 
ATOM   119  C  CA  . THR A 1 19  ? 3.075   8.820   -1.504  1.00 30.47 ? 18  THR A CA  1 
ATOM   120  C  C   . THR A 1 19  ? 4.174   9.280   -0.573  1.00 31.98 ? 18  THR A C   1 
ATOM   121  O  O   . THR A 1 19  ? 5.205   9.796   -1.075  1.00 33.29 ? 18  THR A O   1 
ATOM   122  C  CB  . THR A 1 19  ? 2.885   9.806   -2.709  1.00 30.87 ? 18  THR A CB  1 
ATOM   123  O  OG1 . THR A 1 19  ? 2.322   11.064  -2.296  1.00 31.48 ? 18  THR A OG1 1 
ATOM   124  C  CG2 . THR A 1 19  ? 1.959   9.192   -3.789  1.00 31.51 ? 18  THR A CG2 1 
ATOM   125  N  N   . ASP A 1 20  ? 4.007   9.056   0.741   1.00 31.94 ? 19  ASP A N   1 
ATOM   126  C  CA  . ASP A 1 20  ? 5.022   9.439   1.731   1.00 33.43 ? 19  ASP A CA  1 
ATOM   127  C  C   . ASP A 1 20  ? 5.389   8.268   2.674   1.00 32.44 ? 19  ASP A C   1 
ATOM   128  O  O   . ASP A 1 20  ? 5.620   8.488   3.852   1.00 32.97 ? 19  ASP A O   1 
ATOM   129  C  CB  . ASP A 1 20  ? 4.531   10.644  2.554   1.00 34.00 ? 19  ASP A CB  1 
ATOM   130  C  CG  . ASP A 1 20  ? 5.681   11.535  3.036   1.00 38.88 ? 19  ASP A CG  1 
ATOM   131  O  OD1 . ASP A 1 20  ? 6.855   11.255  2.689   1.00 45.03 ? 19  ASP A OD1 1 
ATOM   132  O  OD2 . ASP A 1 20  ? 5.390   12.529  3.761   1.00 48.23 ? 19  ASP A OD2 1 
ATOM   133  N  N   . LEU A 1 21  ? 5.470   7.047   2.121   1.00 31.75 ? 20  LEU A N   1 
ATOM   134  C  CA  A LEU A 1 21  ? 5.822   5.855   2.901   0.50 31.68 ? 20  LEU A CA  1 
ATOM   135  C  CA  B LEU A 1 21  ? 5.787   5.838   2.890   0.50 31.48 ? 20  LEU A CA  1 
ATOM   136  C  C   . LEU A 1 21  ? 4.929   5.771   4.157   1.00 30.27 ? 20  LEU A C   1 
ATOM   137  O  O   . LEU A 1 21  ? 5.400   5.738   5.277   1.00 30.20 ? 20  LEU A O   1 
ATOM   138  C  CB  A LEU A 1 21  ? 7.304   5.877   3.321   0.50 32.39 ? 20  LEU A CB  1 
ATOM   139  C  CB  B LEU A 1 21  ? 7.274   5.776   3.223   0.50 31.99 ? 20  LEU A CB  1 
ATOM   140  C  CG  A LEU A 1 21  ? 8.423   6.104   2.280   0.50 33.17 ? 20  LEU A CG  1 
ATOM   141  C  CG  B LEU A 1 21  ? 8.155   4.952   2.272   0.50 32.01 ? 20  LEU A CG  1 
ATOM   142  C  CD1 A LEU A 1 21  ? 9.699   6.449   3.022   0.50 33.95 ? 20  LEU A CD1 1 
ATOM   143  C  CD1 B LEU A 1 21  ? 7.691   4.932   0.783   0.50 31.51 ? 20  LEU A CD1 1 
ATOM   144  C  CD2 A LEU A 1 21  ? 8.676   4.925   1.328   0.50 34.71 ? 20  LEU A CD2 1 
ATOM   145  C  CD2 B LEU A 1 21  ? 9.544   5.503   2.384   0.50 29.73 ? 20  LEU A CD2 1 
ATOM   146  N  N   . PRO A 1 22  ? 3.626   5.764   3.967   1.00 29.25 ? 21  PRO A N   1 
ATOM   147  C  CA  . PRO A 1 22  ? 2.683   5.684   5.076   1.00 29.23 ? 21  PRO A CA  1 
ATOM   148  C  C   . PRO A 1 22  ? 2.643   4.293   5.637   1.00 28.27 ? 21  PRO A C   1 
ATOM   149  O  O   . PRO A 1 22  ? 2.990   3.358   4.956   1.00 30.74 ? 21  PRO A O   1 
ATOM   150  C  CB  . PRO A 1 22  ? 1.361   5.978   4.388   1.00 30.10 ? 21  PRO A CB  1 
ATOM   151  C  CG  . PRO A 1 22  ? 1.531   5.403   3.072   1.00 30.37 ? 21  PRO A CG  1 
ATOM   152  C  CD  . PRO A 1 22  ? 2.938   5.743   2.674   1.00 30.47 ? 21  PRO A CD  1 
ATOM   153  N  N   . LEU A 1 23  ? 2.119   4.145   6.847   1.00 25.59 ? 22  LEU A N   1 
ATOM   154  C  CA  . LEU A 1 23  ? 1.837   2.839   7.404   1.00 23.68 ? 22  LEU A CA  1 
ATOM   155  C  C   . LEU A 1 23  ? 0.464   2.473   6.863   1.00 23.54 ? 22  LEU A C   1 
ATOM   156  O  O   . LEU A 1 23  ? -0.501  3.187   7.120   1.00 23.93 ? 22  LEU A O   1 
ATOM   157  C  CB  . LEU A 1 23  ? 1.781   2.878   8.925   1.00 23.78 ? 22  LEU A CB  1 
ATOM   158  C  CG  . LEU A 1 23  ? 1.406   1.570   9.639   1.00 22.97 ? 22  LEU A CG  1 
ATOM   159  C  CD1 . LEU A 1 23  ? 2.364   0.484   9.390   1.00 27.79 ? 22  LEU A CD1 1 
ATOM   160  C  CD2 . LEU A 1 23  ? 1.274   1.825   11.165  1.00 23.65 ? 22  LEU A CD2 1 
ATOM   161  N  N   . VAL A 1 24  ? 0.392   1.402   6.104   1.00 20.81 ? 23  VAL A N   1 
ATOM   162  C  CA  . VAL A 1 24  ? -0.888  0.900   5.596   1.00 20.36 ? 23  VAL A CA  1 
ATOM   163  C  C   . VAL A 1 24  ? -0.981  -0.571  5.885   1.00 19.80 ? 23  VAL A C   1 
ATOM   164  O  O   . VAL A 1 24  ? 0.020   -1.232  6.149   1.00 21.45 ? 23  VAL A O   1 
ATOM   165  C  CB  . VAL A 1 24  ? -1.058  1.138   4.076   1.00 21.41 ? 23  VAL A CB  1 
ATOM   166  C  CG1 . VAL A 1 24  ? -0.869  2.636   3.731   1.00 22.02 ? 23  VAL A CG1 1 
ATOM   167  C  CG2 . VAL A 1 24  ? -0.096  0.348   3.310   1.00 20.97 ? 23  VAL A CG2 1 
ATOM   168  N  N   . PHE A 1 25  ? -2.223  -1.069  5.846   1.00 18.96 ? 24  PHE A N   1 
ATOM   169  C  CA  . PHE A 1 25  ? -2.501  -2.469  6.075   1.00 18.19 ? 24  PHE A CA  1 
ATOM   170  C  C   . PHE A 1 25  ? -2.965  -3.087  4.777   1.00 18.80 ? 24  PHE A C   1 
ATOM   171  O  O   . PHE A 1 25  ? -3.976  -2.664  4.216   1.00 20.51 ? 24  PHE A O   1 
ATOM   172  C  CB  . PHE A 1 25  ? -3.553  -2.663  7.181   1.00 18.87 ? 24  PHE A CB  1 
ATOM   173  C  CG  . PHE A 1 25  ? -3.096  -2.097  8.478   1.00 19.63 ? 24  PHE A CG  1 
ATOM   174  C  CD1 . PHE A 1 25  ? -2.077  -2.665  9.162   1.00 20.00 ? 24  PHE A CD1 1 
ATOM   175  C  CD2 . PHE A 1 25  ? -3.681  -0.934  8.970   1.00 22.84 ? 24  PHE A CD2 1 
ATOM   176  C  CE1 . PHE A 1 25  ? -1.604  -2.115  10.346  1.00 18.79 ? 24  PHE A CE1 1 
ATOM   177  C  CE2 . PHE A 1 25  ? -3.261  -0.368  10.166  1.00 23.04 ? 24  PHE A CE2 1 
ATOM   178  C  CZ  . PHE A 1 25  ? -2.185  -0.965  10.854  1.00 19.81 ? 24  PHE A CZ  1 
ATOM   179  N  N   . LEU A 1 26  ? -2.203  -4.076  4.345   1.00 18.51 ? 25  LEU A N   1 
ATOM   180  C  CA  . LEU A 1 26  ? -2.526  -4.811  3.113   1.00 19.35 ? 25  LEU A CA  1 
ATOM   181  C  C   . LEU A 1 26  ? -3.308  -6.069  3.473   1.00 19.73 ? 25  LEU A C   1 
ATOM   182  O  O   . LEU A 1 26  ? -2.861  -6.858  4.321   1.00 19.28 ? 25  LEU A O   1 
ATOM   183  C  CB  . LEU A 1 26  ? -1.183  -5.144  2.432   1.00 20.88 ? 25  LEU A CB  1 
ATOM   184  C  CG  . LEU A 1 26  ? -1.206  -6.063  1.241   1.00 23.48 ? 25  LEU A CG  1 
ATOM   185  C  CD1 . LEU A 1 26  ? -1.854  -5.393  0.021   1.00 20.64 ? 25  LEU A CD1 1 
ATOM   186  C  CD2 . LEU A 1 26  ? 0.231   -6.473  0.884   1.00 21.93 ? 25  LEU A CD2 1 
ATOM   187  N  N   . ILE A 1 27  ? -4.449  -6.299  2.811   1.00 18.75 ? 26  ILE A N   1 
ATOM   188  C  CA  . ILE A 1 27  ? -5.344  -7.410  3.124   1.00 20.58 ? 26  ILE A CA  1 
ATOM   189  C  C   . ILE A 1 27  ? -5.549  -8.219  1.861   1.00 21.36 ? 26  ILE A C   1 
ATOM   190  O  O   . ILE A 1 27  ? -5.907  -7.645  0.844   1.00 20.61 ? 26  ILE A O   1 
ATOM   191  C  CB  . ILE A 1 27  ? -6.677  -6.906  3.627   1.00 21.13 ? 26  ILE A CB  1 
ATOM   192  C  CG1 . ILE A 1 27  ? -6.499  -5.974  4.848   1.00 23.23 ? 26  ILE A CG1 1 
ATOM   193  C  CG2 . ILE A 1 27  ? -7.609  -8.056  3.931   1.00 21.34 ? 26  ILE A CG2 1 
ATOM   194  C  CD1 . ILE A 1 27  ? -7.733  -5.211  5.178   1.00 24.05 ? 26  ILE A CD1 1 
ATOM   195  N  N   . THR A 1 28  ? -5.267  -9.525  1.946   1.00 21.46 ? 27  THR A N   1 
ATOM   196  C  CA  . THR A 1 28  ? -5.343  -10.458 0.824   1.00 24.30 ? 27  THR A CA  1 
ATOM   197  C  C   . THR A 1 28  ? -6.045  -11.715 1.250   1.00 27.27 ? 27  THR A C   1 
ATOM   198  O  O   . THR A 1 28  ? -6.394  -11.925 2.422   1.00 25.49 ? 27  THR A O   1 
ATOM   199  C  CB  . THR A 1 28  ? -3.948  -10.803 0.305   1.00 24.44 ? 27  THR A CB  1 
ATOM   200  O  OG1 . THR A 1 28  ? -3.111  -11.307 1.368   1.00 24.43 ? 27  THR A OG1 1 
ATOM   201  C  CG2 . THR A 1 28  ? -3.299  -9.559  -0.233  1.00 23.81 ? 27  THR A CG2 1 
ATOM   202  N  N   . HIS A 1 29  ? -6.374  -12.544 0.275   1.00 30.02 ? 28  HIS A N   1 
ATOM   203  C  CA  . HIS A 1 29  ? -7.126  -13.718 0.622   1.00 33.84 ? 28  HIS A CA  1 
ATOM   204  C  C   . HIS A 1 29  ? -6.433  -14.961 0.152   1.00 36.31 ? 28  HIS A C   1 
ATOM   205  O  O   . HIS A 1 29  ? -6.059  -15.059 -1.011  1.00 37.22 ? 28  HIS A O   1 
ATOM   206  C  CB  . HIS A 1 29  ? -8.550  -13.631 0.076   1.00 35.54 ? 28  HIS A CB  1 
ATOM   207  C  CG  . HIS A 1 29  ? -9.416  -12.669 0.836   1.00 35.33 ? 28  HIS A CG  1 
ATOM   208  N  N   . ASP A 1 30  ? -6.286  -15.892 1.096   1.00 38.83 ? 29  ASP A N   1 
ATOM   209  C  CA  . ASP A 1 30  ? -5.738  -17.216 0.852   1.00 41.44 ? 29  ASP A CA  1 
ATOM   210  C  C   . ASP A 1 30  ? -6.891  -18.228 0.877   1.00 42.22 ? 29  ASP A C   1 
ATOM   211  O  O   . ASP A 1 30  ? -7.538  -18.433 1.922   1.00 42.16 ? 29  ASP A O   1 
ATOM   212  C  CB  . ASP A 1 30  ? -4.707  -17.535 1.936   1.00 42.09 ? 29  ASP A CB  1 
ATOM   213  C  CG  . ASP A 1 30  ? -3.936  -18.800 1.663   1.00 44.46 ? 29  ASP A CG  1 
ATOM   214  O  OD1 . ASP A 1 30  ? -4.520  -19.758 1.106   1.00 46.77 ? 29  ASP A OD1 1 
ATOM   215  O  OD2 . ASP A 1 30  ? -2.734  -18.825 2.011   1.00 47.77 ? 29  ASP A OD2 1 
ATOM   216  N  N   . GLN A 1 31  ? -7.145  -18.846 -0.276  1.00 43.22 ? 30  GLN A N   1 
ATOM   217  C  CA  . GLN A 1 31  ? -8.146  -19.906 -0.394  1.00 43.90 ? 30  GLN A CA  1 
ATOM   218  C  C   . GLN A 1 31  ? -8.006  -20.986 0.690   1.00 44.61 ? 30  GLN A C   1 
ATOM   219  O  O   . GLN A 1 31  ? -8.998  -21.629 1.053   1.00 45.17 ? 30  GLN A O   1 
ATOM   220  C  CB  . GLN A 1 31  ? -8.060  -20.564 -1.780  1.00 43.99 ? 30  GLN A CB  1 
ATOM   221  N  N   . SER A 1 32  ? -6.781  -21.194 1.182   1.00 44.86 ? 31  SER A N   1 
ATOM   222  C  CA  . SER A 1 32  ? -6.519  -22.229 2.193   1.00 45.22 ? 31  SER A CA  1 
ATOM   223  C  C   . SER A 1 32  ? -7.137  -21.916 3.565   1.00 45.09 ? 31  SER A C   1 
ATOM   224  O  O   . SER A 1 32  ? -7.545  -22.844 4.278   1.00 45.62 ? 31  SER A O   1 
ATOM   225  C  CB  . SER A 1 32  ? -5.016  -22.482 2.360   1.00 45.10 ? 31  SER A CB  1 
ATOM   226  O  OG  . SER A 1 32  ? -4.551  -21.897 3.587   1.00 46.56 ? 31  SER A OG  1 
ATOM   227  N  N   . LYS A 1 33  ? -7.192  -20.635 3.940   1.00 44.51 ? 32  LYS A N   1 
ATOM   228  C  CA  . LYS A 1 33  ? -7.749  -20.248 5.239   1.00 43.83 ? 32  LYS A CA  1 
ATOM   229  C  C   . LYS A 1 33  ? -9.149  -19.621 5.093   1.00 43.23 ? 32  LYS A C   1 
ATOM   230  O  O   . LYS A 1 33  ? -9.532  -19.135 4.018   1.00 43.58 ? 32  LYS A O   1 
ATOM   231  C  CB  . LYS A 1 33  ? -6.785  -19.309 5.975   1.00 43.84 ? 32  LYS A CB  1 
ATOM   232  N  N   . SER A 1 34  ? -9.912  -19.652 6.182   1.00 41.75 ? 33  SER A N   1 
ATOM   233  C  CA  . SER A 1 34  ? -11.240 -19.038 6.213   1.00 40.51 ? 33  SER A CA  1 
ATOM   234  C  C   . SER A 1 34  ? -11.134 -17.592 6.655   1.00 38.91 ? 33  SER A C   1 
ATOM   235  O  O   . SER A 1 34  ? -12.149 -16.902 6.788   1.00 38.57 ? 33  SER A O   1 
ATOM   236  C  CB  . SER A 1 34  ? -12.156 -19.788 7.177   1.00 40.79 ? 33  SER A CB  1 
ATOM   237  O  OG  . SER A 1 34  ? -11.665 -19.694 8.502   1.00 42.24 ? 33  SER A OG  1 
ATOM   238  N  N   . TRP A 1 35  ? -9.911  -17.127 6.895   1.00 36.96 ? 34  TRP A N   1 
ATOM   239  C  CA  . TRP A 1 35  ? -9.715  -15.724 7.202   1.00 36.12 ? 34  TRP A CA  1 
ATOM   240  C  C   . TRP A 1 35  ? -8.670  -15.063 6.316   1.00 34.49 ? 34  TRP A C   1 
ATOM   241  O  O   . TRP A 1 35  ? -7.771  -15.717 5.786   1.00 32.40 ? 34  TRP A O   1 
ATOM   242  C  CB  . TRP A 1 35  ? -9.382  -15.519 8.674   1.00 36.90 ? 34  TRP A CB  1 
ATOM   243  C  CG  . TRP A 1 35  ? -8.187  -16.189 9.161   1.00 37.67 ? 34  TRP A CG  1 
ATOM   244  C  CD1 . TRP A 1 35  ? -6.894  -15.759 9.068   1.00 38.75 ? 34  TRP A CD1 1 
ATOM   245  C  CD2 . TRP A 1 35  ? -8.159  -17.415 9.876   1.00 37.89 ? 34  TRP A CD2 1 
ATOM   246  N  NE1 . TRP A 1 35  ? -6.051  -16.668 9.687   1.00 40.10 ? 34  TRP A NE1 1 
ATOM   247  C  CE2 . TRP A 1 35  ? -6.815  -17.680 10.207  1.00 38.46 ? 34  TRP A CE2 1 
ATOM   248  C  CE3 . TRP A 1 35  ? -9.147  -18.300 10.301  1.00 38.00 ? 34  TRP A CE3 1 
ATOM   249  C  CZ2 . TRP A 1 35  ? -6.442  -18.793 10.924  1.00 39.00 ? 34  TRP A CZ2 1 
ATOM   250  C  CZ3 . TRP A 1 35  ? -8.781  -19.390 11.006  1.00 38.55 ? 34  TRP A CZ3 1 
ATOM   251  C  CH2 . TRP A 1 35  ? -7.437  -19.644 11.307  1.00 39.26 ? 34  TRP A CH2 1 
ATOM   252  N  N   . PRO A 1 36  ? -8.790  -13.745 6.179   1.00 34.37 ? 35  PRO A N   1 
ATOM   253  C  CA  . PRO A 1 36  ? -7.869  -13.032 5.312   1.00 34.22 ? 35  PRO A CA  1 
ATOM   254  C  C   . PRO A 1 36  ? -6.508  -12.879 5.950   1.00 33.19 ? 35  PRO A C   1 
ATOM   255  O  O   . PRO A 1 36  ? -6.399  -12.909 7.191   1.00 34.32 ? 35  PRO A O   1 
ATOM   256  C  CB  . PRO A 1 36  ? -8.510  -11.666 5.174   1.00 34.36 ? 35  PRO A CB  1 
ATOM   257  C  CG  . PRO A 1 36  ? -9.211  -11.478 6.446   1.00 35.79 ? 35  PRO A CG  1 
ATOM   258  C  CD  . PRO A 1 36  ? -9.749  -12.837 6.818   1.00 35.14 ? 35  PRO A CD  1 
ATOM   259  N  N   . ILE A 1 37  ? -5.511  -12.733 5.090   1.00 30.92 ? 36  ILE A N   1 
ATOM   260  C  CA  . ILE A 1 37  ? -4.142  -12.489 5.456   1.00 29.30 ? 36  ILE A CA  1 
ATOM   261  C  C   . ILE A 1 37  ? -3.930  -10.966 5.573   1.00 26.54 ? 36  ILE A C   1 
ATOM   262  O  O   . ILE A 1 37  ? -4.376  -10.220 4.734   1.00 25.16 ? 36  ILE A O   1 
ATOM   263  C  CB  . ILE A 1 37  ? -3.197  -13.012 4.366   1.00 29.78 ? 36  ILE A CB  1 
ATOM   264  C  CG1 . ILE A 1 37  ? -3.419  -14.507 4.130   1.00 32.36 ? 36  ILE A CG1 1 
ATOM   265  C  CG2 . ILE A 1 37  ? -1.786  -12.747 4.700   1.00 30.00 ? 36  ILE A CG2 1 
ATOM   266  C  CD1 . ILE A 1 37  ? -2.434  -15.115 3.119   1.00 32.28 ? 36  ILE A CD1 1 
ATOM   267  N  N   . THR A 1 38  ? -3.231  -10.518 6.609   1.00 23.39 ? 37  THR A N   1 
ATOM   268  C  CA  . THR A 1 38  ? -2.940  -9.099  6.783   1.00 21.99 ? 37  THR A CA  1 
ATOM   269  C  C   . THR A 1 38  ? -1.435  -8.866  6.984   1.00 21.75 ? 37  THR A C   1 
ATOM   270  O  O   . THR A 1 38  ? -0.765  -9.620  7.647   1.00 22.41 ? 37  THR A O   1 
ATOM   271  C  CB  . THR A 1 38  ? -3.688  -8.548  7.980   1.00 21.96 ? 37  THR A CB  1 
ATOM   272  O  OG1 . THR A 1 38  ? -3.282  -9.278  9.151   1.00 21.95 ? 37  THR A OG1 1 
ATOM   273  C  CG2 . THR A 1 38  ? -5.230  -8.709  7.776   1.00 21.42 ? 37  THR A CG2 1 
ATOM   274  N  N   . HIS A 1 39  ? -0.940  -7.780  6.407   1.00 19.46 ? 38  HIS A N   1 
ATOM   275  C  CA  . HIS A 1 39  ? 0.405   -7.296  6.609   1.00 20.84 ? 38  HIS A CA  1 
ATOM   276  C  C   . HIS A 1 39  ? 0.386   -5.782  6.752   1.00 21.36 ? 38  HIS A C   1 
ATOM   277  O  O   . HIS A 1 39  ? -0.358  -5.093  6.062   1.00 23.72 ? 38  HIS A O   1 
ATOM   278  C  CB  . HIS A 1 39  ? 1.296   -7.615  5.393   1.00 22.17 ? 38  HIS A CB  1 
ATOM   279  C  CG  . HIS A 1 39  ? 1.523   -9.075  5.177   1.00 25.72 ? 38  HIS A CG  1 
ATOM   280  N  ND1 . HIS A 1 39  ? 0.632   -9.876  4.500   1.00 27.53 ? 38  HIS A ND1 1 
ATOM   281  C  CD2 . HIS A 1 39  ? 2.544   -9.886  5.563   1.00 30.61 ? 38  HIS A CD2 1 
ATOM   282  C  CE1 . HIS A 1 39  ? 1.096   -11.116 4.465   1.00 29.44 ? 38  HIS A CE1 1 
ATOM   283  N  NE2 . HIS A 1 39  ? 2.257   -11.147 5.098   1.00 30.37 ? 38  HIS A NE2 1 
ATOM   284  N  N   . ALA A 1 40  ? 1.258   -5.220  7.594   1.00 20.76 ? 39  ALA A N   1 
ATOM   285  C  CA  . ALA A 1 40  ? 1.468   -3.789  7.615   1.00 20.09 ? 39  ALA A CA  1 
ATOM   286  C  C   . ALA A 1 40  ? 2.664   -3.541  6.701   1.00 23.69 ? 39  ALA A C   1 
ATOM   287  O  O   . ALA A 1 40  ? 3.651   -4.282  6.763   1.00 26.09 ? 39  ALA A O   1 
ATOM   288  C  CB  . ALA A 1 40  ? 1.795   -3.306  9.077   1.00 22.53 ? 39  ALA A CB  1 
ATOM   289  N  N   . ILE A 1 41  ? 2.550   -2.573  5.804   1.00 21.94 ? 40  ILE A N   1 
ATOM   290  C  CA  . ILE A 1 41  ? 3.651   -2.281  4.884   1.00 22.34 ? 40  ILE A CA  1 
ATOM   291  C  C   . ILE A 1 41  ? 3.762   -0.757  4.787   1.00 22.41 ? 40  ILE A C   1 
ATOM   292  O  O   . ILE A 1 41  ? 2.859   -0.022  5.141   1.00 22.38 ? 40  ILE A O   1 
ATOM   293  C  CB  . ILE A 1 41  ? 3.472   -2.946  3.544   1.00 24.29 ? 40  ILE A CB  1 
ATOM   294  C  CG1 . ILE A 1 41  ? 2.282   -2.366  2.838   1.00 24.45 ? 40  ILE A CG1 1 
ATOM   295  C  CG2 . ILE A 1 41  ? 3.383   -4.456  3.693   1.00 25.10 ? 40  ILE A CG2 1 
ATOM   296  C  CD1 . ILE A 1 41  ? 2.325   -2.644  1.338   1.00 28.53 ? 40  ILE A CD1 1 
ATOM   297  N  N   . SER A 1 42  ? 4.937   -0.279  4.371   1.00 21.69 ? 41  SER A N   1 
ATOM   298  C  CA  . SER A 1 42  ? 5.074   1.142   4.089   1.00 21.49 ? 41  SER A CA  1 
ATOM   299  C  C   . SER A 1 42  ? 5.569   1.390   2.637   1.00 20.10 ? 41  SER A C   1 
ATOM   300  O  O   . SER A 1 42  ? 5.490   2.539   2.209   1.00 21.07 ? 41  SER A O   1 
ATOM   301  C  CB  . SER A 1 42  ? 6.056   1.837   5.024   1.00 22.54 ? 41  SER A CB  1 
ATOM   302  O  OG  . SER A 1 42  ? 7.386   1.361   4.805   1.00 23.39 ? 41  SER A OG  1 
ATOM   303  N  N   . TRP A 1 43  ? 6.051   0.351   1.942   1.00 20.05 ? 42  TRP A N   1 
ATOM   304  C  CA  . TRP A 1 43  ? 6.562   0.477   0.559   1.00 20.15 ? 42  TRP A CA  1 
ATOM   305  C  C   . TRP A 1 43  ? 5.372   0.475   -0.410  1.00 21.17 ? 42  TRP A C   1 
ATOM   306  O  O   . TRP A 1 43  ? 5.122   -0.510  -1.093  1.00 21.00 ? 42  TRP A O   1 
ATOM   307  C  CB  . TRP A 1 43  ? 7.521   -0.629  0.243   1.00 21.31 ? 42  TRP A CB  1 
ATOM   308  C  CG  . TRP A 1 43  ? 8.851   -0.556  0.988   1.00 21.30 ? 42  TRP A CG  1 
ATOM   309  C  CD1 . TRP A 1 43  ? 9.356   0.501   1.649   1.00 21.35 ? 42  TRP A CD1 1 
ATOM   310  C  CD2 . TRP A 1 43  ? 9.809   -1.601  1.088   1.00 17.48 ? 42  TRP A CD2 1 
ATOM   311  N  NE1 . TRP A 1 43  ? 10.597  0.180   2.197   1.00 20.52 ? 42  TRP A NE1 1 
ATOM   312  C  CE2 . TRP A 1 43  ? 10.868  -1.129  1.892   1.00 21.62 ? 42  TRP A CE2 1 
ATOM   313  C  CE3 . TRP A 1 43  ? 9.842   -2.930  0.648   1.00 20.43 ? 42  TRP A CE3 1 
ATOM   314  C  CZ2 . TRP A 1 43  ? 11.983  -1.911  2.171   1.00 21.41 ? 42  TRP A CZ2 1 
ATOM   315  C  CZ3 . TRP A 1 43  ? 10.975  -3.712  0.935   1.00 22.86 ? 42  TRP A CZ3 1 
ATOM   316  C  CH2 . TRP A 1 43  ? 11.998  -3.205  1.689   1.00 21.40 ? 42  TRP A CH2 1 
ATOM   317  N  N   . VAL A 1 44  ? 4.695   1.610   -0.402  1.00 20.83 ? 43  VAL A N   1 
ATOM   318  C  CA  A VAL A 1 44  ? 3.464   1.803   -1.182  0.50 21.23 ? 43  VAL A CA  1 
ATOM   319  C  CA  B VAL A 1 44  ? 3.471   1.822   -1.188  0.50 21.13 ? 43  VAL A CA  1 
ATOM   320  C  C   . VAL A 1 44  ? 3.529   3.164   -1.852  1.00 22.50 ? 43  VAL A C   1 
ATOM   321  O  O   . VAL A 1 44  ? 4.043   4.134   -1.307  1.00 24.12 ? 43  VAL A O   1 
ATOM   322  C  CB  A VAL A 1 44  ? 2.187   1.661   -0.278  0.50 22.11 ? 43  VAL A CB  1 
ATOM   323  C  CB  B VAL A 1 44  ? 2.239   1.784   -0.285  0.50 22.00 ? 43  VAL A CB  1 
ATOM   324  C  CG1 A VAL A 1 44  ? 1.959   2.928   0.598   0.50 19.98 ? 43  VAL A CG1 1 
ATOM   325  C  CG1 B VAL A 1 44  ? 1.001   2.334   -1.036  0.50 20.67 ? 43  VAL A CG1 1 
ATOM   326  C  CG2 A VAL A 1 44  ? 0.954   1.285   -1.134  0.50 21.14 ? 43  VAL A CG2 1 
ATOM   327  C  CG2 B VAL A 1 44  ? 2.068   0.356   0.235   0.50 19.65 ? 43  VAL A CG2 1 
ATOM   328  N  N   . TYR A 1 45  ? 2.954   3.259   -3.047  1.00 21.63 ? 44  TYR A N   1 
ATOM   329  C  CA  . TYR A 1 45  ? 2.985   4.513   -3.740  1.00 22.36 ? 44  TYR A CA  1 
ATOM   330  C  C   . TYR A 1 45  ? 1.758   4.646   -4.626  1.00 21.84 ? 44  TYR A C   1 
ATOM   331  O  O   . TYR A 1 45  ? 1.462   3.736   -5.402  1.00 22.41 ? 44  TYR A O   1 
ATOM   332  C  CB  . TYR A 1 45  ? 4.235   4.576   -4.616  1.00 24.11 ? 44  TYR A CB  1 
ATOM   333  C  CG  . TYR A 1 45  ? 4.497   5.949   -5.120  1.00 27.22 ? 44  TYR A CG  1 
ATOM   334  C  CD1 . TYR A 1 45  ? 5.120   6.908   -4.309  1.00 31.58 ? 44  TYR A CD1 1 
ATOM   335  C  CD2 . TYR A 1 45  ? 4.124   6.309   -6.388  1.00 27.81 ? 44  TYR A CD2 1 
ATOM   336  C  CE1 . TYR A 1 45  ? 5.350   8.189   -4.782  1.00 32.18 ? 44  TYR A CE1 1 
ATOM   337  C  CE2 . TYR A 1 45  ? 4.318   7.605   -6.858  1.00 28.87 ? 44  TYR A CE2 1 
ATOM   338  C  CZ  . TYR A 1 45  ? 4.925   8.526   -6.050  1.00 31.47 ? 44  TYR A CZ  1 
ATOM   339  O  OH  . TYR A 1 45  ? 5.154   9.795   -6.538  1.00 33.14 ? 44  TYR A OH  1 
ATOM   340  N  N   . ALA A 1 46  ? 1.044   5.752   -4.489  1.00 21.63 ? 45  ALA A N   1 
ATOM   341  C  CA  . ALA A 1 46  ? -0.084  6.050   -5.421  1.00 20.93 ? 45  ALA A CA  1 
ATOM   342  C  C   . ALA A 1 46  ? 0.498   6.739   -6.660  1.00 21.31 ? 45  ALA A C   1 
ATOM   343  O  O   . ALA A 1 46  ? 0.765   7.931   -6.637  1.00 22.25 ? 45  ALA A O   1 
ATOM   344  C  CB  . ALA A 1 46  ? -1.118  6.957   -4.738  1.00 21.10 ? 45  ALA A CB  1 
ATOM   345  N  N   . LYS A 1 47  ? 0.636   5.980   -7.738  1.00 22.36 ? 46  LYS A N   1 
ATOM   346  C  CA  . LYS A 1 47  ? 1.139   6.509   -9.003  1.00 23.87 ? 46  LYS A CA  1 
ATOM   347  C  C   . LYS A 1 47  ? 0.246   7.565   -9.635  1.00 23.64 ? 46  LYS A C   1 
ATOM   348  O  O   . LYS A 1 47  ? 0.729   8.521   -10.237 1.00 24.08 ? 46  LYS A O   1 
ATOM   349  C  CB  . LYS A 1 47  ? 1.364   5.357   -9.984  1.00 25.77 ? 46  LYS A CB  1 
ATOM   350  C  CG  . LYS A 1 47  ? 2.137   5.727   -11.259 1.00 30.25 ? 46  LYS A CG  1 
ATOM   351  C  CD  . LYS A 1 47  ? 3.553   6.197   -10.878 1.00 34.68 ? 46  LYS A CD  1 
ATOM   352  C  CE  . LYS A 1 47  ? 4.493   6.312   -12.066 1.00 35.39 ? 46  LYS A CE  1 
ATOM   353  N  NZ  . LYS A 1 47  ? 5.377   7.547   -11.981 1.00 38.62 ? 46  LYS A NZ  1 
ATOM   354  N  N   . ASP A 1 48  ? -1.075  7.392   -9.514  1.00 22.60 ? 47  ASP A N   1 
ATOM   355  C  CA  . ASP A 1 48  ? -2.043  8.362   -9.969  1.00 22.41 ? 47  ASP A CA  1 
ATOM   356  C  C   . ASP A 1 48  ? -3.355  8.035   -9.263  1.00 21.32 ? 47  ASP A C   1 
ATOM   357  O  O   . ASP A 1 48  ? -3.349  7.241   -8.317  1.00 20.49 ? 47  ASP A O   1 
ATOM   358  C  CB  . ASP A 1 48  ? -2.193  8.412   -11.500 1.00 22.80 ? 47  ASP A CB  1 
ATOM   359  C  CG  . ASP A 1 48  ? -2.646  7.090   -12.115 1.00 25.76 ? 47  ASP A CG  1 
ATOM   360  O  OD1 . ASP A 1 48  ? -3.382  6.333   -11.485 1.00 21.66 ? 47  ASP A OD1 1 
ATOM   361  O  OD2 . ASP A 1 48  ? -2.256  6.835   -13.288 1.00 27.85 ? 47  ASP A OD2 1 
ATOM   362  N  N   . GLU A 1 49  ? -4.435  8.679   -9.678  1.00 21.50 ? 48  GLU A N   1 
ATOM   363  C  CA  A GLU A 1 49  ? -5.677  8.624   -8.928  0.50 21.09 ? 48  GLU A CA  1 
ATOM   364  C  CA  B GLU A 1 49  ? -5.696  8.630   -8.922  0.50 21.12 ? 48  GLU A CA  1 
ATOM   365  C  C   . GLU A 1 49  ? -6.354  7.251   -8.897  1.00 21.22 ? 48  GLU A C   1 
ATOM   366  O  O   . GLU A 1 49  ? -7.247  6.987   -8.044  1.00 20.91 ? 48  GLU A O   1 
ATOM   367  C  CB  A GLU A 1 49  ? -6.626  9.669   -9.498  0.50 21.20 ? 48  GLU A CB  1 
ATOM   368  C  CB  B GLU A 1 49  ? -6.708  9.675   -9.444  0.50 20.82 ? 48  GLU A CB  1 
ATOM   369  C  CG  A GLU A 1 49  ? -6.136  11.095  -9.253  0.50 23.42 ? 48  GLU A CG  1 
ATOM   370  C  CG  B GLU A 1 49  ? -7.189  9.466   -10.898 0.50 21.52 ? 48  GLU A CG  1 
ATOM   371  C  CD  A GLU A 1 49  ? -5.210  11.704  -10.324 0.50 24.60 ? 48  GLU A CD  1 
ATOM   372  C  CD  B GLU A 1 49  ? -8.137  10.568  -11.431 0.50 23.12 ? 48  GLU A CD  1 
ATOM   373  O  OE1 A GLU A 1 49  ? -4.467  11.004  -11.083 0.50 22.08 ? 48  GLU A OE1 1 
ATOM   374  O  OE1 B GLU A 1 49  ? -8.278  11.648  -10.816 0.50 22.75 ? 48  GLU A OE1 1 
ATOM   375  O  OE2 A GLU A 1 49  ? -5.228  12.950  -10.408 0.50 27.04 ? 48  GLU A OE2 1 
ATOM   376  O  OE2 B GLU A 1 49  ? -8.764  10.338  -12.484 0.50 24.28 ? 48  GLU A OE2 1 
ATOM   377  N  N   . THR A 1 50  ? -5.933  6.378   -9.823  1.00 20.61 ? 49  THR A N   1 
ATOM   378  C  CA  . THR A 1 50  ? -6.505  5.042   -9.895  1.00 20.73 ? 49  THR A CA  1 
ATOM   379  C  C   . THR A 1 50  ? -5.475  3.930   -9.833  1.00 20.44 ? 49  THR A C   1 
ATOM   380  O  O   . THR A 1 50  ? -5.834  2.794   -10.088 1.00 20.40 ? 49  THR A O   1 
ATOM   381  C  CB  . THR A 1 50  ? -7.359  4.833   -11.158 1.00 21.95 ? 49  THR A CB  1 
ATOM   382  O  OG1 . THR A 1 50  ? -6.518  4.930   -12.293 1.00 22.05 ? 49  THR A OG1 1 
ATOM   383  C  CG2 . THR A 1 50  ? -8.493  5.875   -11.213 1.00 23.37 ? 49  THR A CG2 1 
ATOM   384  N  N   . THR A 1 51  ? -4.222  4.218   -9.478  1.00 19.85 ? 50  THR A N   1 
ATOM   385  C  CA  . THR A 1 51  ? -3.162  3.212   -9.585  1.00 21.55 ? 50  THR A CA  1 
ATOM   386  C  C   . THR A 1 51  ? -2.332  3.173   -8.339  1.00 21.20 ? 50  THR A C   1 
ATOM   387  O  O   . THR A 1 51  ? -1.755  4.198   -8.002  1.00 21.59 ? 50  THR A O   1 
ATOM   388  C  CB  . THR A 1 51  ? -2.239  3.547   -10.756 1.00 22.30 ? 50  THR A CB  1 
ATOM   389  O  OG1 . THR A 1 51  ? -3.029  3.808   -11.927 1.00 22.80 ? 50  THR A OG1 1 
ATOM   390  C  CG2 . THR A 1 51  ? -1.224  2.415   -11.019 1.00 24.20 ? 50  THR A CG2 1 
ATOM   391  N  N   . ILE A 1 52  ? -2.239  1.992   -7.730  1.00 19.60 ? 51  ILE A N   1 
ATOM   392  C  CA  . ILE A 1 52  ? -1.392  1.773   -6.548  1.00 20.37 ? 51  ILE A CA  1 
ATOM   393  C  C   . ILE A 1 52  ? -0.265  0.834   -6.895  1.00 20.15 ? 51  ILE A C   1 
ATOM   394  O  O   . ILE A 1 52  ? -0.498  -0.225  -7.524  1.00 21.55 ? 51  ILE A O   1 
ATOM   395  C  CB  . ILE A 1 52  ? -2.197  1.098   -5.413  1.00 20.65 ? 51  ILE A CB  1 
ATOM   396  C  CG1 . ILE A 1 52  ? -3.316  2.006   -4.905  1.00 25.10 ? 51  ILE A CG1 1 
ATOM   397  C  CG2 . ILE A 1 52  ? -1.331  0.615   -4.201  1.00 22.15 ? 51  ILE A CG2 1 
ATOM   398  C  CD1 . ILE A 1 52  ? -2.939  3.303   -4.216  1.00 23.80 ? 51  ILE A CD1 1 
ATOM   399  N  N   . ARG A 1 53  ? 0.951   1.152   -6.424  1.00 19.99 ? 52  ARG A N   1 
ATOM   400  C  CA  . ARG A 1 53  ? 2.068   0.243   -6.533  1.00 19.11 ? 52  ARG A CA  1 
ATOM   401  C  C   . ARG A 1 53  ? 2.604   -0.051  -5.147  1.00 19.38 ? 52  ARG A C   1 
ATOM   402  O  O   . ARG A 1 53  ? 2.541   0.792   -4.280  1.00 20.73 ? 52  ARG A O   1 
ATOM   403  C  CB  . ARG A 1 53  ? 3.217   0.826   -7.357  1.00 19.42 ? 52  ARG A CB  1 
ATOM   404  C  CG  . ARG A 1 53  ? 2.906   1.020   -8.832  1.00 20.48 ? 52  ARG A CG  1 
ATOM   405  C  CD  . ARG A 1 53  ? 3.983   1.798   -9.456  1.00 23.40 ? 52  ARG A CD  1 
ATOM   406  N  NE  . ARG A 1 53  ? 3.773   1.828   -10.881 1.00 25.28 ? 52  ARG A NE  1 
ATOM   407  C  CZ  . ARG A 1 53  ? 4.652   2.341   -11.729 1.00 29.42 ? 52  ARG A CZ  1 
ATOM   408  N  NH1 . ARG A 1 53  ? 5.773   2.892   -11.302 1.00 30.44 ? 52  ARG A NH1 1 
ATOM   409  N  NH2 . ARG A 1 53  ? 4.389   2.331   -13.032 1.00 33.33 ? 52  ARG A NH2 1 
ATOM   410  N  N   . PHE A 1 54  ? 3.127   -1.252  -4.959  1.00 19.99 ? 53  PHE A N   1 
ATOM   411  C  CA  . PHE A 1 54  ? 3.815   -1.585  -3.714  1.00 20.11 ? 53  PHE A CA  1 
ATOM   412  C  C   . PHE A 1 54  ? 4.928   -2.580  -3.958  1.00 19.85 ? 53  PHE A C   1 
ATOM   413  O  O   . PHE A 1 54  ? 4.997   -3.271  -4.954  1.00 20.11 ? 53  PHE A O   1 
ATOM   414  C  CB  . PHE A 1 54  ? 2.835   -2.028  -2.582  1.00 20.45 ? 53  PHE A CB  1 
ATOM   415  C  CG  . PHE A 1 54  ? 2.151   -3.337  -2.822  1.00 21.23 ? 53  PHE A CG  1 
ATOM   416  C  CD1 . PHE A 1 54  ? 2.741   -4.535  -2.484  1.00 21.69 ? 53  PHE A CD1 1 
ATOM   417  C  CD2 . PHE A 1 54  ? 0.863   -3.378  -3.293  1.00 24.20 ? 53  PHE A CD2 1 
ATOM   418  C  CE1 . PHE A 1 54  ? 2.109   -5.733  -2.690  1.00 22.30 ? 53  PHE A CE1 1 
ATOM   419  C  CE2 . PHE A 1 54  ? 0.231   -4.603  -3.505  1.00 23.48 ? 53  PHE A CE2 1 
ATOM   420  C  CZ  . PHE A 1 54  ? 0.851   -5.763  -3.227  1.00 23.25 ? 53  PHE A CZ  1 
ATOM   421  N  N   . ALA A 1 55  ? 5.820   -2.696  -2.978  1.00 20.44 ? 54  ALA A N   1 
ATOM   422  C  CA  . ALA A 1 55  ? 6.921   -3.646  -3.063  1.00 20.18 ? 54  ALA A CA  1 
ATOM   423  C  C   . ALA A 1 55  ? 6.909   -4.537  -1.820  1.00 20.94 ? 54  ALA A C   1 
ATOM   424  O  O   . ALA A 1 55  ? 6.597   -4.029  -0.734  1.00 21.20 ? 54  ALA A O   1 
ATOM   425  C  CB  . ALA A 1 55  ? 8.302   -2.906  -3.161  1.00 21.71 ? 54  ALA A CB  1 
ATOM   426  N  N   . ILE A 1 56  ? 7.126   -5.836  -2.054  1.00 23.04 ? 55  ILE A N   1 
ATOM   427  C  CA  . ILE A 1 56  ? 7.286   -6.828  -0.987  1.00 25.53 ? 55  ILE A CA  1 
ATOM   428  C  C   . ILE A 1 56  ? 8.484   -7.695  -1.203  1.00 24.86 ? 55  ILE A C   1 
ATOM   429  O  O   . ILE A 1 56  ? 8.990   -7.817  -2.326  1.00 25.96 ? 55  ILE A O   1 
ATOM   430  C  CB  . ILE A 1 56  ? 6.049   -7.773  -0.846  1.00 26.31 ? 55  ILE A CB  1 
ATOM   431  C  CG1 . ILE A 1 56  ? 5.806   -8.593  -2.109  1.00 27.87 ? 55  ILE A CG1 1 
ATOM   432  C  CG2 . ILE A 1 56  ? 4.891   -6.985  -0.418  1.00 25.08 ? 55  ILE A CG2 1 
ATOM   433  C  CD1 . ILE A 1 56  ? 4.613   -9.623  -1.982  1.00 28.23 ? 55  ILE A CD1 1 
ATOM   434  N  N   . GLU A 1 57  ? 8.971   -8.356  -0.146  1.00 26.88 ? 56  GLU A N   1 
ATOM   435  C  CA  . GLU A 1 57  ? 10.105  -9.261  -0.323  1.00 28.08 ? 56  GLU A CA  1 
ATOM   436  C  C   . GLU A 1 57  ? 9.719   -10.439 -1.243  1.00 27.43 ? 56  GLU A C   1 
ATOM   437  O  O   . GLU A 1 57  ? 8.590   -10.949 -1.174  1.00 28.27 ? 56  GLU A O   1 
ATOM   438  C  CB  . GLU A 1 57  ? 10.718  -9.636  1.057   1.00 28.50 ? 56  GLU A CB  1 
ATOM   439  C  CG  . GLU A 1 57  ? 11.129  -8.353  1.810   1.00 30.97 ? 56  GLU A CG  1 
ATOM   440  C  CD  . GLU A 1 57  ? 12.346  -8.466  2.743   1.00 32.96 ? 56  GLU A CD  1 
ATOM   441  O  OE1 . GLU A 1 57  ? 13.313  -9.240  2.466   1.00 37.99 ? 56  GLU A OE1 1 
ATOM   442  O  OE2 . GLU A 1 57  ? 12.333  -7.706  3.749   1.00 39.86 ? 56  GLU A OE2 1 
ATOM   443  N  N   . ALA A 1 58  ? 10.614  -10.796 -2.163  1.00 26.92 ? 57  ALA A N   1 
ATOM   444  C  CA  . ALA A 1 58  ? 10.311  -11.763 -3.225  1.00 27.95 ? 57  ALA A CA  1 
ATOM   445  C  C   . ALA A 1 58  ? 9.942   -13.152 -2.707  1.00 29.39 ? 57  ALA A C   1 
ATOM   446  O  O   . ALA A 1 58  ? 9.314   -13.929 -3.425  1.00 30.57 ? 57  ALA A O   1 
ATOM   447  C  CB  . ALA A 1 58  ? 11.500  -11.872 -4.206  1.00 27.33 ? 57  ALA A CB  1 
ATOM   448  N  N   . ASP A 1 59  ? 10.329  -13.470 -1.480  1.00 30.20 ? 58  ASP A N   1 
ATOM   449  C  CA  . ASP A 1 59  ? 10.113  -14.823 -0.946  1.00 32.37 ? 58  ASP A CA  1 
ATOM   450  C  C   . ASP A 1 59  ? 8.795   -14.910 -0.179  1.00 32.49 ? 58  ASP A C   1 
ATOM   451  O  O   . ASP A 1 59  ? 8.452   -15.969 0.378   1.00 33.73 ? 58  ASP A O   1 
ATOM   452  C  CB  . ASP A 1 59  ? 11.312  -15.269 -0.076  1.00 32.81 ? 58  ASP A CB  1 
ATOM   453  C  CG  . ASP A 1 59  ? 11.416  -14.510 1.243   1.00 35.29 ? 58  ASP A CG  1 
ATOM   454  O  OD1 . ASP A 1 59  ? 10.914  -13.360 1.376   1.00 39.79 ? 58  ASP A OD1 1 
ATOM   455  O  OD2 . ASP A 1 59  ? 12.030  -15.072 2.172   1.00 41.75 ? 58  ASP A OD2 1 
ATOM   456  N  N   . SER A 1 60  ? 8.072   -13.792 -0.155  1.00 31.74 ? 59  SER A N   1 
ATOM   457  C  CA  . SER A 1 60  ? 6.821   -13.689 0.573   1.00 30.76 ? 59  SER A CA  1 
ATOM   458  C  C   . SER A 1 60  ? 5.819   -14.727 0.077   1.00 30.95 ? 59  SER A C   1 
ATOM   459  O  O   . SER A 1 60  ? 5.693   -14.980 -1.128  1.00 30.75 ? 59  SER A O   1 
ATOM   460  C  CB  . SER A 1 60  ? 6.236   -12.284 0.402   1.00 31.59 ? 59  SER A CB  1 
ATOM   461  O  OG  . SER A 1 60  ? 4.970   -12.165 1.039   1.00 31.84 ? 59  SER A OG  1 
ATOM   462  N  N   . LEU A 1 61  ? 5.077   -15.308 1.021   1.00 30.44 ? 60  LEU A N   1 
ATOM   463  C  CA  . LEU A 1 61  ? 3.900   -16.112 0.679   1.00 30.36 ? 60  LEU A CA  1 
ATOM   464  C  C   . LEU A 1 61  ? 2.841   -15.332 -0.128  1.00 28.95 ? 60  LEU A C   1 
ATOM   465  O  O   . LEU A 1 61  ? 2.029   -15.932 -0.827  1.00 27.30 ? 60  LEU A O   1 
ATOM   466  C  CB  . LEU A 1 61  ? 3.280   -16.708 1.949   1.00 31.20 ? 60  LEU A CB  1 
ATOM   467  C  CG  . LEU A 1 61  ? 4.248   -17.578 2.776   1.00 32.69 ? 60  LEU A CG  1 
ATOM   468  C  CD1 . LEU A 1 61  ? 3.529   -18.172 3.988   1.00 35.62 ? 60  LEU A CD1 1 
ATOM   469  C  CD2 . LEU A 1 61  ? 4.912   -18.673 1.956   1.00 33.37 ? 60  LEU A CD2 1 
ATOM   470  N  N   . LEU A 1 62  ? 2.875   -14.004 -0.045  1.00 28.20 ? 61  LEU A N   1 
ATOM   471  C  CA  . LEU A 1 62  ? 1.990   -13.163 -0.829  1.00 28.16 ? 61  LEU A CA  1 
ATOM   472  C  C   . LEU A 1 62  ? 2.148   -13.343 -2.333  1.00 27.13 ? 61  LEU A C   1 
ATOM   473  O  O   . LEU A 1 62  ? 1.200   -13.132 -3.081  1.00 26.72 ? 61  LEU A O   1 
ATOM   474  C  CB  . LEU A 1 62  ? 2.152   -11.669 -0.473  1.00 28.84 ? 61  LEU A CB  1 
ATOM   475  C  CG  . LEU A 1 62  ? 1.601   -11.235 0.871   1.00 32.40 ? 61  LEU A CG  1 
ATOM   476  C  CD1 . LEU A 1 62  ? 1.604   -9.707  0.961   1.00 34.77 ? 61  LEU A CD1 1 
ATOM   477  C  CD2 . LEU A 1 62  ? 0.159   -11.771 1.085   1.00 35.13 ? 61  LEU A CD2 1 
ATOM   478  N  N   . VAL A 1 63  ? 3.326   -13.741 -2.801  1.00 26.21 ? 62  VAL A N   1 
ATOM   479  C  CA  . VAL A 1 63  ? 3.505   -13.890 -4.243  1.00 25.60 ? 62  VAL A CA  1 
ATOM   480  C  C   . VAL A 1 63  ? 2.498   -14.896 -4.794  1.00 25.07 ? 62  VAL A C   1 
ATOM   481  O  O   . VAL A 1 63  ? 1.772   -14.609 -5.744  1.00 24.97 ? 62  VAL A O   1 
ATOM   482  C  CB  . VAL A 1 63  ? 4.986   -14.256 -4.625  1.00 24.60 ? 62  VAL A CB  1 
ATOM   483  C  CG1 . VAL A 1 63  ? 5.115   -14.544 -6.136  1.00 26.41 ? 62  VAL A CG1 1 
ATOM   484  C  CG2 . VAL A 1 63  ? 5.926   -13.121 -4.166  1.00 26.29 ? 62  VAL A CG2 1 
ATOM   485  N  N   . LYS A 1 64  ? 2.435   -16.078 -4.197  1.00 25.05 ? 63  LYS A N   1 
ATOM   486  C  CA  . LYS A 1 64  ? 1.453   -17.063 -4.637  1.00 26.05 ? 63  LYS A CA  1 
ATOM   487  C  C   . LYS A 1 64  ? 0.008   -16.569 -4.431  1.00 25.36 ? 63  LYS A C   1 
ATOM   488  O  O   . LYS A 1 64  ? -0.827  -16.694 -5.324  1.00 25.90 ? 63  LYS A O   1 
ATOM   489  C  CB  . LYS A 1 64  ? 1.681   -18.388 -3.916  1.00 27.44 ? 63  LYS A CB  1 
ATOM   490  C  CG  . LYS A 1 64  ? 0.729   -19.499 -4.332  1.00 28.91 ? 63  LYS A CG  1 
ATOM   491  C  CD  . LYS A 1 64  ? 0.614   -19.665 -5.856  1.00 33.41 ? 63  LYS A CD  1 
ATOM   492  C  CE  . LYS A 1 64  ? 0.169   -21.081 -6.216  1.00 34.25 ? 63  LYS A CE  1 
ATOM   493  N  NZ  . LYS A 1 64  ? -0.672  -21.703 -5.128  1.00 37.96 ? 63  LYS A NZ  1 
ATOM   494  N  N   . THR A 1 65  ? -0.260  -15.993 -3.271  1.00 25.50 ? 64  THR A N   1 
ATOM   495  C  CA  . THR A 1 65  ? -1.616  -15.475 -2.939  1.00 25.56 ? 64  THR A CA  1 
ATOM   496  C  C   . THR A 1 65  ? -2.103  -14.492 -4.029  1.00 24.50 ? 64  THR A C   1 
ATOM   497  O  O   . THR A 1 65  ? -3.180  -14.643 -4.610  1.00 24.07 ? 64  THR A O   1 
ATOM   498  C  CB  . THR A 1 65  ? -1.628  -14.753 -1.571  1.00 25.58 ? 64  THR A CB  1 
ATOM   499  O  OG1 . THR A 1 65  ? -1.222  -15.662 -0.532  1.00 29.13 ? 64  THR A OG1 1 
ATOM   500  C  CG2 . THR A 1 65  ? -3.030  -14.197 -1.264  1.00 27.44 ? 64  THR A CG2 1 
ATOM   501  N  N   . LEU A 1 66  ? -1.250  -13.532 -4.367  1.00 23.36 ? 65  LEU A N   1 
ATOM   502  C  CA  . LEU A 1 66  ? -1.592  -12.535 -5.381  1.00 22.91 ? 65  LEU A CA  1 
ATOM   503  C  C   . LEU A 1 66  ? -1.691  -13.062 -6.794  1.00 23.70 ? 65  LEU A C   1 
ATOM   504  O  O   . LEU A 1 66  ? -2.421  -12.514 -7.611  1.00 23.79 ? 65  LEU A O   1 
ATOM   505  C  CB  . LEU A 1 66  ? -0.592  -11.370 -5.309  1.00 22.19 ? 65  LEU A CB  1 
ATOM   506  C  CG  . LEU A 1 66  ? -0.678  -10.504 -4.048  1.00 23.79 ? 65  LEU A CG  1 
ATOM   507  C  CD1 . LEU A 1 66  ? 0.558   -9.639  -3.900  1.00 23.54 ? 65  LEU A CD1 1 
ATOM   508  C  CD2 . LEU A 1 66  ? -1.956  -9.652  -4.108  1.00 23.38 ? 65  LEU A CD2 1 
ATOM   509  N  N   . ALA A 1 67  ? -0.939  -14.119 -7.096  1.00 24.23 ? 66  ALA A N   1 
ATOM   510  C  CA  . ALA A 1 67  ? -1.028  -14.761 -8.404  1.00 25.07 ? 66  ALA A CA  1 
ATOM   511  C  C   . ALA A 1 67  ? -2.383  -15.478 -8.517  1.00 25.99 ? 66  ALA A C   1 
ATOM   512  O  O   . ALA A 1 67  ? -3.056  -15.424 -9.555  1.00 27.00 ? 66  ALA A O   1 
ATOM   513  C  CB  . ALA A 1 67  ? 0.115   -15.759 -8.603  1.00 25.11 ? 66  ALA A CB  1 
ATOM   514  N  N   . ASP A 1 68  ? -2.745  -16.178 -7.448  1.00 26.24 ? 67  ASP A N   1 
ATOM   515  C  CA  . ASP A 1 68  ? -3.947  -17.007 -7.419  1.00 26.99 ? 67  ASP A CA  1 
ATOM   516  C  C   . ASP A 1 68  ? -5.204  -16.146 -7.369  1.00 26.34 ? 67  ASP A C   1 
ATOM   517  O  O   . ASP A 1 68  ? -6.209  -16.464 -8.003  1.00 26.83 ? 67  ASP A O   1 
ATOM   518  C  CB  . ASP A 1 68  ? -3.903  -17.957 -6.208  1.00 27.40 ? 67  ASP A CB  1 
ATOM   519  C  CG  . ASP A 1 68  ? -2.898  -19.111 -6.377  1.00 28.96 ? 67  ASP A CG  1 
ATOM   520  O  OD1 . ASP A 1 68  ? -2.492  -19.418 -7.512  1.00 29.14 ? 67  ASP A OD1 1 
ATOM   521  O  OD2 . ASP A 1 68  ? -2.513  -19.703 -5.351  1.00 33.09 ? 67  ASP A OD2 1 
ATOM   522  N  N   . HIS A 1 69  ? -5.139  -15.019 -6.653  1.00 25.48 ? 68  HIS A N   1 
ATOM   523  C  CA  . HIS A 1 69  ? -6.301  -14.147 -6.475  1.00 25.35 ? 68  HIS A CA  1 
ATOM   524  C  C   . HIS A 1 69  ? -5.816  -12.694 -6.518  1.00 24.05 ? 68  HIS A C   1 
ATOM   525  O  O   . HIS A 1 69  ? -5.417  -12.130 -5.487  1.00 23.75 ? 68  HIS A O   1 
ATOM   526  C  CB  . HIS A 1 69  ? -7.028  -14.447 -5.175  1.00 26.28 ? 68  HIS A CB  1 
ATOM   527  C  CG  . HIS A 1 69  ? -8.333  -13.728 -5.043  1.00 28.88 ? 68  HIS A CG  1 
ATOM   528  N  ND1 . HIS A 1 69  ? -9.355  -13.891 -5.954  1.00 34.18 ? 68  HIS A ND1 1 
ATOM   529  C  CD2 . HIS A 1 69  ? -8.770  -12.812 -4.144  1.00 33.02 ? 68  HIS A CD2 1 
ATOM   530  C  CE1 . HIS A 1 69  ? -10.380 -13.133 -5.601  1.00 34.73 ? 68  HIS A CE1 1 
ATOM   531  N  NE2 . HIS A 1 69  ? -10.053 -12.470 -4.505  1.00 34.11 ? 68  HIS A NE2 1 
ATOM   532  N  N   . PRO A 1 70  ? -5.788  -12.126 -7.737  1.00 22.75 ? 69  PRO A N   1 
ATOM   533  C  CA  . PRO A 1 70  ? -5.179  -10.836 -8.044  1.00 22.00 ? 69  PRO A CA  1 
ATOM   534  C  C   . PRO A 1 70  ? -6.010  -9.633  -7.609  1.00 21.26 ? 69  PRO A C   1 
ATOM   535  O  O   . PRO A 1 70  ? -6.405  -8.791  -8.438  1.00 21.78 ? 69  PRO A O   1 
ATOM   536  C  CB  . PRO A 1 70  ? -4.991  -10.877 -9.567  1.00 22.89 ? 69  PRO A CB  1 
ATOM   537  C  CG  . PRO A 1 70  ? -5.971  -11.830 -10.041 1.00 24.22 ? 69  PRO A CG  1 
ATOM   538  C  CD  . PRO A 1 70  ? -6.249  -12.819 -8.969  1.00 23.71 ? 69  PRO A CD  1 
ATOM   539  N  N   . VAL A 1 71  ? -6.217  -9.581  -6.303  1.00 20.68 ? 70  VAL A N   1 
ATOM   540  C  CA  . VAL A 1 71  ? -7.030  -8.543  -5.667  1.00 20.60 ? 70  VAL A CA  1 
ATOM   541  C  C   . VAL A 1 71  ? -6.360  -8.199  -4.346  1.00 22.45 ? 70  VAL A C   1 
ATOM   542  O  O   . VAL A 1 71  ? -5.808  -9.077  -3.686  1.00 24.24 ? 70  VAL A O   1 
ATOM   543  C  CB  . VAL A 1 71  ? -8.437  -9.038  -5.395  1.00 20.83 ? 70  VAL A CB  1 
ATOM   544  C  CG1 . VAL A 1 71  ? -9.270  -8.026  -4.630  1.00 22.02 ? 70  VAL A CG1 1 
ATOM   545  C  CG2 . VAL A 1 71  ? -9.145  -9.350  -6.754  1.00 21.43 ? 70  VAL A CG2 1 
ATOM   546  N  N   . PHE A 1 72  ? -6.419  -6.934  -3.958  1.00 22.40 ? 71  PHE A N   1 
ATOM   547  C  CA  . PHE A 1 72  ? -5.996  -6.606  -2.586  1.00 22.56 ? 71  PHE A CA  1 
ATOM   548  C  C   . PHE A 1 72  ? -6.806  -5.405  -2.089  1.00 23.62 ? 71  PHE A C   1 
ATOM   549  O  O   . PHE A 1 72  ? -7.416  -4.680  -2.879  1.00 24.18 ? 71  PHE A O   1 
ATOM   550  C  CB  . PHE A 1 72  ? -4.528  -6.386  -2.464  1.00 22.91 ? 71  PHE A CB  1 
ATOM   551  C  CG  . PHE A 1 72  ? -3.980  -5.165  -3.182  1.00 21.03 ? 71  PHE A CG  1 
ATOM   552  C  CD1 . PHE A 1 72  ? -4.097  -3.894  -2.602  1.00 24.68 ? 71  PHE A CD1 1 
ATOM   553  C  CD2 . PHE A 1 72  ? -3.359  -5.269  -4.391  1.00 23.87 ? 71  PHE A CD2 1 
ATOM   554  C  CE1 . PHE A 1 72  ? -3.556  -2.815  -3.223  1.00 21.34 ? 71  PHE A CE1 1 
ATOM   555  C  CE2 . PHE A 1 72  ? -2.826  -4.171  -5.030  1.00 25.61 ? 71  PHE A CE2 1 
ATOM   556  C  CZ  . PHE A 1 72  ? -2.957  -2.925  -4.433  1.00 24.93 ? 71  PHE A CZ  1 
ATOM   557  N  N   . THR A 1 73  ? -6.752  -5.233  -0.772  1.00 24.12 ? 72  THR A N   1 
ATOM   558  C  CA  . THR A 1 73  ? -7.426  -4.121  -0.067  1.00 22.47 ? 72  THR A CA  1 
ATOM   559  C  C   . THR A 1 73  ? -6.355  -3.493  0.786   1.00 22.36 ? 72  THR A C   1 
ATOM   560  O  O   . THR A 1 73  ? -5.542  -4.209  1.351   1.00 22.39 ? 72  THR A O   1 
ATOM   561  C  CB  . THR A 1 73  ? -8.586  -4.608  0.729   1.00 23.31 ? 72  THR A CB  1 
ATOM   562  O  OG1 . THR A 1 73  ? -9.548  -5.160  -0.191  1.00 26.52 ? 72  THR A OG1 1 
ATOM   563  C  CG2 . THR A 1 73  ? -9.251  -3.520  1.522   1.00 21.92 ? 72  THR A CG2 1 
ATOM   564  N  N   . LEU A 1 74  ? -6.330  -2.156  0.807   1.00 21.45 ? 73  LEU A N   1 
ATOM   565  C  CA  A LEU A 1 74  ? -5.424  -1.426  1.713   0.50 20.68 ? 73  LEU A CA  1 
ATOM   566  C  CA  B LEU A 1 74  ? -5.418  -1.401  1.667   0.50 21.68 ? 73  LEU A CA  1 
ATOM   567  C  C   . LEU A 1 74  ? -6.267  -0.581  2.626   1.00 20.72 ? 73  LEU A C   1 
ATOM   568  O  O   . LEU A 1 74  ? -7.164  0.126   2.175   1.00 21.77 ? 73  LEU A O   1 
ATOM   569  C  CB  A LEU A 1 74  ? -4.450  -0.475  0.998   0.50 22.39 ? 73  LEU A CB  1 
ATOM   570  C  CB  B LEU A 1 74  ? -4.566  -0.426  0.839   0.50 23.46 ? 73  LEU A CB  1 
ATOM   571  C  CG  A LEU A 1 74  ? -3.489  -1.063  -0.010  0.50 22.12 ? 73  LEU A CG  1 
ATOM   572  C  CG  B LEU A 1 74  ? -3.056  -0.521  0.700   0.50 25.83 ? 73  LEU A CG  1 
ATOM   573  C  CD1 A LEU A 1 74  ? -2.782  0.021   -0.752  0.50 25.59 ? 73  LEU A CD1 1 
ATOM   574  C  CD1 B LEU A 1 74  ? -2.586  -1.915  0.208   0.50 26.85 ? 73  LEU A CD1 1 
ATOM   575  C  CD2 A LEU A 1 74  ? -2.500  -1.926  0.787   0.50 25.96 ? 73  LEU A CD2 1 
ATOM   576  C  CD2 B LEU A 1 74  ? -2.547  0.616   -0.243  0.50 23.77 ? 73  LEU A CD2 1 
ATOM   577  N  N   . ILE A 1 75  ? -5.937  -0.623  3.918   1.00 18.69 ? 74  ILE A N   1 
ATOM   578  C  CA  . ILE A 1 75  ? -6.474  0.328   4.881   1.00 17.78 ? 74  ILE A CA  1 
ATOM   579  C  C   . ILE A 1 75  ? -5.418  1.377   5.126   1.00 18.97 ? 74  ILE A C   1 
ATOM   580  O  O   . ILE A 1 75  ? -4.266  1.050   5.351   1.00 18.72 ? 74  ILE A O   1 
ATOM   581  C  CB  . ILE A 1 75  ? -6.853  -0.360  6.184   1.00 18.22 ? 74  ILE A CB  1 
ATOM   582  C  CG1 . ILE A 1 75  ? -8.031  -1.318  5.916   1.00 21.22 ? 74  ILE A CG1 1 
ATOM   583  C  CG2 . ILE A 1 75  ? -7.245  0.695   7.230   1.00 18.25 ? 74  ILE A CG2 1 
ATOM   584  C  CD1 . ILE A 1 75  ? -8.359  -2.223  7.166   1.00 21.36 ? 74  ILE A CD1 1 
ATOM   585  N  N   . PHE A 1 76  ? -5.798  2.650   5.045   1.00 18.64 ? 75  PHE A N   1 
ATOM   586  C  CA  . PHE A 1 76  ? -4.832  3.742   5.203   1.00 18.66 ? 75  PHE A CA  1 
ATOM   587  C  C   . PHE A 1 76  ? -5.464  4.965   5.874   1.00 20.41 ? 75  PHE A C   1 
ATOM   588  O  O   . PHE A 1 76  ? -6.675  5.106   5.882   1.00 19.54 ? 75  PHE A O   1 
ATOM   589  C  CB  . PHE A 1 76  ? -4.237  4.076   3.811   1.00 19.52 ? 75  PHE A CB  1 
ATOM   590  C  CG  . PHE A 1 76  ? -5.199  4.668   2.843   1.00 18.44 ? 75  PHE A CG  1 
ATOM   591  C  CD1 . PHE A 1 76  ? -6.086  3.899   2.098   1.00 18.87 ? 75  PHE A CD1 1 
ATOM   592  C  CD2 . PHE A 1 76  ? -5.234  6.038   2.621   1.00 21.23 ? 75  PHE A CD2 1 
ATOM   593  C  CE1 . PHE A 1 76  ? -6.944  4.467   1.172   1.00 18.87 ? 75  PHE A CE1 1 
ATOM   594  C  CE2 . PHE A 1 76  ? -6.061  6.600   1.668   1.00 21.78 ? 75  PHE A CE2 1 
ATOM   595  C  CZ  . PHE A 1 76  ? -6.988  5.827   0.974   1.00 19.49 ? 75  PHE A CZ  1 
ATOM   596  N  N   . PHE A 1 77  ? -4.610  5.813   6.448   1.00 19.64 ? 76  PHE A N   1 
ATOM   597  C  CA  . PHE A 1 77  ? -5.028  7.081   7.039   1.00 19.61 ? 76  PHE A CA  1 
ATOM   598  C  C   . PHE A 1 77  ? -4.869  8.227   6.042   1.00 20.78 ? 76  PHE A C   1 
ATOM   599  O  O   . PHE A 1 77  ? -3.833  8.284   5.343   1.00 21.69 ? 76  PHE A O   1 
ATOM   600  C  CB  . PHE A 1 77  ? -4.194  7.353   8.283   1.00 20.56 ? 76  PHE A CB  1 
ATOM   601  C  CG  . PHE A 1 77  ? -4.406  6.377   9.393   1.00 22.14 ? 76  PHE A CG  1 
ATOM   602  C  CD1 . PHE A 1 77  ? -3.812  5.097   9.367   1.00 21.16 ? 76  PHE A CD1 1 
ATOM   603  C  CD2 . PHE A 1 77  ? -5.250  6.703   10.441  1.00 21.95 ? 76  PHE A CD2 1 
ATOM   604  C  CE1 . PHE A 1 77  ? -4.039  4.206   10.388  1.00 23.96 ? 76  PHE A CE1 1 
ATOM   605  C  CE2 . PHE A 1 77  ? -5.467  5.801   11.464  1.00 22.58 ? 76  PHE A CE2 1 
ATOM   606  C  CZ  . PHE A 1 77  ? -4.865  4.533   11.410  1.00 23.33 ? 76  PHE A CZ  1 
ATOM   607  N  N   . ALA A 1 78  ? -5.893  9.070   5.908   1.00 21.11 ? 77  ALA A N   1 
ATOM   608  C  CA  . ALA A 1 78  ? -5.798  10.330  5.106   1.00 21.82 ? 77  ALA A CA  1 
ATOM   609  C  C   . ALA A 1 78  ? -6.857  11.307  5.621   1.00 23.29 ? 77  ALA A C   1 
ATOM   610  O  O   . ALA A 1 78  ? -7.703  10.912  6.396   1.00 22.86 ? 77  ALA A O   1 
ATOM   611  C  CB  . ALA A 1 78  ? -6.057  10.074  3.656   1.00 23.09 ? 77  ALA A CB  1 
ATOM   612  N  N   . ASP A 1 79  ? -6.846  12.571  5.149   1.00 24.76 ? 78  ASP A N   1 
ATOM   613  C  CA  . ASP A 1 79  ? -7.732  13.588  5.748   1.00 24.16 ? 78  ASP A CA  1 
ATOM   614  C  C   . ASP A 1 79  ? -7.662  13.401  7.302   1.00 24.78 ? 78  ASP A C   1 
ATOM   615  O  O   . ASP A 1 79  ? -6.595  13.246  7.884   1.00 25.61 ? 78  ASP A O   1 
ATOM   616  C  CB  . ASP A 1 79  ? -9.186  13.450  5.197   1.00 25.80 ? 78  ASP A CB  1 
ATOM   617  C  CG  . ASP A 1 79  ? -9.266  13.549  3.658   1.00 30.53 ? 78  ASP A CG  1 
ATOM   618  O  OD1 . ASP A 1 79  ? -8.935  14.638  3.123   1.00 28.50 ? 78  ASP A OD1 1 
ATOM   619  O  OD2 . ASP A 1 79  ? -9.652  12.540  2.994   1.00 33.79 ? 78  ASP A OD2 1 
ATOM   620  N  N   . GLN A 1 80  ? -8.794  13.397  7.979   1.00 22.71 ? 79  GLN A N   1 
ATOM   621  C  CA  . GLN A 1 80  ? -8.830  13.010  9.402   1.00 21.10 ? 79  GLN A CA  1 
ATOM   622  C  C   . GLN A 1 80  ? -9.643  11.724  9.538   1.00 20.20 ? 79  GLN A C   1 
ATOM   623  O  O   . GLN A 1 80  ? -10.466 11.575  10.436  1.00 19.04 ? 79  GLN A O   1 
ATOM   624  C  CB  . GLN A 1 80  ? -9.422  14.095  10.280  1.00 21.43 ? 79  GLN A CB  1 
ATOM   625  C  CG  . GLN A 1 80  ? -8.458  15.249  10.562  1.00 21.32 ? 79  GLN A CG  1 
ATOM   626  C  CD  . GLN A 1 80  ? -8.920  16.045  11.760  1.00 21.11 ? 79  GLN A CD  1 
ATOM   627  O  OE1 . GLN A 1 80  ? -8.120  16.435  12.623  1.00 27.29 ? 79  GLN A OE1 1 
ATOM   628  N  NE2 . GLN A 1 80  ? -10.237 16.214  11.888  1.00 20.97 ? 79  GLN A NE2 1 
ATOM   629  N  N   . SER A 1 81  ? -9.398  10.782  8.639   1.00 19.51 ? 80  SER A N   1 
ATOM   630  C  CA  . SER A 1 81  ? -10.188 9.548   8.665   1.00 17.63 ? 80  SER A CA  1 
ATOM   631  C  C   . SER A 1 81  ? -9.328  8.325   8.349   1.00 16.85 ? 80  SER A C   1 
ATOM   632  O  O   . SER A 1 81  ? -8.107  8.422   8.186   1.00 17.59 ? 80  SER A O   1 
ATOM   633  C  CB  . SER A 1 81  ? -11.436 9.595   7.777   1.00 19.00 ? 80  SER A CB  1 
ATOM   634  O  OG  . SER A 1 81  ? -12.436 8.653   8.288   1.00 19.26 ? 80  SER A OG  1 
ATOM   635  N  N   . THR A 1 82  ? -10.001 7.173   8.299   1.00 16.89 ? 81  THR A N   1 
ATOM   636  C  CA  . THR A 1 82  ? -9.444  5.906   7.893   1.00 17.24 ? 81  THR A CA  1 
ATOM   637  C  C   . THR A 1 82  ? -10.244 5.431   6.705   1.00 16.31 ? 81  THR A C   1 
ATOM   638  O  O   . THR A 1 82  ? -11.452 5.382   6.711   1.00 17.31 ? 81  THR A O   1 
ATOM   639  C  CB  . THR A 1 82  ? -9.550  4.856   9.014   1.00 17.29 ? 81  THR A CB  1 
ATOM   640  O  OG1 . THR A 1 82  ? -10.910 4.693   9.388   1.00 18.03 ? 81  THR A OG1 1 
ATOM   641  C  CG2 . THR A 1 82  ? -8.757  5.274   10.235  1.00 19.33 ? 81  THR A CG2 1 
ATOM   642  N  N   . TYR A 1 83  ? -9.522  5.064   5.655   1.00 18.64 ? 82  TYR A N   1 
ATOM   643  C  CA  . TYR A 1 83  ? -10.148 4.619   4.413   1.00 18.21 ? 82  TYR A CA  1 
ATOM   644  C  C   . TYR A 1 83  ? -9.693  3.216   4.036   1.00 18.34 ? 82  TYR A C   1 
ATOM   645  O  O   . TYR A 1 83  ? -8.617  2.756   4.459   1.00 19.36 ? 82  TYR A O   1 
ATOM   646  C  CB  . TYR A 1 83  ? -9.743  5.545   3.260   1.00 18.07 ? 82  TYR A CB  1 
ATOM   647  C  CG  . TYR A 1 83  ? -10.155 6.970   3.448   1.00 20.22 ? 82  TYR A CG  1 
ATOM   648  C  CD1 . TYR A 1 83  ? -9.327  7.841   4.105   1.00 20.25 ? 82  TYR A CD1 1 
ATOM   649  C  CD2 . TYR A 1 83  ? -11.377 7.402   2.988   1.00 20.75 ? 82  TYR A CD2 1 
ATOM   650  C  CE1 . TYR A 1 83  ? -9.719  9.172   4.298   1.00 22.81 ? 82  TYR A CE1 1 
ATOM   651  C  CE2 . TYR A 1 83  ? -11.749 8.724   3.126   1.00 19.95 ? 82  TYR A CE2 1 
ATOM   652  C  CZ  . TYR A 1 83  ? -10.913 9.560   3.822   1.00 19.16 ? 82  TYR A CZ  1 
ATOM   653  O  OH  . TYR A 1 83  ? -11.332 10.895  3.977   1.00 22.99 ? 82  TYR A OH  1 
ATOM   654  N  N   . SER A 1 84  ? -10.498 2.572   3.194   1.00 18.92 ? 83  SER A N   1 
ATOM   655  C  CA  A SER A 1 84  ? -10.045 1.350   2.545   0.50 18.62 ? 83  SER A CA  1 
ATOM   656  C  CA  B SER A 1 84  ? -10.117 1.320   2.551   0.50 20.16 ? 83  SER A CA  1 
ATOM   657  C  C   . SER A 1 84  ? -10.085 1.636   1.054   1.00 19.87 ? 83  SER A C   1 
ATOM   658  O  O   . SER A 1 84  ? -10.927 2.408   0.567   1.00 21.19 ? 83  SER A O   1 
ATOM   659  C  CB  A SER A 1 84  ? -10.929 0.157   2.880   0.50 18.79 ? 83  SER A CB  1 
ATOM   660  C  CB  B SER A 1 84  ? -11.174 0.247   2.832   0.50 21.20 ? 83  SER A CB  1 
ATOM   661  O  OG  A SER A 1 84  ? -12.186 0.251   2.202   0.50 18.88 ? 83  SER A OG  1 
ATOM   662  O  OG  B SER A 1 84  ? -10.654 -1.067  2.827   0.50 28.06 ? 83  SER A OG  1 
ATOM   663  N  N   . LEU A 1 85  ? -9.145  1.046   0.331   1.00 18.77 ? 84  LEU A N   1 
ATOM   664  C  CA  . LEU A 1 85  ? -9.247  0.993   -1.112  1.00 19.43 ? 84  LEU A CA  1 
ATOM   665  C  C   . LEU A 1 85  ? -9.103  -0.467  -1.506  1.00 19.07 ? 84  LEU A C   1 
ATOM   666  O  O   . LEU A 1 85  ? -8.475  -1.268  -0.808  1.00 19.46 ? 84  LEU A O   1 
ATOM   667  C  CB  . LEU A 1 85  ? -8.260  1.871   -1.829  1.00 20.41 ? 84  LEU A CB  1 
ATOM   668  C  CG  . LEU A 1 85  ? -6.782  1.622   -1.682  1.00 20.67 ? 84  LEU A CG  1 
ATOM   669  C  CD1 . LEU A 1 85  ? -6.277  0.458   -2.585  1.00 20.39 ? 84  LEU A CD1 1 
ATOM   670  C  CD2 . LEU A 1 85  ? -5.926  2.878   -1.940  1.00 23.26 ? 84  LEU A CD2 1 
ATOM   671  N  N   . THR A 1 86  ? -9.739  -0.794  -2.631  1.00 20.09 ? 85  THR A N   1 
ATOM   672  C  CA  A THR A 1 86  ? -9.542  -2.138  -3.170  0.50 19.37 ? 85  THR A CA  1 
ATOM   673  C  CA  B THR A 1 86  ? -9.692  -2.137  -3.204  0.50 19.98 ? 85  THR A CA  1 
ATOM   674  C  C   . THR A 1 86  ? -9.094  -2.045  -4.611  1.00 19.44 ? 85  THR A C   1 
ATOM   675  O  O   . THR A 1 86  ? -9.522  -1.158  -5.373  1.00 20.90 ? 85  THR A O   1 
ATOM   676  C  CB  A THR A 1 86  ? -10.756 -3.037  -3.039  0.50 19.75 ? 85  THR A CB  1 
ATOM   677  C  CB  B THR A 1 86  ? -11.108 -2.683  -3.310  0.50 20.97 ? 85  THR A CB  1 
ATOM   678  O  OG1 A THR A 1 86  ? -10.993 -3.314  -1.649  0.50 19.86 ? 85  THR A OG1 1 
ATOM   679  O  OG1 B THR A 1 86  ? -11.922 -1.800  -4.116  0.50 22.40 ? 85  THR A OG1 1 
ATOM   680  C  CG2 A THR A 1 86  ? -10.530 -4.338  -3.764  0.50 17.67 ? 85  THR A CG2 1 
ATOM   681  C  CG2 B THR A 1 86  ? -11.735 -2.760  -1.899  0.50 20.07 ? 85  THR A CG2 1 
ATOM   682  N  N   . CYS A 1 87  ? -8.142  -2.907  -4.948  1.00 20.23 ? 86  CYS A N   1 
ATOM   683  C  CA  . CYS A 1 87  ? -7.577  -2.972  -6.298  1.00 19.90 ? 86  CYS A CA  1 
ATOM   684  C  C   . CYS A 1 87  ? -7.841  -4.320  -6.923  1.00 19.97 ? 86  CYS A C   1 
ATOM   685  O  O   . CYS A 1 87  ? -7.746  -5.354  -6.276  1.00 20.42 ? 86  CYS A O   1 
ATOM   686  C  CB  . CYS A 1 87  ? -6.067  -2.751  -6.323  1.00 19.55 ? 86  CYS A CB  1 
ATOM   687  S  SG  . CYS A 1 87  ? -5.554  -1.064  -5.918  1.00 23.35 ? 86  CYS A SG  1 
ATOM   688  N  N   . THR A 1 88  ? -8.159  -4.290  -8.218  1.00 20.81 ? 87  THR A N   1 
ATOM   689  C  CA  . THR A 1 88  ? -8.250  -5.477  -9.022  1.00 22.61 ? 87  THR A CA  1 
ATOM   690  C  C   . THR A 1 88  ? -7.183  -5.418  -10.099 1.00 22.40 ? 87  THR A C   1 
ATOM   691  O  O   . THR A 1 88  ? -6.418  -4.433  -10.226 1.00 22.46 ? 87  THR A O   1 
ATOM   692  C  CB  . THR A 1 88  ? -9.629  -5.589  -9.685  1.00 23.14 ? 87  THR A CB  1 
ATOM   693  O  OG1 . THR A 1 88  ? -9.859  -4.416  -10.479 1.00 23.88 ? 87  THR A OG1 1 
ATOM   694  C  CG2 . THR A 1 88  ? -10.702 -5.754  -8.567  1.00 24.72 ? 87  THR A CG2 1 
ATOM   695  N  N   . ASP A 1 89  ? -7.097  -6.492  -10.871 1.00 24.64 ? 88  ASP A N   1 
ATOM   696  C  CA  . ASP A 1 89  ? -6.185  -6.572  -12.003 1.00 25.18 ? 88  ASP A CA  1 
ATOM   697  C  C   . ASP A 1 89  ? -4.751  -6.412  -11.508 1.00 24.10 ? 88  ASP A C   1 
ATOM   698  O  O   . ASP A 1 89  ? -3.915  -5.758  -12.125 1.00 25.36 ? 88  ASP A O   1 
ATOM   699  C  CB  . ASP A 1 89  ? -6.510  -5.509  -13.055 1.00 26.63 ? 88  ASP A CB  1 
ATOM   700  C  CG  . ASP A 1 89  ? -7.770  -5.824  -13.854 1.00 31.22 ? 88  ASP A CG  1 
ATOM   701  O  OD1 . ASP A 1 89  ? -8.233  -6.990  -13.885 1.00 33.89 ? 88  ASP A OD1 1 
ATOM   702  O  OD2 . ASP A 1 89  ? -8.302  -4.887  -14.482 1.00 41.13 ? 88  ASP A OD2 1 
ATOM   703  N  N   . VAL A 1 90  ? -4.505  -6.997  -10.345 1.00 22.45 ? 89  VAL A N   1 
ATOM   704  C  CA  . VAL A 1 90  ? -3.219  -6.854  -9.679  1.00 21.63 ? 89  VAL A CA  1 
ATOM   705  C  C   . VAL A 1 90  ? -2.213  -7.666  -10.453 1.00 21.06 ? 89  VAL A C   1 
ATOM   706  O  O   . VAL A 1 90  ? -2.449  -8.844  -10.765 1.00 22.15 ? 89  VAL A O   1 
ATOM   707  C  CB  . VAL A 1 90  ? -3.295  -7.328  -8.244  1.00 21.42 ? 89  VAL A CB  1 
ATOM   708  C  CG1 . VAL A 1 90  ? -1.925  -7.253  -7.627  1.00 23.92 ? 89  VAL A CG1 1 
ATOM   709  C  CG2 . VAL A 1 90  ? -4.313  -6.471  -7.504  1.00 21.85 ? 89  VAL A CG2 1 
ATOM   710  N  N   . ALA A 1 91  ? -1.092  -7.034  -10.789 1.00 20.23 ? 90  ALA A N   1 
ATOM   711  C  CA  . ALA A 1 91  ? -0.051  -7.696  -11.595 1.00 20.56 ? 90  ALA A CA  1 
ATOM   712  C  C   . ALA A 1 91  ? 1.303   -7.358  -11.023 1.00 20.33 ? 90  ALA A C   1 
ATOM   713  O  O   . ALA A 1 91  ? 1.557   -6.228  -10.559 1.00 20.34 ? 90  ALA A O   1 
ATOM   714  C  CB  . ALA A 1 91  ? -0.132  -7.240  -13.049 1.00 21.45 ? 90  ALA A CB  1 
ATOM   715  N  N   . ALA A 1 92  ? 2.194   -8.345  -11.056 1.00 20.63 ? 91  ALA A N   1 
ATOM   716  C  CA  . ALA A 1 92  ? 3.597   -8.097  -10.829 1.00 21.11 ? 91  ALA A CA  1 
ATOM   717  C  C   . ALA A 1 92  ? 4.164   -7.303  -12.006 1.00 21.24 ? 91  ALA A C   1 
ATOM   718  O  O   . ALA A 1 92  ? 3.728   -7.454  -13.134 1.00 21.62 ? 91  ALA A O   1 
ATOM   719  C  CB  . ALA A 1 92  ? 4.375   -9.448  -10.685 1.00 21.51 ? 91  ALA A CB  1 
ATOM   720  N  N   . TRP A 1 93  ? 5.135   -6.458  -11.726 1.00 20.97 ? 92  TRP A N   1 
ATOM   721  C  CA  . TRP A 1 93  ? 5.861   -5.743  -12.780 1.00 21.58 ? 92  TRP A CA  1 
ATOM   722  C  C   . TRP A 1 93  ? 7.312   -5.715  -12.374 1.00 21.05 ? 92  TRP A C   1 
ATOM   723  O  O   . TRP A 1 93  ? 7.658   -6.010  -11.241 1.00 19.35 ? 92  TRP A O   1 
ATOM   724  C  CB  . TRP A 1 93  ? 5.277   -4.347  -12.982 1.00 21.11 ? 92  TRP A CB  1 
ATOM   725  C  CG  . TRP A 1 93  ? 5.327   -3.462  -11.797 1.00 21.69 ? 92  TRP A CG  1 
ATOM   726  C  CD1 . TRP A 1 93  ? 4.451   -3.444  -10.757 1.00 21.12 ? 92  TRP A CD1 1 
ATOM   727  C  CD2 . TRP A 1 93  ? 6.245   -2.392  -11.552 1.00 21.81 ? 92  TRP A CD2 1 
ATOM   728  N  NE1 . TRP A 1 93  ? 4.794   -2.481  -9.860  1.00 22.06 ? 92  TRP A NE1 1 
ATOM   729  C  CE2 . TRP A 1 93  ? 5.885   -1.806  -10.327 1.00 22.70 ? 92  TRP A CE2 1 
ATOM   730  C  CE3 . TRP A 1 93  ? 7.375   -1.899  -12.230 1.00 22.17 ? 92  TRP A CE3 1 
ATOM   731  C  CZ2 . TRP A 1 93  ? 6.608   -0.768  -9.759  1.00 21.45 ? 92  TRP A CZ2 1 
ATOM   732  C  CZ3 . TRP A 1 93  ? 8.076   -0.853  -11.654 1.00 22.18 ? 92  TRP A CZ3 1 
ATOM   733  C  CH2 . TRP A 1 93  ? 7.699   -0.303  -10.470 1.00 20.94 ? 92  TRP A CH2 1 
ATOM   734  N  N   . GLU A 1 94  ? 8.178   -5.382  -13.309 1.00 21.82 ? 93  GLU A N   1 
ATOM   735  C  CA  . GLU A 1 94  ? 9.587   -5.367  -13.058 1.00 23.94 ? 93  GLU A CA  1 
ATOM   736  C  C   . GLU A 1 94  ? 10.158  -4.016  -13.453 1.00 24.02 ? 93  GLU A C   1 
ATOM   737  O  O   . GLU A 1 94  ? 9.646   -3.363  -14.339 1.00 24.82 ? 93  GLU A O   1 
ATOM   738  C  CB  . GLU A 1 94  ? 10.284  -6.453  -13.895 1.00 23.74 ? 93  GLU A CB  1 
ATOM   739  C  CG  . GLU A 1 94  ? 9.886   -7.865  -13.529 1.00 24.34 ? 93  GLU A CG  1 
ATOM   740  C  CD  . GLU A 1 94  ? 10.558  -8.932  -14.371 1.00 25.49 ? 93  GLU A CD  1 
ATOM   741  O  OE1 . GLU A 1 94  ? 10.932  -8.668  -15.535 1.00 25.42 ? 93  GLU A OE1 1 
ATOM   742  O  OE2 . GLU A 1 94  ? 10.708  -10.045 -13.840 1.00 27.01 ? 93  GLU A OE2 1 
ATOM   743  N  N   . THR A 1 95  ? 11.207  -3.627  -12.749 1.00 25.01 ? 94  THR A N   1 
ATOM   744  C  CA  . THR A 1 95  ? 11.927  -2.375  -12.987 1.00 25.37 ? 94  THR A CA  1 
ATOM   745  C  C   . THR A 1 95  ? 13.244  -2.726  -13.672 1.00 25.55 ? 94  THR A C   1 
ATOM   746  O  O   . THR A 1 95  ? 13.744  -3.836  -13.503 1.00 25.14 ? 94  THR A O   1 
ATOM   747  C  CB  . THR A 1 95  ? 12.180  -1.635  -11.683 1.00 26.20 ? 94  THR A CB  1 
ATOM   748  O  OG1 . THR A 1 95  ? 12.782  -0.364  -11.941 1.00 28.91 ? 94  THR A OG1 1 
ATOM   749  C  CG2 . THR A 1 95  ? 13.009  -2.437  -10.694 1.00 23.47 ? 94  THR A CG2 1 
ATOM   750  N  N   . THR A 1 96  ? 13.772  -1.793  -14.466 1.00 25.29 ? 95  THR A N   1 
ATOM   751  C  CA  . THR A 1 96  ? 15.162  -1.901  -14.961 1.00 25.47 ? 95  THR A CA  1 
ATOM   752  C  C   . THR A 1 96  ? 16.167  -1.319  -13.959 1.00 25.06 ? 95  THR A C   1 
ATOM   753  O  O   . THR A 1 96  ? 17.386  -1.480  -14.139 1.00 25.69 ? 95  THR A O   1 
ATOM   754  C  CB  . THR A 1 96  ? 15.332  -1.162  -16.288 1.00 25.83 ? 95  THR A CB  1 
ATOM   755  O  OG1 . THR A 1 96  ? 15.015  0.229   -16.092 1.00 28.21 ? 95  THR A OG1 1 
ATOM   756  C  CG2 . THR A 1 96  ? 14.419  -1.741  -17.334 1.00 26.05 ? 95  THR A CG2 1 
ATOM   757  N  N   . ALA A 1 97  ? 15.688  -0.600  -12.954 1.00 25.53 ? 96  ALA A N   1 
ATOM   758  C  CA  . ALA A 1 97  ? 16.562  -0.096  -11.882 1.00 24.79 ? 96  ALA A CA  1 
ATOM   759  C  C   . ALA A 1 97  ? 17.276  -1.221  -11.151 1.00 24.26 ? 96  ALA A C   1 
ATOM   760  O  O   . ALA A 1 97  ? 16.783  -2.339  -11.065 1.00 24.00 ? 96  ALA A O   1 
ATOM   761  C  CB  . ALA A 1 97  ? 15.764  0.718   -10.867 1.00 26.37 ? 96  ALA A CB  1 
ATOM   762  N  N   . ARG A 1 98  ? 18.430  -0.906  -10.572 1.00 22.83 ? 97  ARG A N   1 
ATOM   763  C  CA  . ARG A 1 98  ? 19.109  -1.851  -9.708  1.00 22.23 ? 97  ARG A CA  1 
ATOM   764  C  C   . ARG A 1 98  ? 18.278  -2.126  -8.468  1.00 23.14 ? 97  ARG A C   1 
ATOM   765  O  O   . ARG A 1 98  ? 17.896  -1.197  -7.764  1.00 23.72 ? 97  ARG A O   1 
ATOM   766  C  CB  . ARG A 1 98  ? 20.500  -1.315  -9.267  1.00 22.49 ? 97  ARG A CB  1 
ATOM   767  C  CG  . ARG A 1 98  ? 21.356  -2.332  -8.486  1.00 21.39 ? 97  ARG A CG  1 
ATOM   768  C  CD  . ARG A 1 98  ? 22.084  -3.300  -9.429  1.00 18.42 ? 97  ARG A CD  1 
ATOM   769  N  NE  . ARG A 1 98  ? 22.949  -2.553  -10.342 1.00 16.92 ? 97  ARG A NE  1 
ATOM   770  C  CZ  . ARG A 1 98  ? 23.380  -2.966  -11.526 1.00 16.73 ? 97  ARG A CZ  1 
ATOM   771  N  NH1 . ARG A 1 98  ? 23.057  -4.150  -12.000 1.00 19.34 ? 97  ARG A NH1 1 
ATOM   772  N  NH2 . ARG A 1 98  ? 24.136  -2.172  -12.263 1.00 16.25 ? 97  ARG A NH2 1 
ATOM   773  N  N   . LEU A 1 99  ? 18.069  -3.404  -8.163  1.00 23.45 ? 98  LEU A N   1 
ATOM   774  C  CA  . LEU A 1 99  ? 17.338  -3.817  -6.970  1.00 24.51 ? 98  LEU A CA  1 
ATOM   775  C  C   . LEU A 1 99  ? 18.266  -3.884  -5.774  1.00 24.61 ? 98  LEU A C   1 
ATOM   776  O  O   . LEU A 1 99  ? 19.278  -4.561  -5.836  1.00 24.77 ? 98  LEU A O   1 
ATOM   777  C  CB  . LEU A 1 99  ? 16.666  -5.192  -7.149  1.00 24.26 ? 98  LEU A CB  1 
ATOM   778  C  CG  . LEU A 1 99  ? 15.488  -5.231  -8.132  1.00 26.58 ? 98  LEU A CG  1 
ATOM   779  C  CD1 . LEU A 1 99  ? 14.864  -6.644  -8.101  1.00 25.78 ? 98  LEU A CD1 1 
ATOM   780  C  CD2 . LEU A 1 99  ? 14.456  -4.149  -7.781  1.00 27.02 ? 98  LEU A CD2 1 
ATOM   781  N  N   . PRO A 1 100 ? 17.937  -3.172  -4.696  1.00 24.56 ? 99  PRO A N   1 
ATOM   782  C  CA  . PRO A 1 100 ? 18.754  -3.209  -3.485  1.00 25.16 ? 99  PRO A CA  1 
ATOM   783  C  C   . PRO A 1 100 ? 18.520  -4.422  -2.568  1.00 25.29 ? 99  PRO A C   1 
ATOM   784  O  O   . PRO A 1 100 ? 19.307  -4.663  -1.670  1.00 24.88 ? 99  PRO A O   1 
ATOM   785  C  CB  . PRO A 1 100 ? 18.365  -1.903  -2.792  1.00 25.71 ? 99  PRO A CB  1 
ATOM   786  C  CG  . PRO A 1 100 ? 16.972  -1.696  -3.175  1.00 26.69 ? 99  PRO A CG  1 
ATOM   787  C  CD  . PRO A 1 100 ? 16.799  -2.247  -4.562  1.00 25.83 ? 99  PRO A CD  1 
ATOM   788  N  N   . LEU A 1 101 ? 17.447  -5.167  -2.851  1.00 26.59 ? 100 LEU A N   1 
ATOM   789  C  CA  . LEU A 1 101 ? 16.882  -6.240  -2.025  1.00 26.19 ? 100 LEU A CA  1 
ATOM   790  C  C   . LEU A 1 101 ? 16.134  -7.152  -3.009  1.00 25.32 ? 100 LEU A C   1 
ATOM   791  O  O   . LEU A 1 101 ? 15.677  -6.664  -4.025  1.00 24.38 ? 100 LEU A O   1 
ATOM   792  C  CB  . LEU A 1 101 ? 15.850  -5.608  -1.057  1.00 28.28 ? 100 LEU A CB  1 
ATOM   793  C  CG  . LEU A 1 101 ? 15.163  -6.430  0.023   1.00 28.76 ? 100 LEU A CG  1 
ATOM   794  C  CD1 . LEU A 1 101 ? 14.963  -5.583  1.230   1.00 29.23 ? 100 LEU A CD1 1 
ATOM   795  C  CD2 . LEU A 1 101 ? 13.826  -7.011  -0.441  1.00 34.15 ? 100 LEU A CD2 1 
ATOM   796  N  N   . LYS A 1 102 ? 15.991  -8.451  -2.754  1.00 25.64 ? 101 LYS A N   1 
ATOM   797  C  CA  . LYS A 1 102 ? 15.144  -9.269  -3.664  1.00 26.82 ? 101 LYS A CA  1 
ATOM   798  C  C   . LYS A 1 102 ? 13.687  -8.892  -3.325  1.00 25.85 ? 101 LYS A C   1 
ATOM   799  O  O   . LYS A 1 102 ? 13.179  -9.278  -2.264  1.00 27.11 ? 101 LYS A O   1 
ATOM   800  C  CB  . LYS A 1 102 ? 15.337  -10.784 -3.473  1.00 27.00 ? 101 LYS A CB  1 
ATOM   801  C  CG  . LYS A 1 102 ? 16.267  -11.450 -4.440  1.00 30.89 ? 101 LYS A CG  1 
ATOM   802  C  CD  . LYS A 1 102 ? 16.439  -12.957 -4.152  1.00 30.63 ? 101 LYS A CD  1 
ATOM   803  C  CE  . LYS A 1 102 ? 17.748  -13.479 -4.717  1.00 33.48 ? 101 LYS A CE  1 
ATOM   804  N  NZ  . LYS A 1 102 ? 17.814  -14.962 -4.963  1.00 35.14 ? 101 LYS A NZ  1 
ATOM   805  N  N   . VAL A 1 103 ? 13.079  -8.073  -4.173  1.00 24.73 ? 102 VAL A N   1 
ATOM   806  C  CA  . VAL A 1 103 ? 11.682  -7.687  -3.972  1.00 24.53 ? 102 VAL A CA  1 
ATOM   807  C  C   . VAL A 1 103 ? 10.825  -8.021  -5.141  1.00 24.47 ? 102 VAL A C   1 
ATOM   808  O  O   . VAL A 1 103 ? 11.286  -8.102  -6.254  1.00 25.61 ? 102 VAL A O   1 
ATOM   809  C  CB  . VAL A 1 103 ? 11.527  -6.206  -3.705  1.00 25.02 ? 102 VAL A CB  1 
ATOM   810  C  CG1 . VAL A 1 103 ? 12.170  -5.851  -2.437  1.00 25.99 ? 102 VAL A CG1 1 
ATOM   811  C  CG2 . VAL A 1 103 ? 12.029  -5.363  -4.887  1.00 26.11 ? 102 VAL A CG2 1 
ATOM   812  N  N   . ALA A 1 104 ? 9.534   -8.216  -4.870  1.00 23.04 ? 103 ALA A N   1 
ATOM   813  C  CA  . ALA A 1 104 ? 8.555   -8.295  -5.930  1.00 23.34 ? 103 ALA A CA  1 
ATOM   814  C  C   . ALA A 1 104 ? 7.746   -6.979  -5.878  1.00 21.88 ? 103 ALA A C   1 
ATOM   815  O  O   . ALA A 1 104 ? 7.424   -6.442  -4.816  1.00 22.80 ? 103 ALA A O   1 
ATOM   816  C  CB  . ALA A 1 104 ? 7.649   -9.523  -5.758  1.00 23.39 ? 103 ALA A CB  1 
ATOM   817  N  N   . LEU A 1 105 ? 7.439   -6.483  -7.070  1.00 21.80 ? 104 LEU A N   1 
ATOM   818  C  CA  . LEU A 1 105 ? 6.769   -5.205  -7.267  1.00 21.47 ? 104 LEU A CA  1 
ATOM   819  C  C   . LEU A 1 105 ? 5.406   -5.480  -7.836  1.00 20.40 ? 104 LEU A C   1 
ATOM   820  O  O   . LEU A 1 105 ? 5.271   -6.276  -8.776  1.00 20.56 ? 104 LEU A O   1 
ATOM   821  C  CB  . LEU A 1 105 ? 7.569   -4.406  -8.289  1.00 20.99 ? 104 LEU A CB  1 
ATOM   822  C  CG  . LEU A 1 105 ? 9.013   -4.173  -7.904  1.00 22.52 ? 104 LEU A CG  1 
ATOM   823  C  CD1 . LEU A 1 105 ? 9.631   -3.436  -9.084  1.00 20.96 ? 104 LEU A CD1 1 
ATOM   824  C  CD2 . LEU A 1 105 ? 9.158   -3.378  -6.604  1.00 21.67 ? 104 LEU A CD2 1 
ATOM   825  N  N   . TYR A 1 106 ? 4.387   -4.808  -7.272  1.00 20.61 ? 105 TYR A N   1 
ATOM   826  C  CA  . TYR A 1 106 ? 3.000   -5.004  -7.692  1.00 21.28 ? 105 TYR A CA  1 
ATOM   827  C  C   . TYR A 1 106 ? 2.332   -3.698  -8.064  1.00 21.33 ? 105 TYR A C   1 
ATOM   828  O  O   . TYR A 1 106 ? 2.714   -2.632  -7.595  1.00 20.52 ? 105 TYR A O   1 
ATOM   829  C  CB  . TYR A 1 106 ? 2.183   -5.726  -6.600  1.00 21.60 ? 105 TYR A CB  1 
ATOM   830  C  CG  . TYR A 1 106 ? 2.562   -7.171  -6.495  1.00 19.93 ? 105 TYR A CG  1 
ATOM   831  C  CD1 . TYR A 1 106 ? 1.975   -8.116  -7.284  1.00 21.33 ? 105 TYR A CD1 1 
ATOM   832  C  CD2 . TYR A 1 106 ? 3.626   -7.576  -5.672  1.00 22.12 ? 105 TYR A CD2 1 
ATOM   833  C  CE1 . TYR A 1 106 ? 2.405   -9.452  -7.255  1.00 21.88 ? 105 TYR A CE1 1 
ATOM   834  C  CE2 . TYR A 1 106 ? 4.066   -8.893  -5.646  1.00 21.87 ? 105 TYR A CE2 1 
ATOM   835  C  CZ  . TYR A 1 106 ? 3.464   -9.824  -6.420  1.00 22.46 ? 105 TYR A CZ  1 
ATOM   836  O  OH  . TYR A 1 106 ? 3.846   -11.128 -6.407  1.00 25.05 ? 105 TYR A OH  1 
ATOM   837  N  N   . GLU A 1 107 ? 1.316   -3.802  -8.936  1.00 22.06 ? 106 GLU A N   1 
ATOM   838  C  CA  . GLU A 1 107 ? 0.507   -2.664  -9.346  1.00 22.48 ? 106 GLU A CA  1 
ATOM   839  C  C   . GLU A 1 107 ? -0.924  -3.157  -9.415  1.00 22.07 ? 106 GLU A C   1 
ATOM   840  O  O   . GLU A 1 107 ? -1.179  -4.239  -9.907  1.00 22.34 ? 106 GLU A O   1 
ATOM   841  C  CB  . GLU A 1 107 ? 0.936   -2.089  -10.697 1.00 23.51 ? 106 GLU A CB  1 
ATOM   842  C  CG  . GLU A 1 107 ? 0.231   -0.782  -11.068 1.00 24.19 ? 106 GLU A CG  1 
ATOM   843  C  CD  . GLU A 1 107 ? 0.797   -0.105  -12.326 1.00 26.87 ? 106 GLU A CD  1 
ATOM   844  O  OE1 . GLU A 1 107 ? 1.845   0.544   -12.250 1.00 29.96 ? 106 GLU A OE1 1 
ATOM   845  O  OE2 . GLU A 1 107 ? 0.192   -0.237  -13.415 1.00 30.81 ? 106 GLU A OE2 1 
ATOM   846  N  N   . GLY A 1 108 ? -1.848  -2.323  -8.968  1.00 21.48 ? 107 GLY A N   1 
ATOM   847  C  CA  . GLY A 1 108 ? -3.268  -2.627  -9.108  1.00 21.50 ? 107 GLY A CA  1 
ATOM   848  C  C   . GLY A 1 108 ? -4.045  -1.381  -9.479  1.00 21.88 ? 107 GLY A C   1 
ATOM   849  O  O   . GLY A 1 108 ? -3.590  -0.232  -9.295  1.00 20.36 ? 107 GLY A O   1 
ATOM   850  N  N   . GLN A 1 109 ? -5.222  -1.612  -10.062 1.00 20.73 ? 108 GLN A N   1 
ATOM   851  C  CA  . GLN A 1 109 ? -6.096  -0.503  -10.412 1.00 20.08 ? 108 GLN A CA  1 
ATOM   852  C  C   . GLN A 1 109 ? -7.191  -0.394  -9.369  1.00 19.47 ? 108 GLN A C   1 
ATOM   853  O  O   . GLN A 1 109 ? -7.839  -1.368  -9.035  1.00 19.13 ? 108 GLN A O   1 
ATOM   854  C  CB  . GLN A 1 109 ? -6.724  -0.645  -11.844 1.00 22.09 ? 108 GLN A CB  1 
ATOM   855  C  CG  . GLN A 1 109 ? -5.784  -0.208  -13.024 1.00 24.44 ? 108 GLN A CG  1 
ATOM   856  C  CD  . GLN A 1 109 ? -5.284  1.243   -12.944 1.00 29.18 ? 108 GLN A CD  1 
ATOM   857  O  OE1 . GLN A 1 109 ? -6.061  2.235   -13.004 1.00 30.33 ? 108 GLN A OE1 1 
ATOM   858  N  NE2 . GLN A 1 109 ? -3.980  1.376   -12.851 1.00 31.81 ? 108 GLN A NE2 1 
ATOM   859  N  N   . ILE A 1 110 ? -7.399  0.819   -8.863  1.00 19.74 ? 109 ILE A N   1 
ATOM   860  C  CA  . ILE A 1 110 ? -8.363  1.062   -7.838  1.00 20.31 ? 109 ILE A CA  1 
ATOM   861  C  C   . ILE A 1 110 ? -9.767  0.883   -8.367  1.00 20.45 ? 109 ILE A C   1 
ATOM   862  O  O   . ILE A 1 110 ? -10.114 1.384   -9.448  1.00 20.15 ? 109 ILE A O   1 
ATOM   863  C  CB  . ILE A 1 110 ? -8.189  2.484   -7.277  1.00 21.24 ? 109 ILE A CB  1 
ATOM   864  C  CG1 . ILE A 1 110 ? -6.847  2.555   -6.525  1.00 22.79 ? 109 ILE A CG1 1 
ATOM   865  C  CG2 . ILE A 1 110 ? -9.398  2.876   -6.351  1.00 22.21 ? 109 ILE A CG2 1 
ATOM   866  C  CD1 . ILE A 1 110 ? -6.547  3.946   -5.917  1.00 24.71 ? 109 ILE A CD1 1 
ATOM   867  N  N   . LYS A 1 111 ? -10.556 0.161   -7.594  1.00 21.35 ? 110 LYS A N   1 
ATOM   868  C  CA  A LYS A 1 111 ? -11.956 -0.073  -7.901  0.50 22.02 ? 110 LYS A CA  1 
ATOM   869  C  CA  B LYS A 1 111 ? -11.959 -0.063  -7.893  0.50 21.46 ? 110 LYS A CA  1 
ATOM   870  C  C   . LYS A 1 111 ? -12.863 0.709   -6.967  1.00 22.27 ? 110 LYS A C   1 
ATOM   871  O  O   . LYS A 1 111 ? -13.843 1.251   -7.394  1.00 24.74 ? 110 LYS A O   1 
ATOM   872  C  CB  A LYS A 1 111 ? -12.289 -1.571  -7.868  0.50 23.17 ? 110 LYS A CB  1 
ATOM   873  C  CB  B LYS A 1 111 ? -12.274 -1.554  -7.855  0.50 22.37 ? 110 LYS A CB  1 
ATOM   874  C  CG  A LYS A 1 111 ? -13.247 -1.949  -8.992  0.50 26.33 ? 110 LYS A CG  1 
ATOM   875  C  CG  B LYS A 1 111 ? -11.825 -2.246  -9.110  0.50 22.75 ? 110 LYS A CG  1 
ATOM   876  C  CD  A LYS A 1 111 ? -14.154 -3.122  -8.696  0.50 28.42 ? 110 LYS A CD  1 
ATOM   877  C  CD  B LYS A 1 111 ? -12.718 -1.927  -10.296 0.50 25.53 ? 110 LYS A CD  1 
ATOM   878  C  CE  A LYS A 1 111 ? -15.512 -2.956  -9.337  0.50 28.21 ? 110 LYS A CE  1 
ATOM   879  C  CE  B LYS A 1 111 ? -11.959 -1.932  -11.581 0.50 26.63 ? 110 LYS A CE  1 
ATOM   880  N  NZ  A LYS A 1 111 ? -16.325 -2.077  -8.484  0.50 25.05 ? 110 LYS A NZ  1 
ATOM   881  N  NZ  B LYS A 1 111 ? -12.945 -1.841  -12.671 0.50 25.78 ? 110 LYS A NZ  1 
ATOM   882  N  N   . GLU A 1 112 ? -12.510 0.796   -5.673  1.00 19.86 ? 111 GLU A N   1 
ATOM   883  C  CA  A GLU A 1 112 ? -13.322 1.501   -4.702  0.50 21.66 ? 111 GLU A CA  1 
ATOM   884  C  CA  B GLU A 1 112 ? -13.318 1.517   -4.714  0.50 21.09 ? 111 GLU A CA  1 
ATOM   885  C  C   . GLU A 1 112 ? -12.441 2.131   -3.625  1.00 21.11 ? 111 GLU A C   1 
ATOM   886  O  O   . GLU A 1 112 ? -11.408 1.586   -3.284  1.00 21.49 ? 111 GLU A O   1 
ATOM   887  C  CB  A GLU A 1 112 ? -14.376 0.557   -4.092  0.50 21.49 ? 111 GLU A CB  1 
ATOM   888  C  CB  B GLU A 1 112 ? -14.404 0.606   -4.115  0.50 20.84 ? 111 GLU A CB  1 
ATOM   889  C  CG  A GLU A 1 112 ? -15.481 0.167   -5.070  0.50 24.95 ? 111 GLU A CG  1 
ATOM   890  C  CG  B GLU A 1 112 ? -13.955 -0.216  -2.913  0.50 22.07 ? 111 GLU A CG  1 
ATOM   891  C  CD  A GLU A 1 112 ? -16.774 -0.289  -4.412  0.50 24.60 ? 111 GLU A CD  1 
ATOM   892  C  CD  B GLU A 1 112 ? -15.100 -0.693  -2.042  0.50 23.06 ? 111 GLU A CD  1 
ATOM   893  O  OE1 A GLU A 1 112 ? -16.815 -0.489  -3.170  0.50 30.54 ? 111 GLU A OE1 1 
ATOM   894  O  OE1 B GLU A 1 112 ? -16.215 -0.861  -2.560  0.50 26.19 ? 111 GLU A OE1 1 
ATOM   895  O  OE2 A GLU A 1 112 ? -17.768 -0.427  -5.151  0.50 25.31 ? 111 GLU A OE2 1 
ATOM   896  O  OE2 B GLU A 1 112 ? -14.879 -0.897  -0.840  0.50 26.25 ? 111 GLU A OE2 1 
ATOM   897  N  N   . VAL A 1 113 ? -12.885 3.261   -3.092  1.00 19.93 ? 112 VAL A N   1 
ATOM   898  C  CA  . VAL A 1 113 ? -12.240 3.942   -1.952  1.00 19.91 ? 112 VAL A CA  1 
ATOM   899  C  C   . VAL A 1 113 ? -13.421 4.280   -1.028  1.00 21.80 ? 112 VAL A C   1 
ATOM   900  O  O   . VAL A 1 113 ? -14.376 4.946   -1.447  1.00 23.09 ? 112 VAL A O   1 
ATOM   901  C  CB  . VAL A 1 113 ? -11.490 5.235   -2.327  1.00 20.59 ? 112 VAL A CB  1 
ATOM   902  C  CG1 . VAL A 1 113 ? -10.802 5.796   -1.106  1.00 21.73 ? 112 VAL A CG1 1 
ATOM   903  C  CG2 . VAL A 1 113 ? -10.481 4.988   -3.483  1.00 19.71 ? 112 VAL A CG2 1 
ATOM   904  N  N   . ARG A 1 114 ? -13.343 3.800   0.214   1.00 20.54 ? 113 ARG A N   1 
ATOM   905  C  CA  A ARG A 1 114 ? -14.416 3.946   1.161   0.50 20.96 ? 113 ARG A CA  1 
ATOM   906  C  CA  B ARG A 1 114 ? -14.428 3.891   1.196   0.50 21.31 ? 113 ARG A CA  1 
ATOM   907  C  C   . ARG A 1 114 ? -13.879 4.544   2.463   1.00 20.27 ? 113 ARG A C   1 
ATOM   908  O  O   . ARG A 1 114 ? -12.801 4.223   2.910   1.00 19.40 ? 113 ARG A O   1 
ATOM   909  C  CB  A ARG A 1 114 ? -14.985 2.556   1.399   0.50 21.84 ? 113 ARG A CB  1 
ATOM   910  C  CB  B ARG A 1 114 ? -14.919 2.485   1.618   0.50 22.22 ? 113 ARG A CB  1 
ATOM   911  C  CG  A ARG A 1 114 ? -16.335 2.494   2.034   0.50 22.67 ? 113 ARG A CG  1 
ATOM   912  C  CG  B ARG A 1 114 ? -15.857 1.691   0.679   0.50 23.29 ? 113 ARG A CG  1 
ATOM   913  C  CD  A ARG A 1 114 ? -16.774 1.039   2.169   0.50 23.72 ? 113 ARG A CD  1 
ATOM   914  C  CD  B ARG A 1 114 ? -16.065 0.256   1.268   0.50 25.34 ? 113 ARG A CD  1 
ATOM   915  N  NE  A ARG A 1 114 ? -17.175 0.389   0.917   0.50 25.99 ? 113 ARG A NE  1 
ATOM   916  N  NE  B ARG A 1 114 ? -16.504 0.271   2.680   0.50 29.39 ? 113 ARG A NE  1 
ATOM   917  C  CZ  A ARG A 1 114 ? -18.430 0.259   0.488   0.50 27.17 ? 113 ARG A CZ  1 
ATOM   918  C  CZ  B ARG A 1 114 ? -16.494 -0.756  3.554   0.50 29.78 ? 113 ARG A CZ  1 
ATOM   919  N  NH1 A ARG A 1 114 ? -19.441 0.763   1.188   0.50 29.28 ? 113 ARG A NH1 1 
ATOM   920  N  NH1 B ARG A 1 114 ? -16.072 -1.992  3.233   0.50 32.85 ? 113 ARG A NH1 1 
ATOM   921  N  NH2 A ARG A 1 114 ? -18.679 -0.384  -0.648  0.50 26.75 ? 113 ARG A NH2 1 
ATOM   922  N  NH2 B ARG A 1 114 ? -16.924 -0.541  4.790   0.50 28.98 ? 113 ARG A NH2 1 
ATOM   923  N  N   . ASP A 1 115 ? -14.653 5.447   3.059   1.00 20.06 ? 114 ASP A N   1 
ATOM   924  C  CA  . ASP A 1 115 ? -14.372 5.980   4.377   1.00 18.76 ? 114 ASP A CA  1 
ATOM   925  C  C   . ASP A 1 115 ? -14.946 4.959   5.325   1.00 18.97 ? 114 ASP A C   1 
ATOM   926  O  O   . ASP A 1 115 ? -16.187 4.819   5.416   1.00 19.89 ? 114 ASP A O   1 
ATOM   927  C  CB  . ASP A 1 115 ? -15.071 7.347   4.560   1.00 18.71 ? 114 ASP A CB  1 
ATOM   928  C  CG  . ASP A 1 115 ? -14.725 8.034   5.863   1.00 20.70 ? 114 ASP A CG  1 
ATOM   929  O  OD1 . ASP A 1 115 ? -14.202 7.413   6.789   1.00 21.55 ? 114 ASP A OD1 1 
ATOM   930  O  OD2 . ASP A 1 115 ? -14.962 9.266   5.981   1.00 22.35 ? 114 ASP A OD2 1 
ATOM   931  N  N   . ILE A 1 116 ? -14.079 4.289   6.074   1.00 18.32 ? 115 ILE A N   1 
ATOM   932  C  CA  . ILE A 1 116 ? -14.508 3.231   6.961   1.00 18.63 ? 115 ILE A CA  1 
ATOM   933  C  C   . ILE A 1 116 ? -14.611 3.581   8.452   1.00 17.90 ? 115 ILE A C   1 
ATOM   934  O  O   . ILE A 1 116 ? -14.923 2.692   9.274   1.00 18.99 ? 115 ILE A O   1 
ATOM   935  C  CB  . ILE A 1 116 ? -13.710 1.940   6.786   1.00 18.76 ? 115 ILE A CB  1 
ATOM   936  C  CG1 . ILE A 1 116 ? -12.277 2.132   7.278   1.00 18.78 ? 115 ILE A CG1 1 
ATOM   937  C  CG2 . ILE A 1 116 ? -13.773 1.495   5.317   1.00 20.14 ? 115 ILE A CG2 1 
ATOM   938  C  CD1 . ILE A 1 116 ? -11.444 0.780   7.158   1.00 18.38 ? 115 ILE A CD1 1 
ATOM   939  N  N   . LEU A 1 117 ? -14.346 4.845   8.797   1.00 19.25 ? 116 LEU A N   1 
ATOM   940  C  CA  . LEU A 1 117 ? -14.374 5.281   10.190  1.00 18.48 ? 116 LEU A CA  1 
ATOM   941  C  C   . LEU A 1 117 ? -15.825 5.369   10.658  1.00 20.87 ? 116 LEU A C   1 
ATOM   942  O  O   . LEU A 1 117 ? -16.766 5.642   9.883   1.00 20.64 ? 116 LEU A O   1 
ATOM   943  C  CB  . LEU A 1 117 ? -13.614 6.608   10.401  1.00 18.48 ? 116 LEU A CB  1 
ATOM   944  C  CG  . LEU A 1 117 ? -13.398 7.003   11.852  1.00 19.43 ? 116 LEU A CG  1 
ATOM   945  C  CD1 . LEU A 1 117 ? -12.633 5.953   12.666  1.00 21.67 ? 116 LEU A CD1 1 
ATOM   946  C  CD2 . LEU A 1 117 ? -12.652 8.304   11.878  1.00 19.28 ? 116 LEU A CD2 1 
ATOM   947  N  N   . PHE A 1 118 ? -16.019 5.071   11.952  1.00 21.27 ? 117 PHE A N   1 
ATOM   948  C  CA  . PHE A 1 118 ? -17.304 5.114   12.536  1.00 21.58 ? 117 PHE A CA  1 
ATOM   949  C  C   . PHE A 1 118 ? -17.806 6.562   12.590  1.00 21.92 ? 117 PHE A C   1 
ATOM   950  O  O   . PHE A 1 118 ? -17.061 7.529   12.525  1.00 20.55 ? 117 PHE A O   1 
ATOM   951  C  CB  . PHE A 1 118 ? -17.322 4.403   13.910  1.00 21.30 ? 117 PHE A CB  1 
ATOM   952  C  CG  . PHE A 1 118 ? -16.178 4.739   14.796  1.00 20.93 ? 117 PHE A CG  1 
ATOM   953  C  CD1 . PHE A 1 118 ? -16.212 5.835   15.632  1.00 26.71 ? 117 PHE A CD1 1 
ATOM   954  C  CD2 . PHE A 1 118 ? -15.060 3.948   14.806  1.00 20.01 ? 117 PHE A CD2 1 
ATOM   955  C  CE1 . PHE A 1 118 ? -15.101 6.116   16.436  1.00 26.52 ? 117 PHE A CE1 1 
ATOM   956  C  CE2 . PHE A 1 118 ? -13.985 4.243   15.598  1.00 25.26 ? 117 PHE A CE2 1 
ATOM   957  C  CZ  . PHE A 1 118 ? -14.003 5.299   16.389  1.00 24.08 ? 117 PHE A CZ  1 
ATOM   958  N  N   . TYR A 1 119 ? -19.118 6.666   12.655  1.00 24.98 ? 118 TYR A N   1 
ATOM   959  C  CA  . TYR A 1 119 ? -19.826 7.926   12.654  1.00 26.38 ? 118 TYR A CA  1 
ATOM   960  C  C   . TYR A 1 119 ? -19.392 8.850   13.793  1.00 23.63 ? 118 TYR A C   1 
ATOM   961  O  O   . TYR A 1 119 ? -19.177 8.419   14.935  1.00 22.83 ? 118 TYR A O   1 
ATOM   962  C  CB  . TYR A 1 119 ? -21.313 7.578   12.772  1.00 29.25 ? 118 TYR A CB  1 
ATOM   963  C  CG  . TYR A 1 119 ? -22.244 8.739   12.918  1.00 32.66 ? 118 TYR A CG  1 
ATOM   964  C  CD1 . TYR A 1 119 ? -22.574 9.529   11.808  1.00 36.33 ? 118 TYR A CD1 1 
ATOM   965  C  CD2 . TYR A 1 119 ? -22.800 9.047   14.149  1.00 34.91 ? 118 TYR A CD2 1 
ATOM   966  C  CE1 . TYR A 1 119 ? -23.438 10.608  11.936  1.00 36.09 ? 118 TYR A CE1 1 
ATOM   967  C  CE2 . TYR A 1 119 ? -23.661 10.110  14.281  1.00 36.16 ? 118 TYR A CE2 1 
ATOM   968  C  CZ  . TYR A 1 119 ? -23.970 10.885  13.168  1.00 36.08 ? 118 TYR A CZ  1 
ATOM   969  O  OH  . TYR A 1 119 ? -24.839 11.943  13.305  1.00 36.37 ? 118 TYR A OH  1 
ATOM   970  N  N   . GLY A 1 120 ? -19.239 10.134  13.474  1.00 21.75 ? 119 GLY A N   1 
ATOM   971  C  CA  . GLY A 1 120 ? -19.119 11.161  14.532  1.00 21.46 ? 119 GLY A CA  1 
ATOM   972  C  C   . GLY A 1 120 ? -17.730 11.336  15.120  1.00 20.88 ? 119 GLY A C   1 
ATOM   973  O  O   . GLY A 1 120 ? -17.547 11.979  16.148  1.00 20.70 ? 119 GLY A O   1 
ATOM   974  N  N   . ALA A 1 121 ? -16.736 10.741  14.474  1.00 19.43 ? 120 ALA A N   1 
ATOM   975  C  CA  . ALA A 1 121 ? -15.366 10.759  14.954  1.00 20.36 ? 120 ALA A CA  1 
ATOM   976  C  C   . ALA A 1 121 ? -14.407 11.171  13.838  1.00 18.54 ? 120 ALA A C   1 
ATOM   977  O  O   . ALA A 1 121 ? -14.735 11.116  12.638  1.00 20.47 ? 120 ALA A O   1 
ATOM   978  C  CB  . ALA A 1 121 ? -14.974 9.369   15.468  1.00 21.50 ? 120 ALA A CB  1 
ATOM   979  N  N   . ALA A 1 122 ? -13.191 11.538  14.229  1.00 17.93 ? 121 ALA A N   1 
ATOM   980  C  CA  . ALA A 1 122 ? -12.154 11.899  13.312  1.00 17.73 ? 121 ALA A CA  1 
ATOM   981  C  C   . ALA A 1 122 ? -10.821 11.530  13.947  1.00 18.15 ? 121 ALA A C   1 
ATOM   982  O  O   . ALA A 1 122 ? -10.725 11.455  15.158  1.00 18.28 ? 121 ALA A O   1 
ATOM   983  C  CB  . ALA A 1 122 ? -12.199 13.397  12.962  1.00 17.01 ? 121 ALA A CB  1 
ATOM   984  N  N   . VAL A 1 123 ? -9.821  11.284  13.115  1.00 19.68 ? 122 VAL A N   1 
ATOM   985  C  CA  . VAL A 1 123 ? -8.453  10.986  13.580  1.00 21.41 ? 122 VAL A CA  1 
ATOM   986  C  C   . VAL A 1 123 ? -7.655  12.315  13.744  1.00 22.26 ? 122 VAL A C   1 
ATOM   987  O  O   . VAL A 1 123 ? -7.334  12.955  12.747  1.00 23.81 ? 122 VAL A O   1 
ATOM   988  C  CB  . VAL A 1 123 ? -7.749  9.995   12.604  1.00 21.20 ? 122 VAL A CB  1 
ATOM   989  C  CG1 . VAL A 1 123 ? -6.271  9.801   13.017  1.00 21.32 ? 122 VAL A CG1 1 
ATOM   990  C  CG2 . VAL A 1 123 ? -8.544  8.684   12.505  1.00 20.05 ? 122 VAL A CG2 1 
ATOM   991  N  N   . SER A 1 124 ? -7.363  12.715  14.980  1.00 24.72 ? 123 SER A N   1 
ATOM   992  C  CA  . SER A 1 124 ? -6.542  13.907  15.200  1.00 25.90 ? 123 SER A CA  1 
ATOM   993  C  C   . SER A 1 124 ? -5.095  13.647  14.835  1.00 27.27 ? 123 SER A C   1 
ATOM   994  O  O   . SER A 1 124 ? -4.396  14.521  14.298  1.00 28.76 ? 123 SER A O   1 
ATOM   995  C  CB  . SER A 1 124 ? -6.639  14.407  16.636  1.00 26.10 ? 123 SER A CB  1 
ATOM   996  O  OG  . SER A 1 124 ? -6.516  13.379  17.610  1.00 27.51 ? 123 SER A OG  1 
ATOM   997  N  N   . ASP A 1 125 ? -4.650  12.413  15.093  1.00 27.90 ? 124 ASP A N   1 
ATOM   998  C  CA  . ASP A 1 125 ? -3.239  12.091  14.982  1.00 27.23 ? 124 ASP A CA  1 
ATOM   999  C  C   . ASP A 1 125 ? -3.094  10.730  14.330  1.00 26.88 ? 124 ASP A C   1 
ATOM   1000 O  O   . ASP A 1 125 ? -3.569  9.756   14.847  1.00 26.88 ? 124 ASP A O   1 
ATOM   1001 C  CB  . ASP A 1 125 ? -2.620  12.067  16.377  1.00 27.63 ? 124 ASP A CB  1 
ATOM   1002 C  CG  . ASP A 1 125 ? -2.765  13.403  17.098  1.00 28.78 ? 124 ASP A CG  1 
ATOM   1003 O  OD1 . ASP A 1 125 ? -1.932  14.289  16.827  1.00 31.75 ? 124 ASP A OD1 1 
ATOM   1004 O  OD2 . ASP A 1 125 ? -3.700  13.549  17.892  1.00 31.48 ? 124 ASP A OD2 1 
ATOM   1005 N  N   . ARG A 1 126 ? -2.378  10.686  13.226  1.00 26.92 ? 125 ARG A N   1 
ATOM   1006 C  CA  . ARG A 1 126 ? -2.077  9.403   12.558  1.00 27.66 ? 125 ARG A CA  1 
ATOM   1007 C  C   . ARG A 1 126 ? -0.960  8.653   13.286  1.00 28.05 ? 125 ARG A C   1 
ATOM   1008 O  O   . ARG A 1 126 ? -0.239  9.224   14.149  1.00 28.11 ? 125 ARG A O   1 
ATOM   1009 C  CB  . ARG A 1 126 ? -1.762  9.645   11.100  1.00 27.72 ? 125 ARG A CB  1 
ATOM   1010 C  CG  . ARG A 1 126 ? -2.729  10.662  10.559  1.00 31.83 ? 125 ARG A CG  1 
ATOM   1011 C  CD  . ARG A 1 126 ? -3.222  10.444  9.250   1.00 36.58 ? 125 ARG A CD  1 
ATOM   1012 N  NE  . ARG A 1 126 ? -2.377  10.890  8.189   1.00 38.36 ? 125 ARG A NE  1 
ATOM   1013 C  CZ  . ARG A 1 126 ? -2.735  11.732  7.206   1.00 42.18 ? 125 ARG A CZ  1 
ATOM   1014 N  NH1 . ARG A 1 126 ? -3.944  12.296  7.139   1.00 44.44 ? 125 ARG A NH1 1 
ATOM   1015 N  NH2 . ARG A 1 126 ? -1.862  12.006  6.255   1.00 37.74 ? 125 ARG A NH2 1 
ATOM   1016 N  N   . PRO A 1 127 ? -0.842  7.351   13.012  1.00 28.15 ? 126 PRO A N   1 
ATOM   1017 C  CA  . PRO A 1 127 ? 0.253   6.634   13.672  1.00 28.72 ? 126 PRO A CA  1 
ATOM   1018 C  C   . PRO A 1 127 ? 1.651   7.150   13.254  1.00 28.05 ? 126 PRO A C   1 
ATOM   1019 O  O   . PRO A 1 127 ? 1.833   7.566   12.115  1.00 29.06 ? 126 PRO A O   1 
ATOM   1020 C  CB  . PRO A 1 127 ? 0.082   5.186   13.189  1.00 27.84 ? 126 PRO A CB  1 
ATOM   1021 C  CG  . PRO A 1 127 ? -1.068  5.135   12.317  1.00 29.02 ? 126 PRO A CG  1 
ATOM   1022 C  CD  . PRO A 1 127 ? -1.683  6.496   12.169  1.00 28.63 ? 126 PRO A CD  1 
ATOM   1023 N  N   . ARG A 1 128 ? 2.627   7.070   14.160  1.00 28.49 ? 127 ARG A N   1 
ATOM   1024 C  CA  . ARG A 1 128 ? 4.039   7.346   13.815  1.00 29.33 ? 127 ARG A CA  1 
ATOM   1025 C  C   . ARG A 1 128 ? 4.896   6.105   14.065  1.00 26.68 ? 127 ARG A C   1 
ATOM   1026 O  O   . ARG A 1 128 ? 4.783   5.458   15.118  1.00 26.09 ? 127 ARG A O   1 
ATOM   1027 C  CB  . ARG A 1 128 ? 4.563   8.527   14.627  1.00 29.20 ? 127 ARG A CB  1 
ATOM   1028 C  CG  . ARG A 1 128 ? 3.651   9.762   14.587  1.00 31.47 ? 127 ARG A CG  1 
ATOM   1029 C  CD  . ARG A 1 128 ? 4.358   11.052  15.010  1.00 32.74 ? 127 ARG A CD  1 
ATOM   1030 N  NE  . ARG A 1 128 ? 3.490   11.856  15.868  1.00 35.33 ? 127 ARG A NE  1 
ATOM   1031 N  N   . VAL A 1 129 ? 5.748   5.823   13.077  1.00 26.49 ? 128 VAL A N   1 
ATOM   1032 C  CA  . VAL A 1 129 ? 6.584   4.631   13.030  1.00 25.36 ? 128 VAL A CA  1 
ATOM   1033 C  C   . VAL A 1 129 ? 8.051   5.093   12.997  1.00 24.64 ? 128 VAL A C   1 
ATOM   1034 O  O   . VAL A 1 129 ? 8.363   6.041   12.345  1.00 24.83 ? 128 VAL A O   1 
ATOM   1035 C  CB  . VAL A 1 129 ? 6.296   3.839   11.791  1.00 26.14 ? 128 VAL A CB  1 
ATOM   1036 C  CG1 . VAL A 1 129 ? 7.204   2.687   11.656  1.00 26.62 ? 128 VAL A CG1 1 
ATOM   1037 C  CG2 . VAL A 1 129 ? 4.849   3.324   11.809  1.00 26.33 ? 128 VAL A CG2 1 
ATOM   1038 N  N   . TYR A 1 130 ? 8.910   4.436   13.746  1.00 23.51 ? 129 TYR A N   1 
ATOM   1039 C  CA  . TYR A 1 130 ? 10.365  4.724   13.685  1.00 22.49 ? 129 TYR A CA  1 
ATOM   1040 C  C   . TYR A 1 130 ? 11.176  3.443   13.480  1.00 22.92 ? 129 TYR A C   1 
ATOM   1041 O  O   . TYR A 1 130 ? 10.694  2.361   13.732  1.00 21.40 ? 129 TYR A O   1 
ATOM   1042 C  CB  . TYR A 1 130 ? 10.824  5.453   14.943  1.00 22.45 ? 129 TYR A CB  1 
ATOM   1043 C  CG  . TYR A 1 130 ? 10.880  4.594   16.207  1.00 22.62 ? 129 TYR A CG  1 
ATOM   1044 C  CD1 . TYR A 1 130 ? 9.742   4.267   16.932  1.00 22.36 ? 129 TYR A CD1 1 
ATOM   1045 C  CD2 . TYR A 1 130 ? 12.097  4.143   16.694  1.00 24.24 ? 129 TYR A CD2 1 
ATOM   1046 C  CE1 . TYR A 1 130 ? 9.803   3.460   18.079  1.00 21.41 ? 129 TYR A CE1 1 
ATOM   1047 C  CE2 . TYR A 1 130 ? 12.176  3.360   17.846  1.00 23.09 ? 129 TYR A CE2 1 
ATOM   1048 C  CZ  . TYR A 1 130 ? 11.037  3.012   18.539  1.00 23.41 ? 129 TYR A CZ  1 
ATOM   1049 O  OH  . TYR A 1 130 ? 11.088  2.236   19.694  1.00 26.38 ? 129 TYR A OH  1 
ATOM   1050 N  N   . LYS A 1 131 ? 12.440  3.592   13.059  1.00 21.52 ? 130 LYS A N   1 
ATOM   1051 C  CA  . LYS A 1 131 ? 13.338  2.449   12.835  1.00 21.27 ? 130 LYS A CA  1 
ATOM   1052 C  C   . LYS A 1 131 ? 14.026  2.113   14.161  1.00 20.28 ? 130 LYS A C   1 
ATOM   1053 O  O   . LYS A 1 131 ? 14.601  2.985   14.822  1.00 19.41 ? 130 LYS A O   1 
ATOM   1054 C  CB  . LYS A 1 131 ? 14.421  2.796   11.822  1.00 22.61 ? 130 LYS A CB  1 
ATOM   1055 C  CG  . LYS A 1 131 ? 13.943  3.210   10.481  1.00 24.63 ? 130 LYS A CG  1 
ATOM   1056 C  CD  . LYS A 1 131 ? 13.190  2.089   9.782   1.00 26.03 ? 130 LYS A CD  1 
ATOM   1057 C  CE  . LYS A 1 131 ? 12.930  2.392   8.306   1.00 27.47 ? 130 LYS A CE  1 
ATOM   1058 N  NZ  . LYS A 1 131 ? 11.899  1.466   7.733   1.00 27.55 ? 130 LYS A NZ  1 
ATOM   1059 N  N   . THR A 1 132 ? 14.010  0.837   14.544  1.00 19.51 ? 131 THR A N   1 
ATOM   1060 C  CA  . THR A 1 132 ? 14.609  0.372   15.786  1.00 19.25 ? 131 THR A CA  1 
ATOM   1061 C  C   . THR A 1 132 ? 16.008  -0.277  15.633  1.00 19.08 ? 131 THR A C   1 
ATOM   1062 O  O   . THR A 1 132 ? 16.679  -0.638  16.622  1.00 17.10 ? 131 THR A O   1 
ATOM   1063 C  CB  . THR A 1 132 ? 13.696  -0.669  16.427  1.00 19.66 ? 131 THR A CB  1 
ATOM   1064 O  OG1 . THR A 1 132 ? 13.535  -1.762  15.527  1.00 21.01 ? 131 THR A OG1 1 
ATOM   1065 C  CG2 . THR A 1 132 ? 12.360  -0.080  16.703  1.00 21.67 ? 131 THR A CG2 1 
ATOM   1066 N  N   . TYR A 1 133 ? 16.440  -0.411  14.398  1.00 19.79 ? 132 TYR A N   1 
ATOM   1067 C  CA  . TYR A 1 133 ? 17.648  -1.108  14.056  1.00 22.35 ? 132 TYR A CA  1 
ATOM   1068 C  C   . TYR A 1 133 ? 18.203  -0.425  12.791  1.00 20.36 ? 132 TYR A C   1 
ATOM   1069 O  O   . TYR A 1 133 ? 17.422  -0.219  11.833  1.00 20.76 ? 132 TYR A O   1 
ATOM   1070 C  CB  . TYR A 1 133 ? 17.243  -2.574  13.734  1.00 25.11 ? 132 TYR A CB  1 
ATOM   1071 C  CG  . TYR A 1 133 ? 18.423  -3.444  13.471  1.00 29.42 ? 132 TYR A CG  1 
ATOM   1072 C  CD1 . TYR A 1 133 ? 19.256  -3.820  14.510  1.00 29.51 ? 132 TYR A CD1 1 
ATOM   1073 C  CD2 . TYR A 1 133 ? 18.736  -3.871  12.184  1.00 29.72 ? 132 TYR A CD2 1 
ATOM   1074 C  CE1 . TYR A 1 133 ? 20.388  -4.608  14.296  1.00 30.94 ? 132 TYR A CE1 1 
ATOM   1075 C  CE2 . TYR A 1 133 ? 19.863  -4.658  11.956  1.00 32.37 ? 132 TYR A CE2 1 
ATOM   1076 C  CZ  . TYR A 1 133 ? 20.686  -5.028  13.013  1.00 30.76 ? 132 TYR A CZ  1 
ATOM   1077 O  OH  . TYR A 1 133 ? 21.810  -5.811  12.808  1.00 33.49 ? 132 TYR A OH  1 
ATOM   1078 N  N   . ASP A 1 134 ? 19.476  -0.038  12.772  1.00 20.31 ? 133 ASP A N   1 
ATOM   1079 C  CA  A ASP A 1 134 ? 20.105  0.318   11.511  0.50 20.40 ? 133 ASP A CA  1 
ATOM   1080 C  CA  B ASP A 1 134 ? 20.147  0.382   11.545  0.50 21.20 ? 133 ASP A CA  1 
ATOM   1081 C  C   . ASP A 1 134 ? 19.404  1.514   10.830  1.00 20.20 ? 133 ASP A C   1 
ATOM   1082 O  O   . ASP A 1 134 ? 19.163  1.488   9.603   1.00 20.25 ? 133 ASP A O   1 
ATOM   1083 C  CB  A ASP A 1 134 ? 20.002  -0.934  10.610  0.50 20.88 ? 133 ASP A CB  1 
ATOM   1084 C  CB  B ASP A 1 134 ? 20.292  -0.830  10.613  0.50 22.03 ? 133 ASP A CB  1 
ATOM   1085 C  CG  A ASP A 1 134 ? 20.951  -0.912  9.423   0.50 19.19 ? 133 ASP A CG  1 
ATOM   1086 C  CG  B ASP A 1 134 ? 21.714  -1.257  10.425  0.50 23.53 ? 133 ASP A CG  1 
ATOM   1087 O  OD1 A ASP A 1 134 ? 22.059  -0.347  9.521   0.50 23.79 ? 133 ASP A OD1 1 
ATOM   1088 O  OD1 B ASP A 1 134 ? 22.529  -1.162  11.370  0.50 24.94 ? 133 ASP A OD1 1 
ATOM   1089 O  OD2 A ASP A 1 134 ? 20.566  -1.508  8.393   0.50 20.78 ? 133 ASP A OD2 1 
ATOM   1090 O  OD2 B ASP A 1 134 ? 22.013  -1.689  9.295   0.50 27.51 ? 133 ASP A OD2 1 
ATOM   1091 N  N   . GLU A 1 135 ? 19.078  2.555   11.593  1.00 19.14 ? 134 GLU A N   1 
ATOM   1092 C  CA  . GLU A 1 135 ? 18.140  3.568   11.129  1.00 19.20 ? 134 GLU A CA  1 
ATOM   1093 C  C   . GLU A 1 135 ? 18.569  4.259   9.836   1.00 17.85 ? 134 GLU A C   1 
ATOM   1094 O  O   . GLU A 1 135 ? 17.761  4.370   8.895   1.00 18.64 ? 134 GLU A O   1 
ATOM   1095 C  CB  . GLU A 1 135 ? 17.861  4.599   12.212  1.00 20.36 ? 134 GLU A CB  1 
ATOM   1096 C  CG  . GLU A 1 135 ? 17.007  5.755   11.727  1.00 19.77 ? 134 GLU A CG  1 
ATOM   1097 C  CD  . GLU A 1 135 ? 16.738  6.772   12.809  1.00 23.32 ? 134 GLU A CD  1 
ATOM   1098 O  OE1 . GLU A 1 135 ? 17.680  7.420   13.261  1.00 30.43 ? 134 GLU A OE1 1 
ATOM   1099 O  OE2 . GLU A 1 135 ? 15.563  6.928   13.187  1.00 26.48 ? 134 GLU A OE2 1 
ATOM   1100 N  N   . ALA A 1 136 ? 19.841  4.683   9.780   1.00 18.07 ? 135 ALA A N   1 
ATOM   1101 C  CA  . ALA A 1 136 ? 20.347  5.471   8.653   1.00 18.35 ? 135 ALA A CA  1 
ATOM   1102 C  C   . ALA A 1 136 ? 20.309  4.636   7.364   1.00 17.40 ? 135 ALA A C   1 
ATOM   1103 O  O   . ALA A 1 136 ? 19.779  5.084   6.328   1.00 18.29 ? 135 ALA A O   1 
ATOM   1104 C  CB  . ALA A 1 136 ? 21.714  5.994   8.939   1.00 18.24 ? 135 ALA A CB  1 
ATOM   1105 N  N   . ALA A 1 137 ? 20.773  3.386   7.438   1.00 16.91 ? 136 ALA A N   1 
ATOM   1106 C  CA  . ALA A 1 137 ? 20.720  2.531   6.227   1.00 17.24 ? 136 ALA A CA  1 
ATOM   1107 C  C   . ALA A 1 137 ? 19.290  2.157   5.831   1.00 17.40 ? 136 ALA A C   1 
ATOM   1108 O  O   . ALA A 1 137 ? 18.941  2.099   4.641   1.00 17.09 ? 136 ALA A O   1 
ATOM   1109 C  CB  . ALA A 1 137 ? 21.576  1.296   6.397   1.00 17.59 ? 136 ALA A CB  1 
ATOM   1110 N  N   . ALA A 1 138 ? 18.454  1.895   6.833   1.00 18.26 ? 137 ALA A N   1 
ATOM   1111 C  CA  . ALA A 1 138 ? 17.065  1.523   6.609   1.00 18.63 ? 137 ALA A CA  1 
ATOM   1112 C  C   . ALA A 1 138 ? 16.252  2.645   5.968   1.00 17.66 ? 137 ALA A C   1 
ATOM   1113 O  O   . ALA A 1 138 ? 15.437  2.406   5.100   1.00 19.74 ? 137 ALA A O   1 
ATOM   1114 C  CB  . ALA A 1 138 ? 16.407  1.096   7.949   1.00 18.77 ? 137 ALA A CB  1 
HETATM 1115 N  N   . MSE A 1 139 ? 16.511  3.875   6.361   1.00 19.13 ? 138 MSE A N   1 
HETATM 1116 C  CA  . MSE A 1 139 ? 15.870  5.030   5.739   1.00 21.60 ? 138 MSE A CA  1 
HETATM 1117 C  C   . MSE A 1 139 ? 16.313  5.221   4.301   1.00 20.63 ? 138 MSE A C   1 
HETATM 1118 O  O   . MSE A 1 139 ? 15.502  5.488   3.414   1.00 21.51 ? 138 MSE A O   1 
HETATM 1119 C  CB  . MSE A 1 139 ? 16.135  6.268   6.571   1.00 21.57 ? 138 MSE A CB  1 
HETATM 1120 C  CG  . MSE A 1 139 ? 15.426  6.122   7.895   1.00 26.00 ? 138 MSE A CG  1 
HETATM 1121 SE SE  . MSE A 1 139 ? 15.536  7.731   8.925   0.75 28.75 ? 138 MSE A SE  1 
HETATM 1122 C  CE  . MSE A 1 139 ? 14.506  8.890   7.705   1.00 32.71 ? 138 MSE A CE  1 
ATOM   1123 N  N   . GLN A 1 140 ? 17.611  5.073   4.051   1.00 18.02 ? 139 GLN A N   1 
ATOM   1124 C  CA  A GLN A 1 140 ? 18.086  5.163   2.674   0.50 18.56 ? 139 GLN A CA  1 
ATOM   1125 C  CA  B GLN A 1 140 ? 18.099  5.101   2.669   0.50 18.22 ? 139 GLN A CA  1 
ATOM   1126 C  C   . GLN A 1 140 ? 17.446  4.033   1.833   1.00 18.22 ? 139 GLN A C   1 
ATOM   1127 O  O   . GLN A 1 140 ? 17.088  4.261   0.656   1.00 19.41 ? 139 GLN A O   1 
ATOM   1128 C  CB  A GLN A 1 140 ? 19.637  5.193   2.608   0.50 18.59 ? 139 GLN A CB  1 
ATOM   1129 C  CB  B GLN A 1 140 ? 19.600  4.875   2.601   0.50 18.19 ? 139 GLN A CB  1 
ATOM   1130 C  CG  A GLN A 1 140 ? 20.365  6.600   2.937   0.50 16.83 ? 139 GLN A CG  1 
ATOM   1131 C  CG  B GLN A 1 140 ? 20.136  5.004   1.176   0.50 16.53 ? 139 GLN A CG  1 
ATOM   1132 C  CD  A GLN A 1 140 ? 21.903  6.508   2.849   0.50 18.72 ? 139 GLN A CD  1 
ATOM   1133 C  CD  B GLN A 1 140 ? 21.440  4.245   0.919   0.50 17.17 ? 139 GLN A CD  1 
ATOM   1134 O  OE1 A GLN A 1 140 ? 22.442  5.489   3.209   0.50 15.37 ? 139 GLN A OE1 1 
ATOM   1135 O  OE1 B GLN A 1 140 ? 22.207  3.903   1.843   0.50 16.29 ? 139 GLN A OE1 1 
ATOM   1136 N  NE2 A GLN A 1 140 ? 22.595  7.548   2.323   0.50 16.30 ? 139 GLN A NE2 1 
ATOM   1137 N  NE2 B GLN A 1 140 ? 21.685  3.969   -0.367  0.50 15.96 ? 139 GLN A NE2 1 
ATOM   1138 N  N   . LEU A 1 141 ? 17.300  2.829   2.390   1.00 18.28 ? 140 LEU A N   1 
ATOM   1139 C  CA  . LEU A 1 141 ? 16.639  1.741   1.645   1.00 18.80 ? 140 LEU A CA  1 
ATOM   1140 C  C   . LEU A 1 141 ? 15.205  2.078   1.291   1.00 19.80 ? 140 LEU A C   1 
ATOM   1141 O  O   . LEU A 1 141 ? 14.730  1.796   0.181   1.00 20.81 ? 140 LEU A O   1 
ATOM   1142 C  CB  . LEU A 1 141 ? 16.637  0.404   2.390   1.00 19.32 ? 140 LEU A CB  1 
ATOM   1143 C  CG  . LEU A 1 141 ? 15.833  -0.776  1.771   1.00 19.42 ? 140 LEU A CG  1 
ATOM   1144 C  CD1 . LEU A 1 141 ? 16.343  -1.212  0.373   1.00 22.19 ? 140 LEU A CD1 1 
ATOM   1145 C  CD2 . LEU A 1 141 ? 15.838  -1.996  2.775   1.00 21.67 ? 140 LEU A CD2 1 
ATOM   1146 N  N   . ASP A 1 142 ? 14.494  2.647   2.265   1.00 20.06 ? 141 ASP A N   1 
ATOM   1147 C  CA  . ASP A 1 142 ? 13.114  3.093   1.993   1.00 21.00 ? 141 ASP A CA  1 
ATOM   1148 C  C   . ASP A 1 142 ? 13.096  4.045   0.796   1.00 21.06 ? 141 ASP A C   1 
ATOM   1149 O  O   . ASP A 1 142 ? 12.222  3.902   -0.083  1.00 22.02 ? 141 ASP A O   1 
ATOM   1150 C  CB  . ASP A 1 142 ? 12.478  3.803   3.189   1.00 21.24 ? 141 ASP A CB  1 
ATOM   1151 C  CG  . ASP A 1 142 ? 12.044  2.872   4.272   1.00 21.95 ? 141 ASP A CG  1 
ATOM   1152 O  OD1 . ASP A 1 142 ? 12.068  1.608   4.126   1.00 22.97 ? 141 ASP A OD1 1 
ATOM   1153 O  OD2 . ASP A 1 142 ? 11.737  3.430   5.356   1.00 23.28 ? 141 ASP A OD2 1 
ATOM   1154 N  N   . GLN A 1 143 ? 14.024  4.987   0.735   1.00 22.21 ? 142 GLN A N   1 
ATOM   1155 C  CA  A GLN A 1 143 ? 14.121  5.953   -0.390  0.50 22.14 ? 142 GLN A CA  1 
ATOM   1156 C  CA  B GLN A 1 143 ? 14.065  5.919   -0.389  0.50 22.48 ? 142 GLN A CA  1 
ATOM   1157 C  C   . GLN A 1 143 ? 14.400  5.217   -1.708  1.00 22.31 ? 142 GLN A C   1 
ATOM   1158 O  O   . GLN A 1 143 ? 13.854  5.562   -2.768  1.00 21.85 ? 142 GLN A O   1 
ATOM   1159 C  CB  A GLN A 1 143 ? 15.180  7.042   -0.129  0.50 23.41 ? 142 GLN A CB  1 
ATOM   1160 C  CB  B GLN A 1 143 ? 15.002  7.072   -0.099  0.50 23.32 ? 142 GLN A CB  1 
ATOM   1161 C  CG  A GLN A 1 143 ? 15.318  8.165   -1.201  0.50 23.23 ? 142 GLN A CG  1 
ATOM   1162 C  CG  B GLN A 1 143 ? 14.527  7.930   1.054   0.50 24.31 ? 142 GLN A CG  1 
ATOM   1163 C  CD  A GLN A 1 143 ? 14.053  9.012   -1.329  0.50 27.90 ? 142 GLN A CD  1 
ATOM   1164 C  CD  B GLN A 1 143 ? 13.132  8.494   0.799   0.50 24.67 ? 142 GLN A CD  1 
ATOM   1165 O  OE1 A GLN A 1 143 ? 13.568  9.557   -0.337  0.50 29.05 ? 142 GLN A OE1 1 
ATOM   1166 O  OE1 B GLN A 1 143 ? 12.846  8.953   -0.306  0.50 26.20 ? 142 GLN A OE1 1 
ATOM   1167 N  NE2 A GLN A 1 143 ? 13.503  9.107   -2.544  0.50 26.88 ? 142 GLN A NE2 1 
ATOM   1168 N  NE2 B GLN A 1 143 ? 12.258  8.436   1.806   0.50 20.92 ? 142 GLN A NE2 1 
ATOM   1169 N  N   . GLN A 1 144 ? 15.287  4.222   -1.670  1.00 21.15 ? 143 GLN A N   1 
ATOM   1170 C  CA  . GLN A 1 144 ? 15.592  3.448   -2.892  1.00 20.36 ? 143 GLN A CA  1 
ATOM   1171 C  C   . GLN A 1 144 ? 14.349  2.754   -3.418  1.00 20.71 ? 143 GLN A C   1 
ATOM   1172 O  O   . GLN A 1 144 ? 14.080  2.770   -4.627  1.00 18.91 ? 143 GLN A O   1 
ATOM   1173 C  CB  . GLN A 1 144 ? 16.688  2.387   -2.654  1.00 20.95 ? 143 GLN A CB  1 
ATOM   1174 C  CG  . GLN A 1 144 ? 18.067  2.920   -2.406  1.00 21.06 ? 143 GLN A CG  1 
ATOM   1175 C  CD  . GLN A 1 144 ? 19.020  1.840   -1.910  1.00 21.24 ? 143 GLN A CD  1 
ATOM   1176 O  OE1 . GLN A 1 144 ? 18.674  1.055   -1.007  1.00 24.17 ? 143 GLN A OE1 1 
ATOM   1177 N  NE2 . GLN A 1 144 ? 20.195  1.791   -2.472  1.00 26.77 ? 143 GLN A NE2 1 
ATOM   1178 N  N   . ILE A 1 145 ? 13.584  2.130   -2.534  1.00 19.67 ? 144 ILE A N   1 
ATOM   1179 C  CA  . ILE A 1 145 ? 12.365  1.437   -2.921  1.00 20.72 ? 144 ILE A CA  1 
ATOM   1180 C  C   . ILE A 1 145 ? 11.332  2.427   -3.459  1.00 20.61 ? 144 ILE A C   1 
ATOM   1181 O  O   . ILE A 1 145 ? 10.683  2.157   -4.493  1.00 21.54 ? 144 ILE A O   1 
ATOM   1182 C  CB  . ILE A 1 145 ? 11.761  0.595   -1.758  1.00 21.43 ? 144 ILE A CB  1 
ATOM   1183 C  CG1 . ILE A 1 145 ? 12.744  -0.498  -1.402  1.00 21.71 ? 144 ILE A CG1 1 
ATOM   1184 C  CG2 . ILE A 1 145 ? 10.405  0.022   -2.183  1.00 22.02 ? 144 ILE A CG2 1 
ATOM   1185 C  CD1 . ILE A 1 145 ? 13.002  -1.466  -2.500  1.00 20.96 ? 144 ILE A CD1 1 
ATOM   1186 N  N   . GLN A 1 146 ? 11.223  3.581   -2.784  1.00 21.46 ? 145 GLN A N   1 
ATOM   1187 C  CA  . GLN A 1 146 ? 10.284  4.655   -3.197  1.00 22.29 ? 145 GLN A CA  1 
ATOM   1188 C  C   . GLN A 1 146 ? 10.604  5.096   -4.600  1.00 21.86 ? 145 GLN A C   1 
ATOM   1189 O  O   . GLN A 1 146 ? 9.713   5.275   -5.443  1.00 21.80 ? 145 GLN A O   1 
ATOM   1190 C  CB  . GLN A 1 146 ? 10.402  5.833   -2.228  1.00 23.37 ? 145 GLN A CB  1 
ATOM   1191 C  CG  . GLN A 1 146 ? 9.661   7.106   -2.582  1.00 27.00 ? 145 GLN A CG  1 
ATOM   1192 C  CD  . GLN A 1 146 ? 8.237   7.217   -1.995  1.00 35.97 ? 145 GLN A CD  1 
ATOM   1193 O  OE1 . GLN A 1 146 ? 7.509   6.215   -1.826  1.00 38.12 ? 145 GLN A OE1 1 
ATOM   1194 N  NE2 . GLN A 1 146 ? 7.841   8.454   -1.679  1.00 39.89 ? 145 GLN A NE2 1 
ATOM   1195 N  N   . ASP A 1 147 ? 11.901  5.262   -4.865  1.00 20.81 ? 146 ASP A N   1 
ATOM   1196 C  CA  . ASP A 1 147 ? 12.328  5.664   -6.191  1.00 20.61 ? 146 ASP A CA  1 
ATOM   1197 C  C   . ASP A 1 147 ? 11.927  4.658   -7.266  1.00 20.47 ? 146 ASP A C   1 
ATOM   1198 O  O   . ASP A 1 147 ? 11.606  5.041   -8.383  1.00 21.85 ? 146 ASP A O   1 
ATOM   1199 C  CB  . ASP A 1 147 ? 13.850  5.854   -6.212  1.00 20.24 ? 146 ASP A CB  1 
ATOM   1200 C  CG  . ASP A 1 147 ? 14.316  7.110   -5.468  1.00 22.61 ? 146 ASP A CG  1 
ATOM   1201 O  OD1 . ASP A 1 147 ? 13.496  7.965   -5.126  1.00 25.44 ? 146 ASP A OD1 1 
ATOM   1202 O  OD2 . ASP A 1 147 ? 15.568  7.241   -5.277  1.00 26.01 ? 146 ASP A OD2 1 
ATOM   1203 N  N   . ILE A 1 148 ? 12.043  3.368   -6.953  1.00 21.00 ? 147 ILE A N   1 
ATOM   1204 C  CA  . ILE A 1 148 ? 11.663  2.297   -7.885  1.00 20.99 ? 147 ILE A CA  1 
ATOM   1205 C  C   . ILE A 1 148 ? 10.155  2.333   -8.097  1.00 21.67 ? 147 ILE A C   1 
ATOM   1206 O  O   . ILE A 1 148 ? 9.701   2.216   -9.241  1.00 22.41 ? 147 ILE A O   1 
ATOM   1207 C  CB  . ILE A 1 148 ? 12.139  0.906   -7.388  1.00 21.51 ? 147 ILE A CB  1 
ATOM   1208 C  CG1 . ILE A 1 148 ? 13.630  0.756   -7.594  1.00 22.05 ? 147 ILE A CG1 1 
ATOM   1209 C  CG2 . ILE A 1 148 ? 11.351  -0.232  -8.044  1.00 20.96 ? 147 ILE A CG2 1 
ATOM   1210 C  CD1 . ILE A 1 148 ? 14.298  -0.236  -6.688  1.00 23.82 ? 147 ILE A CD1 1 
ATOM   1211 N  N   . LEU A 1 149 ? 9.390   2.521   -7.023  1.00 21.94 ? 148 LEU A N   1 
ATOM   1212 C  CA  . LEU A 1 149 ? 7.916   2.550   -7.129  1.00 21.68 ? 148 LEU A CA  1 
ATOM   1213 C  C   . LEU A 1 149 ? 7.427   3.735   -7.956  1.00 25.28 ? 148 LEU A C   1 
ATOM   1214 O  O   . LEU A 1 149 ? 6.448   3.606   -8.707  1.00 26.32 ? 148 LEU A O   1 
ATOM   1215 C  CB  . LEU A 1 149 ? 7.231   2.545   -5.759  1.00 22.00 ? 148 LEU A CB  1 
ATOM   1216 C  CG  . LEU A 1 149 ? 7.441   1.248   -4.985  1.00 22.34 ? 148 LEU A CG  1 
ATOM   1217 C  CD1 . LEU A 1 149 ? 6.858   1.405   -3.584  1.00 24.47 ? 148 LEU A CD1 1 
ATOM   1218 C  CD2 . LEU A 1 149 ? 6.837   0.045   -5.624  1.00 25.08 ? 148 LEU A CD2 1 
ATOM   1219 N  N   . LYS A 1 150 ? 8.101   4.875   -7.834  1.00 26.57 ? 149 LYS A N   1 
ATOM   1220 C  CA  . LYS A 1 150 ? 7.675   6.062   -8.534  1.00 30.34 ? 149 LYS A CA  1 
ATOM   1221 C  C   . LYS A 1 150 ? 8.166   6.107   -9.981  1.00 30.66 ? 149 LYS A C   1 
ATOM   1222 O  O   . LYS A 1 150 ? 7.627   6.875   -10.769 1.00 32.14 ? 149 LYS A O   1 
ATOM   1223 C  CB  . LYS A 1 150 ? 7.985   7.332   -7.723  1.00 30.54 ? 149 LYS A CB  1 
ATOM   1224 C  CG  . LYS A 1 150 ? 9.335   7.887   -7.749  1.00 33.58 ? 149 LYS A CG  1 
ATOM   1225 C  CD  . LYS A 1 150 ? 9.339   9.215   -6.948  1.00 33.25 ? 149 LYS A CD  1 
ATOM   1226 N  N   . GLY A 1 151 ? 9.131   5.255   -10.338 1.00 31.43 ? 150 GLY A N   1 
ATOM   1227 C  CA  . GLY A 1 151 ? 9.749   5.224   -11.676 1.00 32.89 ? 150 GLY A CA  1 
ATOM   1228 C  C   . GLY A 1 151 ? 8.785   5.044   -12.835 1.00 34.96 ? 150 GLY A C   1 
ATOM   1229 O  O   . GLY A 1 151 ? 7.588   4.772   -12.634 1.00 36.03 ? 150 GLY A O   1 
ATOM   1230 O  OXT . GLY A 1 151 ? 9.185   5.197   -14.010 1.00 36.65 ? 150 GLY A OXT 1 
HETATM 1231 O  O1  . UNL B 2 .   ? 8.404   -1.122  4.707   1.00 33.00 ? 151 UNL A O1  1 
HETATM 1232 O  O2  . UNL B 2 .   ? 10.423  -0.319  5.822   1.00 30.49 ? 151 UNL A O2  1 
HETATM 1233 O  O3  . UNL B 2 .   ? 6.907   -2.151  3.677   1.00 25.74 ? 151 UNL A O3  1 
HETATM 1234 O  O4  . UNL B 2 .   ? 6.588   -4.600  2.118   1.00 27.79 ? 151 UNL A O4  1 
HETATM 1235 O  O5  . UNL B 2 .   ? 8.029   -7.015  2.604   1.00 36.62 ? 151 UNL A O5  1 
HETATM 1236 O  O6  . UNL B 2 .   ? 10.119  -5.668  4.463   1.00 57.36 ? 151 UNL A O6  1 
HETATM 1237 O  O7  . UNL B 2 .   ? 8.758   -3.402  4.206   1.00 37.23 ? 151 UNL A O7  1 
HETATM 1238 O  O8  . UNL B 2 .   ? 14.229  -2.824  6.073   1.00 41.53 ? 151 UNL A O8  1 
HETATM 1239 O  O9  . UNL B 2 .   ? 14.422  -5.289  4.915   1.00 45.69 ? 151 UNL A O9  1 
HETATM 1240 O  O10 . UNL B 2 .   ? 10.619  -2.382  5.456   1.00 60.80 ? 151 UNL A O10 1 
HETATM 1241 O  O11 . UNL B 2 .   ? 12.357  -4.346  5.052   1.00 48.62 ? 151 UNL A O11 1 
HETATM 1242 O  O   . HOH C 3 .   ? -1.923  -9.432  3.095   1.00 22.74 ? 152 HOH A O   1 
HETATM 1243 O  O   . HOH C 3 .   ? 16.169  2.956   -6.474  1.00 27.83 ? 153 HOH A O   1 
HETATM 1244 O  O   . HOH C 3 .   ? -11.598 9.312   -2.876  1.00 27.25 ? 154 HOH A O   1 
HETATM 1245 O  O   . HOH C 3 .   ? -10.140 12.834  0.444   1.00 26.98 ? 155 HOH A O   1 
HETATM 1246 O  O   . HOH C 3 .   ? 8.563   -7.873  -9.485  1.00 23.68 ? 156 HOH A O   1 
HETATM 1247 O  O   . HOH C 3 .   ? 12.242  -5.916  -11.064 1.00 26.12 ? 157 HOH A O   1 
HETATM 1248 O  O   . HOH C 3 .   ? -11.526 13.488  7.369   1.00 26.42 ? 158 HOH A O   1 
HETATM 1249 O  O   . HOH C 3 .   ? 12.074  7.361   -9.649  1.00 30.80 ? 159 HOH A O   1 
HETATM 1250 O  O   . HOH C 3 .   ? -1.913  6.951   4.192   1.00 31.71 ? 160 HOH A O   1 
HETATM 1251 O  O   . HOH C 3 .   ? -8.437  -8.993  -10.436 1.00 31.36 ? 161 HOH A O   1 
HETATM 1252 O  O   . HOH C 3 .   ? 15.404  -0.874  10.419  1.00 30.89 ? 162 HOH A O   1 
HETATM 1253 O  O   . HOH C 3 .   ? -12.724 8.987   -0.533  1.00 27.44 ? 163 HOH A O   1 
HETATM 1254 O  O   . HOH C 3 .   ? -8.287  -7.876  -0.596  1.00 27.71 ? 164 HOH A O   1 
HETATM 1255 O  O   . HOH C 3 .   ? -2.177  15.578  -4.200  1.00 40.65 ? 165 HOH A O   1 
HETATM 1256 O  O   . HOH C 3 .   ? -5.575  -11.558 -2.684  1.00 30.59 ? 166 HOH A O   1 
HETATM 1257 O  O   . HOH C 3 .   ? -13.261 -13.879 7.331   1.00 38.02 ? 167 HOH A O   1 
HETATM 1258 O  O   . HOH C 3 .   ? 11.210  -7.604  -9.134  1.00 24.88 ? 168 HOH A O   1 
HETATM 1259 O  O   . HOH C 3 .   ? 14.683  -3.931  16.351  1.00 33.03 ? 169 HOH A O   1 
HETATM 1260 O  O   . HOH C 3 .   ? 12.512  -11.922 -14.235 1.00 31.34 ? 170 HOH A O   1 
HETATM 1261 O  O   . HOH C 3 .   ? 4.145   -8.660  8.039   1.00 40.98 ? 171 HOH A O   1 
HETATM 1262 O  O   . HOH C 3 .   ? 4.502   -6.638  7.053   1.00 31.53 ? 172 HOH A O   1 
HETATM 1263 O  O   . HOH C 3 .   ? 8.787   -13.036 -6.497  1.00 40.22 ? 173 HOH A O   1 
HETATM 1264 O  O   . HOH C 3 .   ? 13.848  -0.146  5.054   1.00 29.74 ? 174 HOH A O   1 
HETATM 1265 O  O   . HOH C 3 .   ? 5.506   -11.697 4.040   1.00 42.69 ? 175 HOH A O   1 
HETATM 1266 O  O   . HOH C 3 .   ? 2.441   -12.894 -7.768  1.00 30.51 ? 176 HOH A O   1 
HETATM 1267 O  O   . HOH C 3 .   ? 11.171  1.709   -11.504 1.00 26.62 ? 177 HOH A O   1 
HETATM 1268 O  O   . HOH C 3 .   ? 8.015   -10.406 -10.165 1.00 32.47 ? 178 HOH A O   1 
HETATM 1269 O  O   . HOH C 3 .   ? 21.906  4.115   11.928  1.00 34.60 ? 179 HOH A O   1 
HETATM 1270 O  O   . HOH C 3 .   ? -16.169 13.400  11.732  1.00 32.11 ? 180 HOH A O   1 
HETATM 1271 O  O   . HOH C 3 .   ? -2.618  -0.856  -13.208 1.00 35.76 ? 181 HOH A O   1 
HETATM 1272 O  O   . HOH C 3 .   ? -7.918  -15.719 -10.367 1.00 50.56 ? 182 HOH A O   1 
HETATM 1273 O  O   . HOH C 3 .   ? 13.264  3.596   -11.358 1.00 36.87 ? 183 HOH A O   1 
HETATM 1274 O  O   . HOH C 3 .   ? 4.761   -17.290 -2.649  1.00 43.37 ? 184 HOH A O   1 
HETATM 1275 O  O   . HOH C 3 .   ? -4.045  -9.584  -12.912 1.00 39.09 ? 185 HOH A O   1 
HETATM 1276 O  O   . HOH C 3 .   ? 13.368  6.168   12.241  1.00 31.22 ? 186 HOH A O   1 
HETATM 1277 O  O   . HOH C 3 .   ? 1.341   -10.982 -12.273 1.00 33.08 ? 187 HOH A O   1 
HETATM 1278 O  O   . HOH C 3 .   ? 9.706   2.642   9.124   1.00 34.21 ? 188 HOH A O   1 
HETATM 1279 O  O   . HOH C 3 .   ? 12.128  5.880   6.012   1.00 34.72 ? 189 HOH A O   1 
HETATM 1280 O  O   . HOH C 3 .   ? -8.598  17.137  3.758   1.00 38.35 ? 190 HOH A O   1 
HETATM 1281 O  O   . HOH C 3 .   ? 5.689   7.590   10.731  1.00 38.87 ? 191 HOH A O   1 
HETATM 1282 O  O   . HOH C 3 .   ? 22.432  2.350   9.590   1.00 29.85 ? 192 HOH A O   1 
HETATM 1283 O  O   . HOH C 3 .   ? -2.567  -3.741  -13.089 1.00 46.21 ? 193 HOH A O   1 
HETATM 1284 O  O   . HOH C 3 .   ? -4.960  -16.368 -3.098  1.00 46.57 ? 194 HOH A O   1 
HETATM 1285 O  O   . HOH C 3 .   ? 7.052   -5.214  -16.095 1.00 37.39 ? 195 HOH A O   1 
HETATM 1286 O  O   . HOH C 3 .   ? 3.870   -0.978  -14.463 1.00 52.62 ? 196 HOH A O   1 
HETATM 1287 O  O   . HOH C 3 .   ? 13.493  7.174   4.082   1.00 35.50 ? 197 HOH A O   1 
HETATM 1288 O  O   . HOH C 3 .   ? 5.115   6.467   -0.687  1.00 37.40 ? 198 HOH A O   1 
HETATM 1289 O  O   . HOH C 3 .   ? -8.024  13.532  -6.995  1.00 35.89 ? 199 HOH A O   1 
HETATM 1290 O  O   . HOH C 3 .   ? -0.439  7.231   8.116   1.00 34.99 ? 200 HOH A O   1 
HETATM 1291 O  O   . HOH C 3 .   ? 2.582   -5.834  -15.130 1.00 41.32 ? 201 HOH A O   1 
HETATM 1292 O  O   . HOH C 3 .   ? 5.213   -14.404 3.606   1.00 50.03 ? 202 HOH A O   1 
HETATM 1293 O  O   . HOH C 3 .   ? -7.598  -16.018 3.313   1.00 42.25 ? 203 HOH A O   1 
HETATM 1294 O  O   . HOH C 3 .   ? 18.016  1.301   -7.196  1.00 37.49 ? 204 HOH A O   1 
HETATM 1295 O  O   . HOH C 3 .   ? -5.421  12.723  10.903  1.00 41.55 ? 205 HOH A O   1 
HETATM 1296 O  O   . HOH C 3 .   ? 0.810   -12.022 -9.709  1.00 33.83 ? 206 HOH A O   1 
HETATM 1297 O  O   . HOH C 3 .   ? -14.575 7.343   0.326   1.00 34.40 ? 207 HOH A O   1 
HETATM 1298 O  O   . HOH C 3 .   ? -17.179 5.845   1.853   1.00 36.32 ? 208 HOH A O   1 
HETATM 1299 O  O   . HOH C 3 .   ? 6.378   -11.816 -8.047  1.00 35.59 ? 209 HOH A O   1 
HETATM 1300 O  O   . HOH C 3 .   ? 19.557  7.713   5.989   1.00 36.69 ? 210 HOH A O   1 
HETATM 1301 O  O   . HOH C 3 .   ? -15.129 8.533   -7.678  1.00 35.34 ? 211 HOH A O   1 
HETATM 1302 O  O   . HOH C 3 .   ? -1.377  13.263  11.880  1.00 38.58 ? 212 HOH A O   1 
HETATM 1303 O  O   . HOH C 3 .   ? -1.303  -10.878 -9.171  1.00 36.60 ? 213 HOH A O   1 
HETATM 1304 O  O   . HOH C 3 .   ? -1.709  13.802  3.629   1.00 42.19 ? 214 HOH A O   1 
HETATM 1305 O  O   . HOH C 3 .   ? -18.948 11.919  11.050  1.00 36.87 ? 215 HOH A O   1 
HETATM 1306 O  O   . HOH C 3 .   ? 9.954   4.859   10.028  1.00 33.30 ? 216 HOH A O   1 
HETATM 1307 O  O   . HOH C 3 .   ? -0.149  9.753   16.820  0.50 40.56 ? 217 HOH A O   1 
HETATM 1308 O  O   . HOH C 3 .   ? 9.110   2.872   6.085   1.00 34.88 ? 218 HOH A O   1 
HETATM 1309 O  O   . HOH C 3 .   ? 1.156   12.012  17.593  0.50 36.23 ? 219 HOH A O   1 
HETATM 1310 O  O   . HOH C 3 .   ? -19.414 10.521  9.213   1.00 48.58 ? 220 HOH A O   1 
HETATM 1311 O  O   . HOH C 3 .   ? -0.945  13.767  9.450   1.00 55.02 ? 221 HOH A O   1 
HETATM 1312 O  O   . HOH C 3 .   ? 15.643  9.700   12.358  1.00 55.80 ? 222 HOH A O   1 
HETATM 1313 O  O   . HOH C 3 .   ? -8.930  -16.612 -1.939  1.00 66.86 ? 223 HOH A O   1 
HETATM 1314 O  O   . HOH C 3 .   ? 17.408  5.200   -5.756  1.00 35.78 ? 224 HOH A O   1 
HETATM 1315 O  O   . HOH C 3 .   ? -0.342  9.559   6.589   1.00 46.27 ? 225 HOH A O   1 
HETATM 1316 O  O   . HOH C 3 .   ? 18.879  0.675   -5.190  1.00 45.30 ? 226 HOH A O   1 
HETATM 1317 O  O   . HOH C 3 .   ? -16.385 11.167  -0.112  1.00 48.92 ? 227 HOH A O   1 
HETATM 1318 O  O   . HOH C 3 .   ? 9.073   9.547   1.590   1.00 67.02 ? 228 HOH A O   1 
HETATM 1319 O  O   . HOH C 3 .   ? 14.220  -10.179 0.083   1.00 40.75 ? 229 HOH A O   1 
HETATM 1320 O  O   . HOH C 3 .   ? 17.148  -10.092 -0.641  1.00 36.11 ? 230 HOH A O   1 
HETATM 1321 O  O   . HOH C 3 .   ? -3.146  -18.870 -2.728  1.00 47.34 ? 231 HOH A O   1 
HETATM 1322 O  O   . HOH C 3 .   ? -1.627  -18.178 -0.767  1.00 52.80 ? 232 HOH A O   1 
HETATM 1323 O  O   . HOH C 3 .   ? 1.338   -18.558 -0.203  1.00 48.37 ? 233 HOH A O   1 
HETATM 1324 O  O   . HOH C 3 .   ? -12.447 -1.049  -0.197  1.00 41.72 ? 234 HOH A O   1 
HETATM 1325 O  O   . HOH C 3 .   ? 10.089  -7.212  -17.642 1.00 45.76 ? 235 HOH A O   1 
HETATM 1326 O  O   . HOH C 3 .   ? 11.737  0.290   -15.360 1.00 38.76 ? 236 HOH A O   1 
HETATM 1327 O  O   . HOH C 3 .   ? 1.289   2.704   -14.149 1.00 42.30 ? 237 HOH A O   1 
HETATM 1328 O  O   . HOH C 3 .   ? 6.318   4.097   -14.800 1.00 55.09 ? 238 HOH A O   1 
HETATM 1329 O  O   . HOH C 3 .   ? -19.110 8.454   17.703  1.00 44.41 ? 239 HOH A O   1 
HETATM 1330 O  O   . HOH C 3 .   ? -7.483  14.132  19.549  1.00 48.19 ? 240 HOH A O   1 
HETATM 1331 O  O   . HOH C 3 .   ? 15.173  4.149   -9.278  1.00 39.19 ? 241 HOH A O   1 
HETATM 1332 O  O   . HOH C 3 .   ? -12.369 11.684  0.274   1.00 41.98 ? 242 HOH A O   1 
HETATM 1333 O  O   . HOH C 3 .   ? -12.630 13.980  5.271   1.00 40.55 ? 243 HOH A O   1 
HETATM 1334 O  O   . HOH C 3 .   ? -10.795 -9.717  -9.829  1.00 49.56 ? 244 HOH A O   1 
HETATM 1335 O  O   . HOH C 3 .   ? 12.135  6.085   9.122   1.00 47.35 ? 245 HOH A O   1 
HETATM 1336 O  O   . HOH C 3 .   ? 14.842  9.390   4.472   1.00 50.62 ? 246 HOH A O   1 
HETATM 1337 O  O   . HOH C 3 .   ? -7.452  17.932  5.742   1.00 37.82 ? 247 HOH A O   1 
HETATM 1338 O  O   . HOH C 3 .   ? 4.402   6.096   8.787   1.00 40.74 ? 248 HOH A O   1 
HETATM 1339 O  O   . HOH C 3 .   ? 1.811   6.724   9.089   1.00 42.31 ? 249 HOH A O   1 
HETATM 1340 O  O   . HOH C 3 .   ? 0.883   11.784  14.079  1.00 43.92 ? 250 HOH A O   1 
HETATM 1341 O  O   . HOH C 3 .   ? -0.070  13.989  14.934  1.00 48.83 ? 251 HOH A O   1 
HETATM 1342 O  O   . HOH C 3 .   ? 0.786   13.438  4.006   1.00 43.45 ? 252 HOH A O   1 
HETATM 1343 O  O   . HOH C 3 .   ? -9.177  -15.739 -7.870  1.00 52.42 ? 253 HOH A O   1 
HETATM 1344 O  O   . HOH C 3 .   ? -9.726  -13.724 -9.483  1.00 58.79 ? 254 HOH A O   1 
HETATM 1345 O  O   . HOH C 3 .   ? -17.785 2.418   4.882   1.00 42.27 ? 255 HOH A O   1 
HETATM 1346 O  O   . HOH C 3 .   ? -1.853  5.384   6.402   1.00 20.20 ? 256 HOH A O   1 
HETATM 1347 O  O   . HOH C 3 .   ? -13.387 -2.142  2.463   1.00 49.38 ? 257 HOH A O   1 
HETATM 1348 O  O   . HOH C 3 .   ? -6.113  10.175  9.313   1.00 23.49 ? 258 HOH A O   1 
# 
